data_1D70
# 
_entry.id   1D70 
# 
_audit_conform.dict_name       mmcif_pdbx.dic 
_audit_conform.dict_version    5.392 
_audit_conform.dict_location   http://mmcif.pdb.org/dictionaries/ascii/mmcif_pdbx.dic 
# 
loop_
_database_2.database_id 
_database_2.database_code 
_database_2.pdbx_database_accession 
_database_2.pdbx_DOI 
PDB   1D70         pdb_00001d70 10.2210/pdb1d70/pdb 
WWPDB D_1000172671 ?            ?                   
# 
loop_
_pdbx_audit_revision_history.ordinal 
_pdbx_audit_revision_history.data_content_type 
_pdbx_audit_revision_history.major_revision 
_pdbx_audit_revision_history.minor_revision 
_pdbx_audit_revision_history.revision_date 
1 'Structure model' 1 0 1993-04-15 
2 'Structure model' 1 1 2008-03-24 
3 'Structure model' 1 2 2011-07-13 
4 'Structure model' 1 3 2022-02-16 
5 'Structure model' 1 4 2024-05-22 
# 
_pdbx_audit_revision_details.ordinal             1 
_pdbx_audit_revision_details.revision_ordinal    1 
_pdbx_audit_revision_details.data_content_type   'Structure model' 
_pdbx_audit_revision_details.provider            repository 
_pdbx_audit_revision_details.type                'Initial release' 
_pdbx_audit_revision_details.description         ? 
_pdbx_audit_revision_details.details             ? 
# 
loop_
_pdbx_audit_revision_group.ordinal 
_pdbx_audit_revision_group.revision_ordinal 
_pdbx_audit_revision_group.data_content_type 
_pdbx_audit_revision_group.group 
1 2 'Structure model' 'Version format compliance' 
2 3 'Structure model' 'Version format compliance' 
3 4 'Structure model' 'Database references'       
4 4 'Structure model' 'Derived calculations'      
5 4 'Structure model' Other                       
6 5 'Structure model' 'Data collection'           
# 
loop_
_pdbx_audit_revision_category.ordinal 
_pdbx_audit_revision_category.revision_ordinal 
_pdbx_audit_revision_category.data_content_type 
_pdbx_audit_revision_category.category 
1 4 'Structure model' database_2            
2 4 'Structure model' pdbx_database_status  
3 4 'Structure model' pdbx_struct_assembly  
4 4 'Structure model' pdbx_struct_oper_list 
5 5 'Structure model' chem_comp_atom        
6 5 'Structure model' chem_comp_bond        
# 
loop_
_pdbx_audit_revision_item.ordinal 
_pdbx_audit_revision_item.revision_ordinal 
_pdbx_audit_revision_item.data_content_type 
_pdbx_audit_revision_item.item 
1 4 'Structure model' '_database_2.pdbx_DOI'                
2 4 'Structure model' '_database_2.pdbx_database_accession' 
3 4 'Structure model' '_pdbx_database_status.process_site'  
# 
_pdbx_database_status.status_code                     REL 
_pdbx_database_status.entry_id                        1D70 
_pdbx_database_status.recvd_initial_deposition_date   1992-04-15 
_pdbx_database_status.deposit_site                    ? 
_pdbx_database_status.process_site                    BNL 
_pdbx_database_status.status_code_sf                  ? 
_pdbx_database_status.status_code_mr                  REL 
_pdbx_database_status.SG_entry                        ? 
_pdbx_database_status.pdb_format_compatible           Y 
_pdbx_database_status.status_code_cs                  ? 
_pdbx_database_status.status_code_nmr_data            ? 
_pdbx_database_status.methods_development_category    ? 
# 
loop_
_audit_author.name 
_audit_author.pdbx_ordinal 
'Schmitz, U.' 1 
'James, T.L.' 2 
# 
_citation.id                        primary 
_citation.title                     
;Solution structure of a DNA octamer containing the Pribnow box via restrained molecular dynamics simulation with distance and torsion angle constraints derived from two-dimensional nuclear magnetic resonance spectral fitting.
;
_citation.journal_abbrev            J.Mol.Biol. 
_citation.journal_volume            227 
_citation.page_first                510 
_citation.page_last                 531 
_citation.year                      1992 
_citation.journal_id_ASTM           JMOBAK 
_citation.country                   UK 
_citation.journal_id_ISSN           0022-2836 
_citation.journal_id_CSD            0070 
_citation.book_publisher            ? 
_citation.pdbx_database_id_PubMed   1404366 
_citation.pdbx_database_id_DOI      '10.1016/0022-2836(92)90904-X' 
# 
loop_
_citation_author.citation_id 
_citation_author.name 
_citation_author.ordinal 
_citation_author.identifier_ORCID 
primary 'Schmitz, U.' 1 ? 
primary 'Sethson, I.' 2 ? 
primary 'Egan, W.M.'  3 ? 
primary 'James, T.L.' 4 ? 
# 
loop_
_entity.id 
_entity.type 
_entity.src_method 
_entity.pdbx_description 
_entity.formula_weight 
_entity.pdbx_number_of_molecules 
_entity.pdbx_ec 
_entity.pdbx_mutation 
_entity.pdbx_fragment 
_entity.details 
1 polymer syn 
;DNA (5'-D(*GP*TP*AP*TP*AP*AP*TP*G)-3')
;
2465.653 1 ? ? ? ? 
2 polymer syn 
;DNA (5'-D(*CP*AP*TP*TP*AP*TP*AP*C)-3')
;
2385.605 1 ? ? ? ? 
# 
loop_
_entity_poly.entity_id 
_entity_poly.type 
_entity_poly.nstd_linkage 
_entity_poly.nstd_monomer 
_entity_poly.pdbx_seq_one_letter_code 
_entity_poly.pdbx_seq_one_letter_code_can 
_entity_poly.pdbx_strand_id 
_entity_poly.pdbx_target_identifier 
1 polydeoxyribonucleotide no no '(DG)(DT)(DA)(DT)(DA)(DA)(DT)(DG)' GTATAATG A ? 
2 polydeoxyribonucleotide no no '(DC)(DA)(DT)(DT)(DA)(DT)(DA)(DC)' CATTATAC B ? 
# 
loop_
_entity_poly_seq.entity_id 
_entity_poly_seq.num 
_entity_poly_seq.mon_id 
_entity_poly_seq.hetero 
1 1 DG n 
1 2 DT n 
1 3 DA n 
1 4 DT n 
1 5 DA n 
1 6 DA n 
1 7 DT n 
1 8 DG n 
2 1 DC n 
2 2 DA n 
2 3 DT n 
2 4 DT n 
2 5 DA n 
2 6 DT n 
2 7 DA n 
2 8 DC n 
# 
loop_
_chem_comp.id 
_chem_comp.type 
_chem_comp.mon_nstd_flag 
_chem_comp.name 
_chem_comp.pdbx_synonyms 
_chem_comp.formula 
_chem_comp.formula_weight 
DA 'DNA linking' y "2'-DEOXYADENOSINE-5'-MONOPHOSPHATE" ? 'C10 H14 N5 O6 P' 331.222 
DC 'DNA linking' y "2'-DEOXYCYTIDINE-5'-MONOPHOSPHATE"  ? 'C9 H14 N3 O7 P'  307.197 
DG 'DNA linking' y "2'-DEOXYGUANOSINE-5'-MONOPHOSPHATE" ? 'C10 H14 N5 O7 P' 347.221 
DT 'DNA linking' y "THYMIDINE-5'-MONOPHOSPHATE"         ? 'C10 H15 N2 O8 P' 322.208 
# 
loop_
_pdbx_poly_seq_scheme.asym_id 
_pdbx_poly_seq_scheme.entity_id 
_pdbx_poly_seq_scheme.seq_id 
_pdbx_poly_seq_scheme.mon_id 
_pdbx_poly_seq_scheme.ndb_seq_num 
_pdbx_poly_seq_scheme.pdb_seq_num 
_pdbx_poly_seq_scheme.auth_seq_num 
_pdbx_poly_seq_scheme.pdb_mon_id 
_pdbx_poly_seq_scheme.auth_mon_id 
_pdbx_poly_seq_scheme.pdb_strand_id 
_pdbx_poly_seq_scheme.pdb_ins_code 
_pdbx_poly_seq_scheme.hetero 
A 1 1 DG 1 1  1  DG G A . n 
A 1 2 DT 2 2  2  DT T A . n 
A 1 3 DA 3 3  3  DA A A . n 
A 1 4 DT 4 4  4  DT T A . n 
A 1 5 DA 5 5  5  DA A A . n 
A 1 6 DA 6 6  6  DA A A . n 
A 1 7 DT 7 7  7  DT T A . n 
A 1 8 DG 8 8  8  DG G A . n 
B 2 1 DC 1 9  9  DC C B . n 
B 2 2 DA 2 10 10 DA A B . n 
B 2 3 DT 3 11 11 DT T B . n 
B 2 4 DT 4 12 12 DT T B . n 
B 2 5 DA 5 13 13 DA A B . n 
B 2 6 DT 6 14 14 DT T B . n 
B 2 7 DA 7 15 15 DA A B . n 
B 2 8 DC 8 16 16 DC C B . n 
# 
_software.name             AMBER 
_software.classification   refinement 
_software.version          . 
_software.citation_id      ? 
_software.pdbx_ordinal     1 
# 
_cell.entry_id           1D70 
_cell.length_a           1.000 
_cell.length_b           1.000 
_cell.length_c           1.000 
_cell.angle_alpha        90.00 
_cell.angle_beta         90.00 
_cell.angle_gamma        90.00 
_cell.Z_PDB              1 
_cell.pdbx_unique_axis   ? 
# 
_symmetry.entry_id                         1D70 
_symmetry.space_group_name_H-M             'P 1' 
_symmetry.pdbx_full_space_group_name_H-M   ? 
_symmetry.cell_setting                     ? 
_symmetry.Int_Tables_number                1 
# 
_exptl.entry_id          1D70 
_exptl.method            'SOLUTION NMR' 
_exptl.crystals_number   ? 
# 
_struct.entry_id                  1D70 
_struct.title                     
;SOLUTION STRUCTURE OF A DNA OCTAMER CONTAINING THE PRIBNOW BOX VIA RESTRAINED MOLECULAR DYNAMICS SIMULATION WITH DISTANCE AND TORSION ANGLE CONSTRAINTS DERIVED FROM TWO-DIMENSIONAL NUCLEAR MAGNETIC RESONANCE SPECTRAL FITTING
;
_struct.pdbx_model_details        ? 
_struct.pdbx_CASP_flag            ? 
_struct.pdbx_model_type_details   ? 
# 
_struct_keywords.entry_id        1D70 
_struct_keywords.pdbx_keywords   DNA 
_struct_keywords.text            DNA 
# 
loop_
_struct_asym.id 
_struct_asym.pdbx_blank_PDB_chainid_flag 
_struct_asym.pdbx_modified 
_struct_asym.entity_id 
_struct_asym.details 
A N N 1 ? 
B N N 2 ? 
# 
loop_
_struct_ref.id 
_struct_ref.entity_id 
_struct_ref.db_name 
_struct_ref.db_code 
_struct_ref.pdbx_db_accession 
_struct_ref.pdbx_db_isoform 
_struct_ref.pdbx_seq_one_letter_code 
_struct_ref.pdbx_align_begin 
1 1 PDB 1D70 1D70 ? ? ? 
2 2 PDB 1D70 1D70 ? ? ? 
# 
loop_
_struct_ref_seq.align_id 
_struct_ref_seq.ref_id 
_struct_ref_seq.pdbx_PDB_id_code 
_struct_ref_seq.pdbx_strand_id 
_struct_ref_seq.seq_align_beg 
_struct_ref_seq.pdbx_seq_align_beg_ins_code 
_struct_ref_seq.seq_align_end 
_struct_ref_seq.pdbx_seq_align_end_ins_code 
_struct_ref_seq.pdbx_db_accession 
_struct_ref_seq.db_align_beg 
_struct_ref_seq.pdbx_db_align_beg_ins_code 
_struct_ref_seq.db_align_end 
_struct_ref_seq.pdbx_db_align_end_ins_code 
_struct_ref_seq.pdbx_auth_seq_align_beg 
_struct_ref_seq.pdbx_auth_seq_align_end 
1 1 1D70 A 1 ? 8 ? 1D70 1 ? 8  ? 1 8  
2 2 1D70 B 1 ? 8 ? 1D70 9 ? 16 ? 9 16 
# 
_pdbx_struct_assembly.id                   1 
_pdbx_struct_assembly.details              author_defined_assembly 
_pdbx_struct_assembly.method_details       ? 
_pdbx_struct_assembly.oligomeric_details   dimeric 
_pdbx_struct_assembly.oligomeric_count     2 
# 
_pdbx_struct_assembly_gen.assembly_id       1 
_pdbx_struct_assembly_gen.oper_expression   1 
_pdbx_struct_assembly_gen.asym_id_list      A,B 
# 
_pdbx_struct_oper_list.id                   1 
_pdbx_struct_oper_list.type                 'identity operation' 
_pdbx_struct_oper_list.name                 1_555 
_pdbx_struct_oper_list.symmetry_operation   x,y,z 
_pdbx_struct_oper_list.matrix[1][1]         1.0000000000 
_pdbx_struct_oper_list.matrix[1][2]         0.0000000000 
_pdbx_struct_oper_list.matrix[1][3]         0.0000000000 
_pdbx_struct_oper_list.vector[1]            0.0000000000 
_pdbx_struct_oper_list.matrix[2][1]         0.0000000000 
_pdbx_struct_oper_list.matrix[2][2]         1.0000000000 
_pdbx_struct_oper_list.matrix[2][3]         0.0000000000 
_pdbx_struct_oper_list.vector[2]            0.0000000000 
_pdbx_struct_oper_list.matrix[3][1]         0.0000000000 
_pdbx_struct_oper_list.matrix[3][2]         0.0000000000 
_pdbx_struct_oper_list.matrix[3][3]         1.0000000000 
_pdbx_struct_oper_list.vector[3]            0.0000000000 
# 
_struct_biol.id   1 
# 
loop_
_struct_conn.id 
_struct_conn.conn_type_id 
_struct_conn.pdbx_leaving_atom_flag 
_struct_conn.pdbx_PDB_id 
_struct_conn.ptnr1_label_asym_id 
_struct_conn.ptnr1_label_comp_id 
_struct_conn.ptnr1_label_seq_id 
_struct_conn.ptnr1_label_atom_id 
_struct_conn.pdbx_ptnr1_label_alt_id 
_struct_conn.pdbx_ptnr1_PDB_ins_code 
_struct_conn.pdbx_ptnr1_standard_comp_id 
_struct_conn.ptnr1_symmetry 
_struct_conn.ptnr2_label_asym_id 
_struct_conn.ptnr2_label_comp_id 
_struct_conn.ptnr2_label_seq_id 
_struct_conn.ptnr2_label_atom_id 
_struct_conn.pdbx_ptnr2_label_alt_id 
_struct_conn.pdbx_ptnr2_PDB_ins_code 
_struct_conn.ptnr1_auth_asym_id 
_struct_conn.ptnr1_auth_comp_id 
_struct_conn.ptnr1_auth_seq_id 
_struct_conn.ptnr2_auth_asym_id 
_struct_conn.ptnr2_auth_comp_id 
_struct_conn.ptnr2_auth_seq_id 
_struct_conn.ptnr2_symmetry 
_struct_conn.pdbx_ptnr3_label_atom_id 
_struct_conn.pdbx_ptnr3_label_seq_id 
_struct_conn.pdbx_ptnr3_label_comp_id 
_struct_conn.pdbx_ptnr3_label_asym_id 
_struct_conn.pdbx_ptnr3_label_alt_id 
_struct_conn.pdbx_ptnr3_PDB_ins_code 
_struct_conn.details 
_struct_conn.pdbx_dist_value 
_struct_conn.pdbx_value_order 
_struct_conn.pdbx_role 
hydrog1  hydrog ? ? A DG 1 N1 ? ? ? 1_555 B DC 8 N3 ? ? A DG 1 B DC 16 1_555 ? ? ? ? ? ? WATSON-CRICK    ? ? ? 
hydrog2  hydrog ? ? A DG 1 N2 ? ? ? 1_555 B DC 8 O2 ? ? A DG 1 B DC 16 1_555 ? ? ? ? ? ? WATSON-CRICK    ? ? ? 
hydrog3  hydrog ? ? A DG 1 O6 ? ? ? 1_555 B DC 8 N4 ? ? A DG 1 B DC 16 1_555 ? ? ? ? ? ? WATSON-CRICK    ? ? ? 
hydrog4  hydrog ? ? A DT 2 N3 ? ? ? 1_555 B DA 7 N1 ? ? A DT 2 B DA 15 1_555 ? ? ? ? ? ? WATSON-CRICK    ? ? ? 
hydrog5  hydrog ? ? A DT 2 O4 ? ? ? 1_555 B DA 7 N6 ? ? A DT 2 B DA 15 1_555 ? ? ? ? ? ? WATSON-CRICK    ? ? ? 
hydrog6  hydrog ? ? A DA 3 N1 ? ? ? 1_555 B DT 6 N3 ? ? A DA 3 B DT 14 1_555 ? ? ? ? ? ? WATSON-CRICK    ? ? ? 
hydrog7  hydrog ? ? A DA 3 N6 ? ? ? 1_555 B DT 6 O4 ? ? A DA 3 B DT 14 1_555 ? ? ? ? ? ? WATSON-CRICK    ? ? ? 
hydrog8  hydrog ? ? A DT 4 N3 ? ? ? 1_555 B DA 5 N1 ? ? A DT 4 B DA 13 1_555 ? ? ? ? ? ? WATSON-CRICK    ? ? ? 
hydrog9  hydrog ? ? A DT 4 O4 ? ? ? 1_555 B DA 5 N6 ? ? A DT 4 B DA 13 1_555 ? ? ? ? ? ? WATSON-CRICK    ? ? ? 
hydrog10 hydrog ? ? A DA 5 N6 ? ? ? 1_555 B DT 3 O4 ? ? A DA 5 B DT 11 1_555 ? ? ? ? ? ? 'DA-DT PAIR'    ? ? ? 
hydrog11 hydrog ? ? A DA 5 N1 ? ? ? 1_555 B DT 4 N3 ? ? A DA 5 B DT 12 1_555 ? ? ? ? ? ? WATSON-CRICK    ? ? ? 
hydrog12 hydrog ? ? A DA 5 N6 ? ? ? 1_555 B DT 4 O4 ? ? A DA 5 B DT 12 1_555 ? ? ? ? ? ? WATSON-CRICK    ? ? ? 
hydrog13 hydrog ? ? A DA 6 N6 ? ? ? 1_555 B DA 2 N1 ? ? A DA 6 B DA 10 1_555 ? ? ? ? ? ? 'DA-DA MISPAIR' ? ? ? 
hydrog14 hydrog ? ? A DA 6 N1 ? ? ? 1_555 B DT 3 N3 ? ? A DA 6 B DT 11 1_555 ? ? ? ? ? ? WATSON-CRICK    ? ? ? 
hydrog15 hydrog ? ? A DA 6 N6 ? ? ? 1_555 B DT 3 O4 ? ? A DA 6 B DT 11 1_555 ? ? ? ? ? ? WATSON-CRICK    ? ? ? 
hydrog16 hydrog ? ? A DT 7 N3 ? ? ? 1_555 B DA 2 N1 ? ? A DT 7 B DA 10 1_555 ? ? ? ? ? ? WATSON-CRICK    ? ? ? 
hydrog17 hydrog ? ? A DT 7 O4 ? ? ? 1_555 B DA 2 N6 ? ? A DT 7 B DA 10 1_555 ? ? ? ? ? ? WATSON-CRICK    ? ? ? 
hydrog18 hydrog ? ? A DG 8 N1 ? ? ? 1_555 B DC 1 N3 ? ? A DG 8 B DC 9  1_555 ? ? ? ? ? ? WATSON-CRICK    ? ? ? 
hydrog19 hydrog ? ? A DG 8 N2 ? ? ? 1_555 B DC 1 O2 ? ? A DG 8 B DC 9  1_555 ? ? ? ? ? ? WATSON-CRICK    ? ? ? 
hydrog20 hydrog ? ? A DG 8 O6 ? ? ? 1_555 B DC 1 N4 ? ? A DG 8 B DC 9  1_555 ? ? ? ? ? ? WATSON-CRICK    ? ? ? 
# 
_struct_conn_type.id          hydrog 
_struct_conn_type.criteria    ? 
_struct_conn_type.reference   ? 
# 
loop_
_pdbx_validate_rmsd_angle.id 
_pdbx_validate_rmsd_angle.PDB_model_num 
_pdbx_validate_rmsd_angle.auth_atom_id_1 
_pdbx_validate_rmsd_angle.auth_asym_id_1 
_pdbx_validate_rmsd_angle.auth_comp_id_1 
_pdbx_validate_rmsd_angle.auth_seq_id_1 
_pdbx_validate_rmsd_angle.PDB_ins_code_1 
_pdbx_validate_rmsd_angle.label_alt_id_1 
_pdbx_validate_rmsd_angle.auth_atom_id_2 
_pdbx_validate_rmsd_angle.auth_asym_id_2 
_pdbx_validate_rmsd_angle.auth_comp_id_2 
_pdbx_validate_rmsd_angle.auth_seq_id_2 
_pdbx_validate_rmsd_angle.PDB_ins_code_2 
_pdbx_validate_rmsd_angle.label_alt_id_2 
_pdbx_validate_rmsd_angle.auth_atom_id_3 
_pdbx_validate_rmsd_angle.auth_asym_id_3 
_pdbx_validate_rmsd_angle.auth_comp_id_3 
_pdbx_validate_rmsd_angle.auth_seq_id_3 
_pdbx_validate_rmsd_angle.PDB_ins_code_3 
_pdbx_validate_rmsd_angle.label_alt_id_3 
_pdbx_validate_rmsd_angle.angle_value 
_pdbx_validate_rmsd_angle.angle_target_value 
_pdbx_validate_rmsd_angle.angle_deviation 
_pdbx_validate_rmsd_angle.angle_standard_deviation 
_pdbx_validate_rmsd_angle.linker_flag 
1  1 "O4'" A DG 1  ? ? "C1'" A DG 1  ? ? N9    A DG 1  ? ? 110.61 108.30 2.31  0.30 N 
2  1 "C5'" A DT 2  ? ? "C4'" A DT 2  ? ? "C3'" A DT 2  ? ? 123.88 115.70 8.18  1.20 N 
3  1 N1    A DT 2  ? ? "C1'" A DT 2  ? ? "C2'" A DT 2  ? ? 126.43 114.30 12.13 1.40 N 
4  1 "O4'" A DT 2  ? ? "C1'" A DT 2  ? ? N1    A DT 2  ? ? 100.24 108.00 -7.76 0.70 N 
5  1 C6    A DT 2  ? ? N1    A DT 2  ? ? C2    A DT 2  ? ? 118.14 121.30 -3.16 0.50 N 
6  1 C6    A DT 2  ? ? C5    A DT 2  ? ? C7    A DT 2  ? ? 118.02 122.90 -4.88 0.60 N 
7  1 "O4'" A DT 4  ? ? "C1'" A DT 4  ? ? N1    A DT 4  ? ? 110.78 108.30 2.48  0.30 N 
8  1 "O4'" A DA 6  ? ? "C1'" A DA 6  ? ? N9    A DA 6  ? ? 112.24 108.30 3.94  0.30 N 
9  1 "O4'" A DT 7  ? ? "C1'" A DT 7  ? ? N1    A DT 7  ? ? 114.04 108.30 5.74  0.30 N 
10 1 "O4'" A DG 8  ? ? "C1'" A DG 8  ? ? N9    A DG 8  ? ? 110.87 108.30 2.57  0.30 N 
11 1 "O4'" B DC 9  ? ? "C1'" B DC 9  ? ? N1    B DC 9  ? ? 111.69 108.30 3.39  0.30 N 
12 1 "O4'" B DT 11 ? ? "C1'" B DT 11 ? ? N1    B DT 11 ? ? 112.08 108.30 3.78  0.30 N 
13 1 "O4'" B DT 12 ? ? "C1'" B DT 12 ? ? N1    B DT 12 ? ? 112.30 108.30 4.00  0.30 N 
14 1 C6    B DT 12 ? ? C5    B DT 12 ? ? C7    B DT 12 ? ? 118.06 122.90 -4.84 0.60 N 
15 1 "O4'" B DA 13 ? ? "C1'" B DA 13 ? ? N9    B DA 13 ? ? 110.48 108.30 2.18  0.30 N 
16 1 "O4'" B DT 14 ? ? "C1'" B DT 14 ? ? N1    B DT 14 ? ? 111.32 108.30 3.02  0.30 N 
17 1 "O4'" B DA 15 ? ? "C1'" B DA 15 ? ? N9    B DA 15 ? ? 112.00 108.30 3.70  0.30 N 
18 2 "O4'" A DG 1  ? ? "C1'" A DG 1  ? ? N9    A DG 1  ? ? 111.08 108.30 2.78  0.30 N 
19 2 "O4'" A DT 4  ? ? "C1'" A DT 4  ? ? N1    A DT 4  ? ? 110.64 108.30 2.34  0.30 N 
20 2 "O4'" A DA 6  ? ? "C1'" A DA 6  ? ? N9    A DA 6  ? ? 111.45 108.30 3.15  0.30 N 
21 2 "O4'" A DT 7  ? ? "C1'" A DT 7  ? ? N1    A DT 7  ? ? 112.64 108.30 4.34  0.30 N 
22 2 C6    A DT 7  ? ? C5    A DT 7  ? ? C7    A DT 7  ? ? 119.23 122.90 -3.67 0.60 N 
23 2 "O4'" A DG 8  ? ? "C1'" A DG 8  ? ? N9    A DG 8  ? ? 110.81 108.30 2.51  0.30 N 
24 2 "O4'" B DC 9  ? ? "C1'" B DC 9  ? ? N1    B DC 9  ? ? 111.26 108.30 2.96  0.30 N 
25 2 "O4'" B DT 11 ? ? "C1'" B DT 11 ? ? N1    B DT 11 ? ? 112.61 108.30 4.31  0.30 N 
26 2 "O4'" B DT 12 ? ? "C1'" B DT 12 ? ? N1    B DT 12 ? ? 112.58 108.30 4.28  0.30 N 
27 2 C6    B DT 12 ? ? C5    B DT 12 ? ? C7    B DT 12 ? ? 118.27 122.90 -4.63 0.60 N 
28 2 "O4'" B DT 14 ? ? "C1'" B DT 14 ? ? N1    B DT 14 ? ? 112.25 108.30 3.95  0.30 N 
29 2 "O4'" B DA 15 ? ? "C1'" B DA 15 ? ? N9    B DA 15 ? ? 112.76 108.30 4.46  0.30 N 
30 3 "O4'" A DG 1  ? ? "C1'" A DG 1  ? ? N9    A DG 1  ? ? 111.66 108.30 3.36  0.30 N 
31 3 "O4'" A DT 2  ? ? "C1'" A DT 2  ? ? N1    A DT 2  ? ? 110.28 108.30 1.98  0.30 N 
32 3 "O4'" A DT 4  ? ? "C1'" A DT 4  ? ? N1    A DT 4  ? ? 110.70 108.30 2.40  0.30 N 
33 3 "O4'" A DA 6  ? ? "C1'" A DA 6  ? ? N9    A DA 6  ? ? 111.54 108.30 3.24  0.30 N 
34 3 "O4'" A DT 7  ? ? "C1'" A DT 7  ? ? N1    A DT 7  ? ? 113.25 108.30 4.95  0.30 N 
35 3 C6    A DT 7  ? ? C5    A DT 7  ? ? C7    A DT 7  ? ? 118.95 122.90 -3.95 0.60 N 
36 3 "O4'" A DG 8  ? ? "C1'" A DG 8  ? ? N9    A DG 8  ? ? 110.49 108.30 2.19  0.30 N 
37 3 "O4'" B DC 9  ? ? "C1'" B DC 9  ? ? N1    B DC 9  ? ? 111.40 108.30 3.10  0.30 N 
38 3 "O4'" B DT 11 ? ? "C1'" B DT 11 ? ? N1    B DT 11 ? ? 112.66 108.30 4.36  0.30 N 
39 3 "O4'" B DT 12 ? ? "C1'" B DT 12 ? ? N1    B DT 12 ? ? 112.53 108.30 4.23  0.30 N 
40 3 C6    B DT 12 ? ? C5    B DT 12 ? ? C7    B DT 12 ? ? 118.42 122.90 -4.48 0.60 N 
41 3 "O4'" B DT 14 ? ? "C1'" B DT 14 ? ? N1    B DT 14 ? ? 112.13 108.30 3.83  0.30 N 
42 3 "O4'" B DA 15 ? ? "C1'" B DA 15 ? ? N9    B DA 15 ? ? 111.62 108.30 3.32  0.30 N 
43 4 "O4'" A DG 1  ? ? "C1'" A DG 1  ? ? N9    A DG 1  ? ? 111.99 108.30 3.69  0.30 N 
44 4 "O4'" A DT 4  ? ? "C1'" A DT 4  ? ? N1    A DT 4  ? ? 111.00 108.30 2.70  0.30 N 
45 4 "O4'" A DA 6  ? ? "C1'" A DA 6  ? ? N9    A DA 6  ? ? 111.41 108.30 3.11  0.30 N 
46 4 "O4'" A DT 7  ? ? "C1'" A DT 7  ? ? N1    A DT 7  ? ? 113.81 108.30 5.51  0.30 N 
47 4 "O4'" A DG 8  ? ? "C1'" A DG 8  ? ? N9    A DG 8  ? ? 111.10 108.30 2.80  0.30 N 
48 4 "O4'" B DC 9  ? ? "C1'" B DC 9  ? ? N1    B DC 9  ? ? 111.52 108.30 3.22  0.30 N 
49 4 "O4'" B DT 11 ? ? "C1'" B DT 11 ? ? N1    B DT 11 ? ? 112.77 108.30 4.47  0.30 N 
50 4 "O4'" B DT 12 ? ? "C1'" B DT 12 ? ? N1    B DT 12 ? ? 112.78 108.30 4.48  0.30 N 
51 4 C6    B DT 12 ? ? C5    B DT 12 ? ? C7    B DT 12 ? ? 118.05 122.90 -4.85 0.60 N 
52 4 "O4'" B DT 14 ? ? "C1'" B DT 14 ? ? N1    B DT 14 ? ? 111.99 108.30 3.69  0.30 N 
53 4 "O4'" B DA 15 ? ? "C1'" B DA 15 ? ? N9    B DA 15 ? ? 112.57 108.30 4.27  0.30 N 
# 
_pdbx_validate_chiral.id              1 
_pdbx_validate_chiral.PDB_model_num   1 
_pdbx_validate_chiral.auth_atom_id    "C1'" 
_pdbx_validate_chiral.label_alt_id    ? 
_pdbx_validate_chiral.auth_asym_id    A 
_pdbx_validate_chiral.auth_comp_id    DT 
_pdbx_validate_chiral.auth_seq_id     2 
_pdbx_validate_chiral.PDB_ins_code    ? 
_pdbx_validate_chiral.details         'WRONG HAND' 
_pdbx_validate_chiral.omega           . 
# 
loop_
_pdbx_validate_planes.id 
_pdbx_validate_planes.PDB_model_num 
_pdbx_validate_planes.auth_comp_id 
_pdbx_validate_planes.auth_asym_id 
_pdbx_validate_planes.auth_seq_id 
_pdbx_validate_planes.PDB_ins_code 
_pdbx_validate_planes.label_alt_id 
_pdbx_validate_planes.rmsd 
_pdbx_validate_planes.type 
1  1 DT A 2  ? ? 0.150 'SIDE CHAIN' 
2  1 DA A 3  ? ? 0.155 'SIDE CHAIN' 
3  1 DA A 5  ? ? 0.094 'SIDE CHAIN' 
4  1 DA B 10 ? ? 0.097 'SIDE CHAIN' 
5  1 DT B 11 ? ? 0.086 'SIDE CHAIN' 
6  2 DT A 2  ? ? 0.083 'SIDE CHAIN' 
7  2 DA A 3  ? ? 0.077 'SIDE CHAIN' 
8  2 DT A 4  ? ? 0.076 'SIDE CHAIN' 
9  2 DA A 5  ? ? 0.106 'SIDE CHAIN' 
10 2 DA B 10 ? ? 0.091 'SIDE CHAIN' 
11 2 DT B 11 ? ? 0.079 'SIDE CHAIN' 
12 2 DA B 13 ? ? 0.061 'SIDE CHAIN' 
13 3 DA A 3  ? ? 0.072 'SIDE CHAIN' 
14 3 DT A 4  ? ? 0.080 'SIDE CHAIN' 
15 3 DA A 5  ? ? 0.111 'SIDE CHAIN' 
16 3 DA B 10 ? ? 0.090 'SIDE CHAIN' 
17 3 DT B 11 ? ? 0.073 'SIDE CHAIN' 
18 4 DA A 3  ? ? 0.069 'SIDE CHAIN' 
19 4 DT A 4  ? ? 0.067 'SIDE CHAIN' 
20 4 DA A 5  ? ? 0.105 'SIDE CHAIN' 
21 4 DA B 10 ? ? 0.085 'SIDE CHAIN' 
22 4 DT B 11 ? ? 0.073 'SIDE CHAIN' 
# 
_pdbx_nmr_ensemble.entry_id                             1D70 
_pdbx_nmr_ensemble.conformers_calculated_total_number   ? 
_pdbx_nmr_ensemble.conformers_submitted_total_number    4 
_pdbx_nmr_ensemble.conformer_selection_criteria         ? 
# 
loop_
_chem_comp_atom.comp_id 
_chem_comp_atom.atom_id 
_chem_comp_atom.type_symbol 
_chem_comp_atom.pdbx_aromatic_flag 
_chem_comp_atom.pdbx_stereo_config 
_chem_comp_atom.pdbx_ordinal 
DA OP3    O N N 1   
DA P      P N N 2   
DA OP1    O N N 3   
DA OP2    O N N 4   
DA "O5'"  O N N 5   
DA "C5'"  C N N 6   
DA "C4'"  C N R 7   
DA "O4'"  O N N 8   
DA "C3'"  C N S 9   
DA "O3'"  O N N 10  
DA "C2'"  C N N 11  
DA "C1'"  C N R 12  
DA N9     N Y N 13  
DA C8     C Y N 14  
DA N7     N Y N 15  
DA C5     C Y N 16  
DA C6     C Y N 17  
DA N6     N N N 18  
DA N1     N Y N 19  
DA C2     C Y N 20  
DA N3     N Y N 21  
DA C4     C Y N 22  
DA HOP3   H N N 23  
DA HOP2   H N N 24  
DA "H5'"  H N N 25  
DA "H5''" H N N 26  
DA "H4'"  H N N 27  
DA "H3'"  H N N 28  
DA "HO3'" H N N 29  
DA "H2'"  H N N 30  
DA "H2''" H N N 31  
DA "H1'"  H N N 32  
DA H8     H N N 33  
DA H61    H N N 34  
DA H62    H N N 35  
DA H2     H N N 36  
DC OP3    O N N 37  
DC P      P N N 38  
DC OP1    O N N 39  
DC OP2    O N N 40  
DC "O5'"  O N N 41  
DC "C5'"  C N N 42  
DC "C4'"  C N R 43  
DC "O4'"  O N N 44  
DC "C3'"  C N S 45  
DC "O3'"  O N N 46  
DC "C2'"  C N N 47  
DC "C1'"  C N R 48  
DC N1     N N N 49  
DC C2     C N N 50  
DC O2     O N N 51  
DC N3     N N N 52  
DC C4     C N N 53  
DC N4     N N N 54  
DC C5     C N N 55  
DC C6     C N N 56  
DC HOP3   H N N 57  
DC HOP2   H N N 58  
DC "H5'"  H N N 59  
DC "H5''" H N N 60  
DC "H4'"  H N N 61  
DC "H3'"  H N N 62  
DC "HO3'" H N N 63  
DC "H2'"  H N N 64  
DC "H2''" H N N 65  
DC "H1'"  H N N 66  
DC H41    H N N 67  
DC H42    H N N 68  
DC H5     H N N 69  
DC H6     H N N 70  
DG OP3    O N N 71  
DG P      P N N 72  
DG OP1    O N N 73  
DG OP2    O N N 74  
DG "O5'"  O N N 75  
DG "C5'"  C N N 76  
DG "C4'"  C N R 77  
DG "O4'"  O N N 78  
DG "C3'"  C N S 79  
DG "O3'"  O N N 80  
DG "C2'"  C N N 81  
DG "C1'"  C N R 82  
DG N9     N Y N 83  
DG C8     C Y N 84  
DG N7     N Y N 85  
DG C5     C Y N 86  
DG C6     C N N 87  
DG O6     O N N 88  
DG N1     N N N 89  
DG C2     C N N 90  
DG N2     N N N 91  
DG N3     N N N 92  
DG C4     C Y N 93  
DG HOP3   H N N 94  
DG HOP2   H N N 95  
DG "H5'"  H N N 96  
DG "H5''" H N N 97  
DG "H4'"  H N N 98  
DG "H3'"  H N N 99  
DG "HO3'" H N N 100 
DG "H2'"  H N N 101 
DG "H2''" H N N 102 
DG "H1'"  H N N 103 
DG H8     H N N 104 
DG H1     H N N 105 
DG H21    H N N 106 
DG H22    H N N 107 
DT OP3    O N N 108 
DT P      P N N 109 
DT OP1    O N N 110 
DT OP2    O N N 111 
DT "O5'"  O N N 112 
DT "C5'"  C N N 113 
DT "C4'"  C N R 114 
DT "O4'"  O N N 115 
DT "C3'"  C N S 116 
DT "O3'"  O N N 117 
DT "C2'"  C N N 118 
DT "C1'"  C N R 119 
DT N1     N N N 120 
DT C2     C N N 121 
DT O2     O N N 122 
DT N3     N N N 123 
DT C4     C N N 124 
DT O4     O N N 125 
DT C5     C N N 126 
DT C7     C N N 127 
DT C6     C N N 128 
DT HOP3   H N N 129 
DT HOP2   H N N 130 
DT "H5'"  H N N 131 
DT "H5''" H N N 132 
DT "H4'"  H N N 133 
DT "H3'"  H N N 134 
DT "HO3'" H N N 135 
DT "H2'"  H N N 136 
DT "H2''" H N N 137 
DT "H1'"  H N N 138 
DT H3     H N N 139 
DT H71    H N N 140 
DT H72    H N N 141 
DT H73    H N N 142 
DT H6     H N N 143 
# 
loop_
_chem_comp_bond.comp_id 
_chem_comp_bond.atom_id_1 
_chem_comp_bond.atom_id_2 
_chem_comp_bond.value_order 
_chem_comp_bond.pdbx_aromatic_flag 
_chem_comp_bond.pdbx_stereo_config 
_chem_comp_bond.pdbx_ordinal 
DA OP3   P      sing N N 1   
DA OP3   HOP3   sing N N 2   
DA P     OP1    doub N N 3   
DA P     OP2    sing N N 4   
DA P     "O5'"  sing N N 5   
DA OP2   HOP2   sing N N 6   
DA "O5'" "C5'"  sing N N 7   
DA "C5'" "C4'"  sing N N 8   
DA "C5'" "H5'"  sing N N 9   
DA "C5'" "H5''" sing N N 10  
DA "C4'" "O4'"  sing N N 11  
DA "C4'" "C3'"  sing N N 12  
DA "C4'" "H4'"  sing N N 13  
DA "O4'" "C1'"  sing N N 14  
DA "C3'" "O3'"  sing N N 15  
DA "C3'" "C2'"  sing N N 16  
DA "C3'" "H3'"  sing N N 17  
DA "O3'" "HO3'" sing N N 18  
DA "C2'" "C1'"  sing N N 19  
DA "C2'" "H2'"  sing N N 20  
DA "C2'" "H2''" sing N N 21  
DA "C1'" N9     sing N N 22  
DA "C1'" "H1'"  sing N N 23  
DA N9    C8     sing Y N 24  
DA N9    C4     sing Y N 25  
DA C8    N7     doub Y N 26  
DA C8    H8     sing N N 27  
DA N7    C5     sing Y N 28  
DA C5    C6     sing Y N 29  
DA C5    C4     doub Y N 30  
DA C6    N6     sing N N 31  
DA C6    N1     doub Y N 32  
DA N6    H61    sing N N 33  
DA N6    H62    sing N N 34  
DA N1    C2     sing Y N 35  
DA C2    N3     doub Y N 36  
DA C2    H2     sing N N 37  
DA N3    C4     sing Y N 38  
DC OP3   P      sing N N 39  
DC OP3   HOP3   sing N N 40  
DC P     OP1    doub N N 41  
DC P     OP2    sing N N 42  
DC P     "O5'"  sing N N 43  
DC OP2   HOP2   sing N N 44  
DC "O5'" "C5'"  sing N N 45  
DC "C5'" "C4'"  sing N N 46  
DC "C5'" "H5'"  sing N N 47  
DC "C5'" "H5''" sing N N 48  
DC "C4'" "O4'"  sing N N 49  
DC "C4'" "C3'"  sing N N 50  
DC "C4'" "H4'"  sing N N 51  
DC "O4'" "C1'"  sing N N 52  
DC "C3'" "O3'"  sing N N 53  
DC "C3'" "C2'"  sing N N 54  
DC "C3'" "H3'"  sing N N 55  
DC "O3'" "HO3'" sing N N 56  
DC "C2'" "C1'"  sing N N 57  
DC "C2'" "H2'"  sing N N 58  
DC "C2'" "H2''" sing N N 59  
DC "C1'" N1     sing N N 60  
DC "C1'" "H1'"  sing N N 61  
DC N1    C2     sing N N 62  
DC N1    C6     sing N N 63  
DC C2    O2     doub N N 64  
DC C2    N3     sing N N 65  
DC N3    C4     doub N N 66  
DC C4    N4     sing N N 67  
DC C4    C5     sing N N 68  
DC N4    H41    sing N N 69  
DC N4    H42    sing N N 70  
DC C5    C6     doub N N 71  
DC C5    H5     sing N N 72  
DC C6    H6     sing N N 73  
DG OP3   P      sing N N 74  
DG OP3   HOP3   sing N N 75  
DG P     OP1    doub N N 76  
DG P     OP2    sing N N 77  
DG P     "O5'"  sing N N 78  
DG OP2   HOP2   sing N N 79  
DG "O5'" "C5'"  sing N N 80  
DG "C5'" "C4'"  sing N N 81  
DG "C5'" "H5'"  sing N N 82  
DG "C5'" "H5''" sing N N 83  
DG "C4'" "O4'"  sing N N 84  
DG "C4'" "C3'"  sing N N 85  
DG "C4'" "H4'"  sing N N 86  
DG "O4'" "C1'"  sing N N 87  
DG "C3'" "O3'"  sing N N 88  
DG "C3'" "C2'"  sing N N 89  
DG "C3'" "H3'"  sing N N 90  
DG "O3'" "HO3'" sing N N 91  
DG "C2'" "C1'"  sing N N 92  
DG "C2'" "H2'"  sing N N 93  
DG "C2'" "H2''" sing N N 94  
DG "C1'" N9     sing N N 95  
DG "C1'" "H1'"  sing N N 96  
DG N9    C8     sing Y N 97  
DG N9    C4     sing Y N 98  
DG C8    N7     doub Y N 99  
DG C8    H8     sing N N 100 
DG N7    C5     sing Y N 101 
DG C5    C6     sing N N 102 
DG C5    C4     doub Y N 103 
DG C6    O6     doub N N 104 
DG C6    N1     sing N N 105 
DG N1    C2     sing N N 106 
DG N1    H1     sing N N 107 
DG C2    N2     sing N N 108 
DG C2    N3     doub N N 109 
DG N2    H21    sing N N 110 
DG N2    H22    sing N N 111 
DG N3    C4     sing N N 112 
DT OP3   P      sing N N 113 
DT OP3   HOP3   sing N N 114 
DT P     OP1    doub N N 115 
DT P     OP2    sing N N 116 
DT P     "O5'"  sing N N 117 
DT OP2   HOP2   sing N N 118 
DT "O5'" "C5'"  sing N N 119 
DT "C5'" "C4'"  sing N N 120 
DT "C5'" "H5'"  sing N N 121 
DT "C5'" "H5''" sing N N 122 
DT "C4'" "O4'"  sing N N 123 
DT "C4'" "C3'"  sing N N 124 
DT "C4'" "H4'"  sing N N 125 
DT "O4'" "C1'"  sing N N 126 
DT "C3'" "O3'"  sing N N 127 
DT "C3'" "C2'"  sing N N 128 
DT "C3'" "H3'"  sing N N 129 
DT "O3'" "HO3'" sing N N 130 
DT "C2'" "C1'"  sing N N 131 
DT "C2'" "H2'"  sing N N 132 
DT "C2'" "H2''" sing N N 133 
DT "C1'" N1     sing N N 134 
DT "C1'" "H1'"  sing N N 135 
DT N1    C2     sing N N 136 
DT N1    C6     sing N N 137 
DT C2    O2     doub N N 138 
DT C2    N3     sing N N 139 
DT N3    C4     sing N N 140 
DT N3    H3     sing N N 141 
DT C4    O4     doub N N 142 
DT C4    C5     sing N N 143 
DT C5    C7     sing N N 144 
DT C5    C6     doub N N 145 
DT C7    H71    sing N N 146 
DT C7    H72    sing N N 147 
DT C7    H73    sing N N 148 
DT C6    H6     sing N N 149 
# 
loop_
_ndb_struct_conf_na.entry_id 
_ndb_struct_conf_na.feature 
1D70 'double helix'         
1D70 'b-form double helix'  
1D70 'mismatched base pair' 
1D70 'triple helix'         
# 
loop_
_ndb_struct_na_base_pair.model_number 
_ndb_struct_na_base_pair.i_label_asym_id 
_ndb_struct_na_base_pair.i_label_comp_id 
_ndb_struct_na_base_pair.i_label_seq_id 
_ndb_struct_na_base_pair.i_symmetry 
_ndb_struct_na_base_pair.j_label_asym_id 
_ndb_struct_na_base_pair.j_label_comp_id 
_ndb_struct_na_base_pair.j_label_seq_id 
_ndb_struct_na_base_pair.j_symmetry 
_ndb_struct_na_base_pair.shear 
_ndb_struct_na_base_pair.stretch 
_ndb_struct_na_base_pair.stagger 
_ndb_struct_na_base_pair.buckle 
_ndb_struct_na_base_pair.propeller 
_ndb_struct_na_base_pair.opening 
_ndb_struct_na_base_pair.pair_number 
_ndb_struct_na_base_pair.pair_name 
_ndb_struct_na_base_pair.i_auth_asym_id 
_ndb_struct_na_base_pair.i_auth_seq_id 
_ndb_struct_na_base_pair.i_PDB_ins_code 
_ndb_struct_na_base_pair.j_auth_asym_id 
_ndb_struct_na_base_pair.j_auth_seq_id 
_ndb_struct_na_base_pair.j_PDB_ins_code 
_ndb_struct_na_base_pair.hbond_type_28 
_ndb_struct_na_base_pair.hbond_type_12 
1 A DG 1 1_555 B DC 8 1_555 -0.317 -0.237 0.408 -8.359 -9.580  -3.071  1 A_DG1:DC16_B A 1 ? B 16 ? 19 1 
1 A DT 2 1_555 B DA 7 1_555 -0.639 -0.047 0.375 -7.212 -4.421  -11.324 2 A_DT2:DA15_B A 2 ? B 15 ? 20 1 
1 A DA 3 1_555 B DT 6 1_555 0.291  -0.141 0.394 -4.924 -8.419  1.855   3 A_DA3:DT14_B A 3 ? B 14 ? 20 1 
1 A DT 4 1_555 B DA 5 1_555 -0.028 -0.145 0.384 0.863  -6.615  -3.857  4 A_DT4:DA13_B A 4 ? B 13 ? 20 1 
1 A DA 5 1_555 B DT 4 1_555 0.018  -0.172 0.326 6.261  -17.009 -1.355  5 A_DA5:DT12_B A 5 ? B 12 ? 20 1 
1 A DA 6 1_555 B DT 3 1_555 0.065  -0.233 0.711 2.407  -13.512 -3.874  6 A_DA6:DT11_B A 6 ? B 11 ? 20 1 
1 A DT 7 1_555 B DA 2 1_555 -0.032 -0.198 0.519 1.290  -0.898  3.053   7 A_DT7:DA10_B A 7 ? B 10 ? 20 1 
1 A DG 8 1_555 B DC 1 1_555 -0.525 -0.277 0.363 8.762  -6.196  -2.614  8 A_DG8:DC9_B  A 8 ? B 9  ? 19 1 
# 
loop_
_ndb_struct_na_base_pair_step.model_number 
_ndb_struct_na_base_pair_step.i_label_asym_id_1 
_ndb_struct_na_base_pair_step.i_label_comp_id_1 
_ndb_struct_na_base_pair_step.i_label_seq_id_1 
_ndb_struct_na_base_pair_step.i_symmetry_1 
_ndb_struct_na_base_pair_step.j_label_asym_id_1 
_ndb_struct_na_base_pair_step.j_label_comp_id_1 
_ndb_struct_na_base_pair_step.j_label_seq_id_1 
_ndb_struct_na_base_pair_step.j_symmetry_1 
_ndb_struct_na_base_pair_step.i_label_asym_id_2 
_ndb_struct_na_base_pair_step.i_label_comp_id_2 
_ndb_struct_na_base_pair_step.i_label_seq_id_2 
_ndb_struct_na_base_pair_step.i_symmetry_2 
_ndb_struct_na_base_pair_step.j_label_asym_id_2 
_ndb_struct_na_base_pair_step.j_label_comp_id_2 
_ndb_struct_na_base_pair_step.j_label_seq_id_2 
_ndb_struct_na_base_pair_step.j_symmetry_2 
_ndb_struct_na_base_pair_step.shift 
_ndb_struct_na_base_pair_step.slide 
_ndb_struct_na_base_pair_step.rise 
_ndb_struct_na_base_pair_step.tilt 
_ndb_struct_na_base_pair_step.roll 
_ndb_struct_na_base_pair_step.twist 
_ndb_struct_na_base_pair_step.x_displacement 
_ndb_struct_na_base_pair_step.y_displacement 
_ndb_struct_na_base_pair_step.helical_rise 
_ndb_struct_na_base_pair_step.inclination 
_ndb_struct_na_base_pair_step.tip 
_ndb_struct_na_base_pair_step.helical_twist 
_ndb_struct_na_base_pair_step.step_number 
_ndb_struct_na_base_pair_step.step_name 
_ndb_struct_na_base_pair_step.i_auth_asym_id_1 
_ndb_struct_na_base_pair_step.i_auth_seq_id_1 
_ndb_struct_na_base_pair_step.i_PDB_ins_code_1 
_ndb_struct_na_base_pair_step.j_auth_asym_id_1 
_ndb_struct_na_base_pair_step.j_auth_seq_id_1 
_ndb_struct_na_base_pair_step.j_PDB_ins_code_1 
_ndb_struct_na_base_pair_step.i_auth_asym_id_2 
_ndb_struct_na_base_pair_step.i_auth_seq_id_2 
_ndb_struct_na_base_pair_step.i_PDB_ins_code_2 
_ndb_struct_na_base_pair_step.j_auth_asym_id_2 
_ndb_struct_na_base_pair_step.j_auth_seq_id_2 
_ndb_struct_na_base_pair_step.j_PDB_ins_code_2 
1 A DG 1 1_555 B DC 8 1_555 A DT 2 1_555 B DA 7 1_555 -0.442 -1.166 3.175 2.524  -3.637 36.514 -1.362 1.038  3.235 -5.778  -4.010 
36.772 1 AA_DG1DT2:DA15DC16_BB A 1 ? B 16 ? A 2 ? B 15 ? 
1 A DT 2 1_555 B DA 7 1_555 A DA 3 1_555 B DT 6 1_555 -0.304 -0.939 2.877 -2.603 -5.816 43.401 -0.760 0.184  2.985 -7.814  3.497  
43.844 2 AA_DT2DA3:DT14DA15_BB A 2 ? B 15 ? A 3 ? B 14 ? 
1 A DA 3 1_555 B DT 6 1_555 A DT 4 1_555 B DA 5 1_555 -0.377 -0.453 2.985 -1.545 -2.550 32.090 -0.399 0.427  3.025 -4.600  2.787  
32.224 3 AA_DA3DT4:DA13DT14_BB A 3 ? B 14 ? A 4 ? B 13 ? 
1 A DT 4 1_555 B DA 5 1_555 A DA 5 1_555 B DT 4 1_555 0.147  -0.339 2.780 1.516  6.108  36.595 -1.220 -0.060 2.694 9.639   -2.392 
37.114 4 AA_DT4DA5:DT12DA13_BB A 4 ? B 13 ? A 5 ? B 12 ? 
1 A DA 5 1_555 B DT 4 1_555 A DA 6 1_555 B DT 3 1_555 0.162  -0.683 2.960 -3.237 2.098  31.898 -1.570 -0.812 2.880 3.799   5.864  
32.124 5 AA_DA5DA6:DT11DT12_BB A 5 ? B 12 ? A 6 ? B 11 ? 
1 A DA 6 1_555 B DT 3 1_555 A DT 7 1_555 B DA 2 1_555 0.898  -0.858 3.178 2.754  -6.161 32.424 -0.459 -1.108 3.342 -10.886 -4.867 
33.100 6 AA_DA6DT7:DA10DT11_BB A 6 ? B 11 ? A 7 ? B 10 ? 
1 A DT 7 1_555 B DA 2 1_555 A DG 8 1_555 B DC 1 1_555 0.050  -0.911 2.753 0.187  -0.118 39.669 -1.331 -0.055 2.756 -0.173  -0.275 
39.669 7 AA_DT7DG8:DC9DA10_BB  A 7 ? B 10 ? A 8 ? B 9  ? 
# 
_atom_sites.entry_id                    1D70 
_atom_sites.fract_transf_matrix[1][1]   1.000000 
_atom_sites.fract_transf_matrix[1][2]   0.000000 
_atom_sites.fract_transf_matrix[1][3]   0.000000 
_atom_sites.fract_transf_matrix[2][1]   0.000000 
_atom_sites.fract_transf_matrix[2][2]   1.000000 
_atom_sites.fract_transf_matrix[2][3]   0.000000 
_atom_sites.fract_transf_matrix[3][1]   0.000000 
_atom_sites.fract_transf_matrix[3][2]   0.000000 
_atom_sites.fract_transf_matrix[3][3]   1.000000 
_atom_sites.fract_transf_vector[1]      0.00000 
_atom_sites.fract_transf_vector[2]      0.00000 
_atom_sites.fract_transf_vector[3]      0.00000 
# 
loop_
_atom_type.symbol 
C 
N 
O 
P 
# 
loop_
_atom_site.group_PDB 
_atom_site.id 
_atom_site.type_symbol 
_atom_site.label_atom_id 
_atom_site.label_alt_id 
_atom_site.label_comp_id 
_atom_site.label_asym_id 
_atom_site.label_entity_id 
_atom_site.label_seq_id 
_atom_site.pdbx_PDB_ins_code 
_atom_site.Cartn_x 
_atom_site.Cartn_y 
_atom_site.Cartn_z 
_atom_site.occupancy 
_atom_site.B_iso_or_equiv 
_atom_site.pdbx_formal_charge 
_atom_site.auth_seq_id 
_atom_site.auth_comp_id 
_atom_site.auth_asym_id 
_atom_site.auth_atom_id 
_atom_site.pdbx_PDB_model_num 
ATOM 1    O "O5'" . DG A 1 1 ? 4.754   7.964   15.020  1.00 0.00 ? 1  DG A "O5'" 1 
ATOM 2    C "C5'" . DG A 1 1 ? 4.023   6.811   14.664  1.00 0.00 ? 1  DG A "C5'" 1 
ATOM 3    C "C4'" . DG A 1 1 ? 2.916   7.174   13.668  1.00 0.00 ? 1  DG A "C4'" 1 
ATOM 4    O "O4'" . DG A 1 1 ? 3.501   7.660   12.473  1.00 0.00 ? 1  DG A "O4'" 1 
ATOM 5    C "C3'" . DG A 1 1 ? 2.060   5.938   13.330  1.00 0.00 ? 1  DG A "C3'" 1 
ATOM 6    O "O3'" . DG A 1 1 ? 0.716   6.399   13.304  1.00 0.00 ? 1  DG A "O3'" 1 
ATOM 7    C "C2'" . DG A 1 1 ? 2.599   5.618   11.922  1.00 0.00 ? 1  DG A "C2'" 1 
ATOM 8    C "C1'" . DG A 1 1 ? 2.853   7.025   11.396  1.00 0.00 ? 1  DG A "C1'" 1 
ATOM 9    N N9    . DG A 1 1 ? 3.678   7.098   10.178  1.00 0.00 ? 1  DG A N9    1 
ATOM 10   C C8    . DG A 1 1 ? 5.043   7.045   10.090  1.00 0.00 ? 1  DG A C8    1 
ATOM 11   N N7    . DG A 1 1 ? 5.508   7.292   8.898   1.00 0.00 ? 1  DG A N7    1 
ATOM 12   C C5    . DG A 1 1 ? 4.368   7.559   8.142   1.00 0.00 ? 1  DG A C5    1 
ATOM 13   C C6    . DG A 1 1 ? 4.232   7.976   6.785   1.00 0.00 ? 1  DG A C6    1 
ATOM 14   O O6    . DG A 1 1 ? 5.117   8.121   5.946   1.00 0.00 ? 1  DG A O6    1 
ATOM 15   N N1    . DG A 1 1 ? 2.920   8.268   6.439   1.00 0.00 ? 1  DG A N1    1 
ATOM 16   C C2    . DG A 1 1 ? 1.844   8.123   7.285   1.00 0.00 ? 1  DG A C2    1 
ATOM 17   N N2    . DG A 1 1 ? 0.629   8.396   6.817   1.00 0.00 ? 1  DG A N2    1 
ATOM 18   N N3    . DG A 1 1 ? 1.960   7.713   8.552   1.00 0.00 ? 1  DG A N3    1 
ATOM 19   C C4    . DG A 1 1 ? 3.244   7.459   8.924   1.00 0.00 ? 1  DG A C4    1 
ATOM 20   P P     . DT A 1 2 ? -0.572  5.427   13.196  1.00 0.00 ? 2  DT A P     1 
ATOM 21   O OP1   . DT A 1 2 ? -1.710  6.126   13.832  1.00 0.00 ? 2  DT A OP1   1 
ATOM 22   O OP2   . DT A 1 2 ? -0.183  4.080   13.665  1.00 0.00 ? 2  DT A OP2   1 
ATOM 23   O "O5'" . DT A 1 2 ? -0.879  5.349   11.630  1.00 0.00 ? 2  DT A "O5'" 1 
ATOM 24   C "C5'" . DT A 1 2 ? -1.060  6.503   10.833  1.00 0.00 ? 2  DT A "C5'" 1 
ATOM 25   C "C4'" . DT A 1 2 ? -1.227  6.074   9.374   1.00 0.00 ? 2  DT A "C4'" 1 
ATOM 26   O "O4'" . DT A 1 2 ? -0.791  4.762   9.188   1.00 0.00 ? 2  DT A "O4'" 1 
ATOM 27   C "C3'" . DT A 1 2 ? -2.496  6.294   8.566   1.00 0.00 ? 2  DT A "C3'" 1 
ATOM 28   O "O3'" . DT A 1 2 ? -2.663  7.532   7.902   1.00 0.00 ? 2  DT A "O3'" 1 
ATOM 29   C "C2'" . DT A 1 2 ? -2.375  5.183   7.531   1.00 0.00 ? 2  DT A "C2'" 1 
ATOM 30   C "C1'" . DT A 1 2 ? -1.036  4.478   7.850   1.00 0.00 ? 2  DT A "C1'" 1 
ATOM 31   N N1    . DT A 1 2 ? 0.327   4.808   7.250   1.00 0.00 ? 2  DT A N1    1 
ATOM 32   C C2    . DT A 1 2 ? 0.519   5.394   5.986   1.00 0.00 ? 2  DT A C2    1 
ATOM 33   O O2    . DT A 1 2 ? -0.358  5.963   5.354   1.00 0.00 ? 2  DT A O2    1 
ATOM 34   N N3    . DT A 1 2 ? 1.810   5.364   5.467   1.00 0.00 ? 2  DT A N3    1 
ATOM 35   C C4    . DT A 1 2 ? 2.911   4.822   6.090   1.00 0.00 ? 2  DT A C4    1 
ATOM 36   O O4    . DT A 1 2 ? 3.977   4.699   5.502   1.00 0.00 ? 2  DT A O4    1 
ATOM 37   C C5    . DT A 1 2 ? 2.689   4.456   7.464   1.00 0.00 ? 2  DT A C5    1 
ATOM 38   C C7    . DT A 1 2 ? 3.812   3.917   8.309   1.00 0.00 ? 2  DT A C7    1 
ATOM 39   C C6    . DT A 1 2 ? 1.451   4.460   7.987   1.00 0.00 ? 2  DT A C6    1 
ATOM 40   P P     . DA A 1 3 ? -4.090  7.801   7.183   1.00 0.00 ? 3  DA A P     1 
ATOM 41   O OP1   . DA A 1 3 ? -4.306  9.265   7.205   1.00 0.00 ? 3  DA A OP1   1 
ATOM 42   O OP2   . DA A 1 3 ? -5.100  6.915   7.804   1.00 0.00 ? 3  DA A OP2   1 
ATOM 43   O "O5'" . DA A 1 3 ? -3.910  7.353   5.650   1.00 0.00 ? 3  DA A "O5'" 1 
ATOM 44   C "C5'" . DA A 1 3 ? -3.313  8.186   4.682   1.00 0.00 ? 3  DA A "C5'" 1 
ATOM 45   C "C4'" . DA A 1 3 ? -3.246  7.470   3.325   1.00 0.00 ? 3  DA A "C4'" 1 
ATOM 46   O "O4'" . DA A 1 3 ? -2.110  6.648   3.164   1.00 0.00 ? 3  DA A "O4'" 1 
ATOM 47   C "C3'" . DA A 1 3 ? -4.502  6.660   2.952   1.00 0.00 ? 3  DA A "C3'" 1 
ATOM 48   O "O3'" . DA A 1 3 ? -4.948  7.176   1.709   1.00 0.00 ? 3  DA A "O3'" 1 
ATOM 49   C "C2'" . DA A 1 3 ? -3.948  5.223   2.886   1.00 0.00 ? 3  DA A "C2'" 1 
ATOM 50   C "C1'" . DA A 1 3 ? -2.488  5.456   2.502   1.00 0.00 ? 3  DA A "C1'" 1 
ATOM 51   N N9    . DA A 1 3 ? -1.471  4.423   2.760   1.00 0.00 ? 3  DA A N9    1 
ATOM 52   C C8    . DA A 1 3 ? -1.277  3.696   3.890   1.00 0.00 ? 3  DA A C8    1 
ATOM 53   N N7    . DA A 1 3 ? -0.096  3.155   4.022   1.00 0.00 ? 3  DA A N7    1 
ATOM 54   C C5    . DA A 1 3 ? 0.552   3.574   2.865   1.00 0.00 ? 3  DA A C5    1 
ATOM 55   C C6    . DA A 1 3 ? 1.880   3.480   2.408   1.00 0.00 ? 3  DA A C6    1 
ATOM 56   N N6    . DA A 1 3 ? 2.867   2.964   3.137   1.00 0.00 ? 3  DA A N6    1 
ATOM 57   N N1    . DA A 1 3 ? 2.198   4.026   1.228   1.00 0.00 ? 3  DA A N1    1 
ATOM 58   C C2    . DA A 1 3 ? 1.253   4.640   0.526   1.00 0.00 ? 3  DA A C2    1 
ATOM 59   N N3    . DA A 1 3 ? -0.011  4.841   0.859   1.00 0.00 ? 3  DA A N3    1 
ATOM 60   C C4    . DA A 1 3 ? -0.299  4.290   2.063   1.00 0.00 ? 3  DA A C4    1 
ATOM 61   P P     . DT A 1 4 ? -6.094  6.501   0.805   1.00 0.00 ? 4  DT A P     1 
ATOM 62   O OP1   . DT A 1 4 ? -6.898  7.572   0.178   1.00 0.00 ? 4  DT A OP1   1 
ATOM 63   O OP2   . DT A 1 4 ? -6.767  5.421   1.561   1.00 0.00 ? 4  DT A OP2   1 
ATOM 64   O "O5'" . DT A 1 4 ? -5.176  5.835   -0.332  1.00 0.00 ? 4  DT A "O5'" 1 
ATOM 65   C "C5'" . DT A 1 4 ? -4.430  6.664   -1.205  1.00 0.00 ? 4  DT A "C5'" 1 
ATOM 66   C "C4'" . DT A 1 4 ? -3.605  5.841   -2.197  1.00 0.00 ? 4  DT A "C4'" 1 
ATOM 67   O "O4'" . DT A 1 4 ? -2.579  5.119   -1.541  1.00 0.00 ? 4  DT A "O4'" 1 
ATOM 68   C "C3'" . DT A 1 4 ? -4.468  4.861   -3.001  1.00 0.00 ? 4  DT A "C3'" 1 
ATOM 69   O "O3'" . DT A 1 4 ? -4.366  5.283   -4.354  1.00 0.00 ? 4  DT A "O3'" 1 
ATOM 70   C "C2'" . DT A 1 4 ? -3.830  3.506   -2.675  1.00 0.00 ? 4  DT A "C2'" 1 
ATOM 71   C "C1'" . DT A 1 4 ? -2.430  3.864   -2.172  1.00 0.00 ? 4  DT A "C1'" 1 
ATOM 72   N N1    . DT A 1 4 ? -1.729  2.903   -1.275  1.00 0.00 ? 4  DT A N1    1 
ATOM 73   C C2    . DT A 1 4 ? -0.369  2.661   -1.482  1.00 0.00 ? 4  DT A C2    1 
ATOM 74   O O2    . DT A 1 4 ? 0.261   3.077   -2.447  1.00 0.00 ? 4  DT A O2    1 
ATOM 75   N N3    . DT A 1 4 ? 0.283   1.906   -0.526  1.00 0.00 ? 4  DT A N3    1 
ATOM 76   C C4    . DT A 1 4 ? -0.286  1.378   0.610   1.00 0.00 ? 4  DT A C4    1 
ATOM 77   O O4    . DT A 1 4 ? 0.414   0.773   1.416   1.00 0.00 ? 4  DT A O4    1 
ATOM 78   C C5    . DT A 1 4 ? -1.703  1.658   0.762   1.00 0.00 ? 4  DT A C5    1 
ATOM 79   C C7    . DT A 1 4 ? -2.457  1.122   1.966   1.00 0.00 ? 4  DT A C7    1 
ATOM 80   C C6    . DT A 1 4 ? -2.353  2.409   -0.161  1.00 0.00 ? 4  DT A C6    1 
ATOM 81   P P     . DA A 1 5 ? -4.711  4.360   -5.624  1.00 0.00 ? 5  DA A P     1 
ATOM 82   O OP1   . DA A 1 5 ? -4.990  5.244   -6.776  1.00 0.00 ? 5  DA A OP1   1 
ATOM 83   O OP2   . DA A 1 5 ? -5.696  3.326   -5.230  1.00 0.00 ? 5  DA A OP2   1 
ATOM 84   O "O5'" . DA A 1 5 ? -3.280  3.663   -5.854  1.00 0.00 ? 5  DA A "O5'" 1 
ATOM 85   C "C5'" . DA A 1 5 ? -2.136  4.459   -6.107  1.00 0.00 ? 5  DA A "C5'" 1 
ATOM 86   C "C4'" . DA A 1 5 ? -0.914  3.617   -6.483  1.00 0.00 ? 5  DA A "C4'" 1 
ATOM 87   O "O4'" . DA A 1 5 ? -0.458  2.847   -5.383  1.00 0.00 ? 5  DA A "O4'" 1 
ATOM 88   C "C3'" . DA A 1 5 ? -1.275  2.667   -7.624  1.00 0.00 ? 5  DA A "C3'" 1 
ATOM 89   O "O3'" . DA A 1 5 ? -0.238  2.786   -8.580  1.00 0.00 ? 5  DA A "O3'" 1 
ATOM 90   C "C2'" . DA A 1 5 ? -1.308  1.319   -6.905  1.00 0.00 ? 5  DA A "C2'" 1 
ATOM 91   C "C1'" . DA A 1 5 ? -0.302  1.493   -5.768  1.00 0.00 ? 5  DA A "C1'" 1 
ATOM 92   N N9    . DA A 1 5 ? -0.439  0.626   -4.574  1.00 0.00 ? 5  DA A N9    1 
ATOM 93   C C8    . DA A 1 5 ? -1.576  0.295   -3.897  1.00 0.00 ? 5  DA A C8    1 
ATOM 94   N N7    . DA A 1 5 ? -1.397  -0.249  -2.725  1.00 0.00 ? 5  DA A N7    1 
ATOM 95   C C5    . DA A 1 5 ? -0.014  -0.371  -2.662  1.00 0.00 ? 5  DA A C5    1 
ATOM 96   C C6    . DA A 1 5 ? 0.849   -0.937  -1.711  1.00 0.00 ? 5  DA A C6    1 
ATOM 97   N N6    . DA A 1 5 ? 0.420   -1.441  -0.554  1.00 0.00 ? 5  DA A N6    1 
ATOM 98   N N1    . DA A 1 5 ? 2.147   -1.062  -2.010  1.00 0.00 ? 5  DA A N1    1 
ATOM 99   C C2    . DA A 1 5 ? 2.589   -0.595  -3.172  1.00 0.00 ? 5  DA A C2    1 
ATOM 100  N N3    . DA A 1 5 ? 1.896   0.022   -4.120  1.00 0.00 ? 5  DA A N3    1 
ATOM 101  C C4    . DA A 1 5 ? 0.578   0.108   -3.803  1.00 0.00 ? 5  DA A C4    1 
ATOM 102  P P     . DA A 1 6 ? -0.158  1.869   -9.892  1.00 0.00 ? 6  DA A P     1 
ATOM 103  O OP1   . DA A 1 6 ? 0.650   2.573   -10.912 1.00 0.00 ? 6  DA A OP1   1 
ATOM 104  O OP2   . DA A 1 6 ? -1.516  1.387   -10.230 1.00 0.00 ? 6  DA A OP2   1 
ATOM 105  O "O5'" . DA A 1 6 ? 0.694   0.633   -9.325  1.00 0.00 ? 6  DA A "O5'" 1 
ATOM 106  C "C5'" . DA A 1 6 ? 2.057   0.794   -8.981  1.00 0.00 ? 6  DA A "C5'" 1 
ATOM 107  C "C4'" . DA A 1 6 ? 2.670   -0.536  -8.533  1.00 0.00 ? 6  DA A "C4'" 1 
ATOM 108  O "O4'" . DA A 1 6 ? 2.307   -0.895  -7.207  1.00 0.00 ? 6  DA A "O4'" 1 
ATOM 109  C "C3'" . DA A 1 6 ? 2.284   -1.684  -9.471  1.00 0.00 ? 6  DA A "C3'" 1 
ATOM 110  O "O3'" . DA A 1 6 ? 3.494   -2.285  -9.901  1.00 0.00 ? 6  DA A "O3'" 1 
ATOM 111  C "C2'" . DA A 1 6 ? 1.429   -2.566  -8.562  1.00 0.00 ? 6  DA A "C2'" 1 
ATOM 112  C "C1'" . DA A 1 6 ? 1.977   -2.271  -7.169  1.00 0.00 ? 6  DA A "C1'" 1 
ATOM 113  N N9    . DA A 1 6 ? 1.131   -2.611  -6.003  1.00 0.00 ? 6  DA A N9    1 
ATOM 114  C C8    . DA A 1 6 ? -0.180  -2.295  -5.775  1.00 0.00 ? 6  DA A C8    1 
ATOM 115  N N7    . DA A 1 6 ? -0.672  -2.749  -4.658  1.00 0.00 ? 6  DA A N7    1 
ATOM 116  C C5    . DA A 1 6 ? 0.427   -3.340  -4.054  1.00 0.00 ? 6  DA A C5    1 
ATOM 117  C C6    . DA A 1 6 ? 0.613   -3.919  -2.789  1.00 0.00 ? 6  DA A C6    1 
ATOM 118  N N6    . DA A 1 6 ? -0.386  -4.031  -1.919  1.00 0.00 ? 6  DA A N6    1 
ATOM 119  N N1    . DA A 1 6 ? 1.845   -4.283  -2.412  1.00 0.00 ? 6  DA A N1    1 
ATOM 120  C C2    . DA A 1 6 ? 2.850   -4.119  -3.265  1.00 0.00 ? 6  DA A C2    1 
ATOM 121  N N3    . DA A 1 6 ? 2.801   -3.619  -4.496  1.00 0.00 ? 6  DA A N3    1 
ATOM 122  C C4    . DA A 1 6 ? 1.546   -3.226  -4.837  1.00 0.00 ? 6  DA A C4    1 
ATOM 123  P P     . DT A 1 7 ? 3.557   -3.630  -10.780 1.00 0.00 ? 7  DT A P     1 
ATOM 124  O OP1   . DT A 1 7 ? 4.727   -3.543  -11.680 1.00 0.00 ? 7  DT A OP1   1 
ATOM 125  O OP2   . DT A 1 7 ? 2.214   -3.902  -11.342 1.00 0.00 ? 7  DT A OP2   1 
ATOM 126  O "O5'" . DT A 1 7 ? 3.868   -4.704  -9.628  1.00 0.00 ? 7  DT A "O5'" 1 
ATOM 127  C "C5'" . DT A 1 7 ? 5.083   -4.635  -8.905  1.00 0.00 ? 7  DT A "C5'" 1 
ATOM 128  C "C4'" . DT A 1 7 ? 5.111   -5.682  -7.791  1.00 0.00 ? 7  DT A "C4'" 1 
ATOM 129  O "O4'" . DT A 1 7 ? 4.079   -5.420  -6.850  1.00 0.00 ? 7  DT A "O4'" 1 
ATOM 130  C "C3'" . DT A 1 7 ? 4.936   -7.102  -8.345  1.00 0.00 ? 7  DT A "C3'" 1 
ATOM 131  O "O3'" . DT A 1 7 ? 6.079   -7.833  -7.919  1.00 0.00 ? 7  DT A "O3'" 1 
ATOM 132  C "C2'" . DT A 1 7 ? 3.649   -7.561  -7.659  1.00 0.00 ? 7  DT A "C2'" 1 
ATOM 133  C "C1'" . DT A 1 7 ? 3.530   -6.654  -6.445  1.00 0.00 ? 7  DT A "C1'" 1 
ATOM 134  N N1    . DT A 1 7 ? 2.166   -6.549  -5.871  1.00 0.00 ? 7  DT A N1    1 
ATOM 135  C C2    . DT A 1 7 ? 1.951   -6.953  -4.557  1.00 0.00 ? 7  DT A C2    1 
ATOM 136  O O2    . DT A 1 7 ? 2.826   -7.395  -3.822  1.00 0.00 ? 7  DT A O2    1 
ATOM 137  N N3    . DT A 1 7 ? 0.666   -6.810  -4.082  1.00 0.00 ? 7  DT A N3    1 
ATOM 138  C C4    . DT A 1 7 ? -0.428  -6.363  -4.780  1.00 0.00 ? 7  DT A C4    1 
ATOM 139  O O4    . DT A 1 7 ? -1.520  -6.298  -4.216  1.00 0.00 ? 7  DT A O4    1 
ATOM 140  C C5    . DT A 1 7 ? -0.119  -5.929  -6.131  1.00 0.00 ? 7  DT A C5    1 
ATOM 141  C C7    . DT A 1 7 ? -1.196  -5.317  -6.998  1.00 0.00 ? 7  DT A C7    1 
ATOM 142  C C6    . DT A 1 7 ? 1.148   -6.023  -6.612  1.00 0.00 ? 7  DT A C6    1 
ATOM 143  P P     . DG A 1 8 ? 6.277   -9.412  -8.167  1.00 0.00 ? 8  DG A P     1 
ATOM 144  O OP1   . DG A 1 8 ? 7.683   -9.665  -8.546  1.00 0.00 ? 8  DG A OP1   1 
ATOM 145  O OP2   . DG A 1 8 ? 5.185   -9.914  -9.027  1.00 0.00 ? 8  DG A OP2   1 
ATOM 146  O "O5'" . DG A 1 8 ? 6.057   -10.013 -6.690  1.00 0.00 ? 8  DG A "O5'" 1 
ATOM 147  C "C5'" . DG A 1 8 ? 6.963   -9.727  -5.639  1.00 0.00 ? 8  DG A "C5'" 1 
ATOM 148  C "C4'" . DG A 1 8 ? 6.502   -10.415 -4.347  1.00 0.00 ? 8  DG A "C4'" 1 
ATOM 149  O "O4'" . DG A 1 8 ? 5.235   -9.881  -3.997  1.00 0.00 ? 8  DG A "O4'" 1 
ATOM 150  C "C3'" . DG A 1 8 ? 6.326   -11.928 -4.551  1.00 0.00 ? 8  DG A "C3'" 1 
ATOM 151  O "O3'" . DG A 1 8 ? 6.778   -12.638 -3.418  1.00 0.00 ? 8  DG A "O3'" 1 
ATOM 152  C "C2'" . DG A 1 8 ? 4.815   -12.049 -4.668  1.00 0.00 ? 8  DG A "C2'" 1 
ATOM 153  C "C1'" . DG A 1 8 ? 4.363   -10.953 -3.710  1.00 0.00 ? 8  DG A "C1'" 1 
ATOM 154  N N9    . DG A 1 8 ? 2.964   -10.574 -3.966  1.00 0.00 ? 8  DG A N9    1 
ATOM 155  C C8    . DG A 1 8 ? 2.447   -10.198 -5.165  1.00 0.00 ? 8  DG A C8    1 
ATOM 156  N N7    . DG A 1 8 ? 1.182   -9.889  -5.146  1.00 0.00 ? 8  DG A N7    1 
ATOM 157  C C5    . DG A 1 8 ? 0.831   -10.089 -3.813  1.00 0.00 ? 8  DG A C5    1 
ATOM 158  C C6    . DG A 1 8 ? -0.423  -9.917  -3.161  1.00 0.00 ? 8  DG A C6    1 
ATOM 159  O O6    . DG A 1 8 ? -1.462  -9.464  -3.635  1.00 0.00 ? 8  DG A O6    1 
ATOM 160  N N1    . DG A 1 8 ? -0.405  -10.338 -1.840  1.00 0.00 ? 8  DG A N1    1 
ATOM 161  C C2    . DG A 1 8 ? 0.713   -10.818 -1.197  1.00 0.00 ? 8  DG A C2    1 
ATOM 162  N N2    . DG A 1 8 ? 0.593   -11.188 0.073   1.00 0.00 ? 8  DG A N2    1 
ATOM 163  N N3    . DG A 1 8 ? 1.911   -10.928 -1.783  1.00 0.00 ? 8  DG A N3    1 
ATOM 164  C C4    . DG A 1 8 ? 1.906   -10.549 -3.089  1.00 0.00 ? 8  DG A C4    1 
ATOM 165  O "O5'" . DC B 2 1 ? -7.821  -10.692 3.733   1.00 0.00 ? 9  DC B "O5'" 1 
ATOM 166  C "C5'" . DC B 2 1 ? -7.348  -11.929 4.223   1.00 0.00 ? 9  DC B "C5'" 1 
ATOM 167  C "C4'" . DC B 2 1 ? -5.833  -12.044 4.029   1.00 0.00 ? 9  DC B "C4'" 1 
ATOM 168  O "O4'" . DC B 2 1 ? -5.526  -11.973 2.644   1.00 0.00 ? 9  DC B "O4'" 1 
ATOM 169  C "C3'" . DC B 2 1 ? -5.064  -10.919 4.741   1.00 0.00 ? 9  DC B "C3'" 1 
ATOM 170  O "O3'" . DC B 2 1 ? -3.978  -11.486 5.451   1.00 0.00 ? 9  DC B "O3'" 1 
ATOM 171  C "C2'" . DC B 2 1 ? -4.599  -10.076 3.557   1.00 0.00 ? 9  DC B "C2'" 1 
ATOM 172  C "C1'" . DC B 2 1 ? -4.391  -11.140 2.497   1.00 0.00 ? 9  DC B "C1'" 1 
ATOM 173  N N1    . DC B 2 1 ? -4.314  -10.553 1.135   1.00 0.00 ? 9  DC B N1    1 
ATOM 174  C C2    . DC B 2 1 ? -3.083  -10.497 0.486   1.00 0.00 ? 9  DC B C2    1 
ATOM 175  O O2    . DC B 2 1 ? -2.063  -10.955 0.994   1.00 0.00 ? 9  DC B O2    1 
ATOM 176  N N3    . DC B 2 1 ? -3.009  -9.935  -0.753  1.00 0.00 ? 9  DC B N3    1 
ATOM 177  C C4    . DC B 2 1 ? -4.104  -9.432  -1.329  1.00 0.00 ? 9  DC B C4    1 
ATOM 178  N N4    . DC B 2 1 ? -3.984  -8.868  -2.524  1.00 0.00 ? 9  DC B N4    1 
ATOM 179  C C5    . DC B 2 1 ? -5.384  -9.476  -0.691  1.00 0.00 ? 9  DC B C5    1 
ATOM 180  C C6    . DC B 2 1 ? -5.436  -10.051 0.532   1.00 0.00 ? 9  DC B C6    1 
ATOM 181  P P     . DA B 2 2 ? -2.974  -10.589 6.337   1.00 0.00 ? 10 DA B P     1 
ATOM 182  O OP1   . DA B 2 2 ? -2.689  -11.322 7.587   1.00 0.00 ? 10 DA B OP1   1 
ATOM 183  O OP2   . DA B 2 2 ? -3.514  -9.211  6.399   1.00 0.00 ? 10 DA B OP2   1 
ATOM 184  O "O5'" . DA B 2 2 ? -1.629  -10.549 5.455   1.00 0.00 ? 10 DA B "O5'" 1 
ATOM 185  C "C5'" . DA B 2 2 ? -0.868  -11.721 5.214   1.00 0.00 ? 10 DA B "C5'" 1 
ATOM 186  C "C4'" . DA B 2 2 ? 0.483   -11.350 4.588   1.00 0.00 ? 10 DA B "C4'" 1 
ATOM 187  O "O4'" . DA B 2 2 ? 0.273   -10.757 3.316   1.00 0.00 ? 10 DA B "O4'" 1 
ATOM 188  C "C3'" . DA B 2 2 ? 1.221   -10.351 5.489   1.00 0.00 ? 10 DA B "C3'" 1 
ATOM 189  O "O3'" . DA B 2 2 ? 2.566   -10.794 5.548   1.00 0.00 ? 10 DA B "O3'" 1 
ATOM 190  C "C2'" . DA B 2 2 ? 1.023   -9.051  4.716   1.00 0.00 ? 10 DA B "C2'" 1 
ATOM 191  C "C1'" . DA B 2 2 ? 0.914   -9.497  3.266   1.00 0.00 ? 10 DA B "C1'" 1 
ATOM 192  N N9    . DA B 2 2 ? 0.103   -8.626  2.395   1.00 0.00 ? 10 DA B N9    1 
ATOM 193  C C8    . DA B 2 2 ? -1.206  -8.322  2.595   1.00 0.00 ? 10 DA B C8    1 
ATOM 194  N N7    . DA B 2 2 ? -1.812  -7.769  1.580   1.00 0.00 ? 10 DA B N7    1 
ATOM 195  C C5    . DA B 2 2 ? -0.799  -7.694  0.629   1.00 0.00 ? 10 DA B C5    1 
ATOM 196  C C6    . DA B 2 2 ? -0.765  -7.230  -0.697  1.00 0.00 ? 10 DA B C6    1 
ATOM 197  N N6    . DA B 2 2 ? -1.841  -6.793  -1.347  1.00 0.00 ? 10 DA B N6    1 
ATOM 198  N N1    . DA B 2 2 ? 0.406   -7.207  -1.343  1.00 0.00 ? 10 DA B N1    1 
ATOM 199  C C2    . DA B 2 2 ? 1.496   -7.659  -0.740  1.00 0.00 ? 10 DA B C2    1 
ATOM 200  N N3    . DA B 2 2 ? 1.588   -8.177  0.483   1.00 0.00 ? 10 DA B N3    1 
ATOM 201  C C4    . DA B 2 2 ? 0.388   -8.177  1.124   1.00 0.00 ? 10 DA B C4    1 
ATOM 202  P P     . DT B 2 3 ? 3.757   -9.929  6.194   1.00 0.00 ? 11 DT B P     1 
ATOM 203  O OP1   . DT B 2 3 ? 4.767   -10.854 6.756   1.00 0.00 ? 11 DT B OP1   1 
ATOM 204  O OP2   . DT B 2 3 ? 3.191   -8.848  7.030   1.00 0.00 ? 11 DT B OP2   1 
ATOM 205  O "O5'" . DT B 2 3 ? 4.373   -9.275  4.865   1.00 0.00 ? 11 DT B "O5'" 1 
ATOM 206  C "C5'" . DT B 2 3 ? 4.948   -10.106 3.872   1.00 0.00 ? 11 DT B "C5'" 1 
ATOM 207  C "C4'" . DT B 2 3 ? 5.523   -9.269  2.732   1.00 0.00 ? 11 DT B "C4'" 1 
ATOM 208  O "O4'" . DT B 2 3 ? 4.474   -8.540  2.126   1.00 0.00 ? 11 DT B "O4'" 1 
ATOM 209  C "C3'" . DT B 2 3 ? 6.587   -8.287  3.241   1.00 0.00 ? 11 DT B "C3'" 1 
ATOM 210  O "O3'" . DT B 2 3 ? 7.787   -8.549  2.532   1.00 0.00 ? 11 DT B "O3'" 1 
ATOM 211  C "C2'" . DT B 2 3 ? 5.982   -6.922  2.915   1.00 0.00 ? 11 DT B "C2'" 1 
ATOM 212  C "C1'" . DT B 2 3 ? 4.939   -7.240  1.843   1.00 0.00 ? 11 DT B "C1'" 1 
ATOM 213  N N1    . DT B 2 3 ? 3.831   -6.287  1.637   1.00 0.00 ? 11 DT B N1    1 
ATOM 214  C C2    . DT B 2 3 ? 3.636   -5.679  0.397   1.00 0.00 ? 11 DT B C2    1 
ATOM 215  O O2    . DT B 2 3 ? 4.440   -5.720  -0.526  1.00 0.00 ? 11 DT B O2    1 
ATOM 216  N N3    . DT B 2 3 ? 2.450   -4.991  0.235   1.00 0.00 ? 11 DT B N3    1 
ATOM 217  C C4    . DT B 2 3 ? 1.433   -4.898  1.157   1.00 0.00 ? 11 DT B C4    1 
ATOM 218  O O4    . DT B 2 3 ? 0.366   -4.372  0.845   1.00 0.00 ? 11 DT B O4    1 
ATOM 219  C C5    . DT B 2 3 ? 1.736   -5.520  2.431   1.00 0.00 ? 11 DT B C5    1 
ATOM 220  C C7    . DT B 2 3 ? 0.769   -5.401  3.577   1.00 0.00 ? 11 DT B C7    1 
ATOM 221  C C6    . DT B 2 3 ? 2.891   -6.199  2.606   1.00 0.00 ? 11 DT B C6    1 
ATOM 222  P P     . DT B 2 4 ? 9.148   -7.724  2.781   1.00 0.00 ? 12 DT B P     1 
ATOM 223  O OP1   . DT B 2 4 ? 10.286  -8.575  2.366   1.00 0.00 ? 12 DT B OP1   1 
ATOM 224  O OP2   . DT B 2 4 ? 9.118   -7.158  4.147   1.00 0.00 ? 12 DT B OP2   1 
ATOM 225  O "O5'" . DT B 2 4 ? 9.002   -6.522  1.724   1.00 0.00 ? 12 DT B "O5'" 1 
ATOM 226  C "C5'" . DT B 2 4 ? 9.035   -6.781  0.334   1.00 0.00 ? 12 DT B "C5'" 1 
ATOM 227  C "C4'" . DT B 2 4 ? 8.745   -5.517  -0.482  1.00 0.00 ? 12 DT B "C4'" 1 
ATOM 228  O "O4'" . DT B 2 4 ? 7.392   -5.115  -0.353  1.00 0.00 ? 12 DT B "O4'" 1 
ATOM 229  C "C3'" . DT B 2 4 ? 9.631   -4.321  -0.105  1.00 0.00 ? 12 DT B "C3'" 1 
ATOM 230  O "O3'" . DT B 2 4 ? 10.347  -3.938  -1.268  1.00 0.00 ? 12 DT B "O3'" 1 
ATOM 231  C "C2'" . DT B 2 4 ? 8.614   -3.266  0.338   1.00 0.00 ? 12 DT B "C2'" 1 
ATOM 232  C "C1'" . DT B 2 4 ? 7.348   -3.702  -0.389  1.00 0.00 ? 12 DT B "C1'" 1 
ATOM 233  N N1    . DT B 2 4 ? 6.071   -3.168  0.125   1.00 0.00 ? 12 DT B N1    1 
ATOM 234  C C2    . DT B 2 4 ? 5.182   -2.519  -0.733  1.00 0.00 ? 12 DT B C2    1 
ATOM 235  O O2    . DT B 2 4 ? 5.430   -2.237  -1.900  1.00 0.00 ? 12 DT B O2    1 
ATOM 236  N N3    . DT B 2 4 ? 3.962   -2.171  -0.192  1.00 0.00 ? 12 DT B N3    1 
ATOM 237  C C4    . DT B 2 4 ? 3.562   -2.370  1.107   1.00 0.00 ? 12 DT B C4    1 
ATOM 238  O O4    . DT B 2 4 ? 2.429   -2.044  1.459   1.00 0.00 ? 12 DT B O4    1 
ATOM 239  C C5    . DT B 2 4 ? 4.549   -3.036  1.932   1.00 0.00 ? 12 DT B C5    1 
ATOM 240  C C7    . DT B 2 4 ? 4.273   -3.351  3.375   1.00 0.00 ? 12 DT B C7    1 
ATOM 241  C C6    . DT B 2 4 ? 5.735   -3.423  1.413   1.00 0.00 ? 12 DT B C6    1 
ATOM 242  P P     . DA B 2 5 ? 11.410  -2.729  -1.280  1.00 0.00 ? 13 DA B P     1 
ATOM 243  O OP1   . DA B 2 5 ? 12.505  -3.089  -2.207  1.00 0.00 ? 13 DA B OP1   1 
ATOM 244  O OP2   . DA B 2 5 ? 11.727  -2.368  0.119   1.00 0.00 ? 13 DA B OP2   1 
ATOM 245  O "O5'" . DA B 2 5 ? 10.556  -1.533  -1.931  1.00 0.00 ? 13 DA B "O5'" 1 
ATOM 246  C "C5'" . DA B 2 5 ? 10.237  -1.534  -3.311  1.00 0.00 ? 13 DA B "C5'" 1 
ATOM 247  C "C4'" . DA B 2 5 ? 9.483   -0.253  -3.680  1.00 0.00 ? 13 DA B "C4'" 1 
ATOM 248  O "O4'" . DA B 2 5 ? 8.198   -0.256  -3.091  1.00 0.00 ? 13 DA B "O4'" 1 
ATOM 249  C "C3'" . DA B 2 5 ? 10.243  1.001   -3.231  1.00 0.00 ? 13 DA B "C3'" 1 
ATOM 250  O "O3'" . DA B 2 5 ? 10.294  1.854   -4.363  1.00 0.00 ? 13 DA B "O3'" 1 
ATOM 251  C "C2'" . DA B 2 5 ? 9.362   1.507   -2.088  1.00 0.00 ? 13 DA B "C2'" 1 
ATOM 252  C "C1'" . DA B 2 5 ? 7.981   0.989   -2.470  1.00 0.00 ? 13 DA B "C1'" 1 
ATOM 253  N N9    . DA B 2 5 ? 7.008   0.855   -1.377  1.00 0.00 ? 13 DA B N9    1 
ATOM 254  C C8    . DA B 2 5 ? 7.208   0.176   -0.223  1.00 0.00 ? 13 DA B C8    1 
ATOM 255  N N7    . DA B 2 5 ? 6.190   0.143   0.591   1.00 0.00 ? 13 DA B N7    1 
ATOM 256  C C5    . DA B 2 5 ? 5.209   0.815   -0.134  1.00 0.00 ? 13 DA B C5    1 
ATOM 257  C C6    . DA B 2 5 ? 3.852   1.074   0.115   1.00 0.00 ? 13 DA B C6    1 
ATOM 258  N N6    . DA B 2 5 ? 3.273   0.709   1.254   1.00 0.00 ? 13 DA B N6    1 
ATOM 259  N N1    . DA B 2 5 ? 3.104   1.658   -0.833  1.00 0.00 ? 13 DA B N1    1 
ATOM 260  C C2    . DA B 2 5 ? 3.694   2.002   -1.976  1.00 0.00 ? 13 DA B C2    1 
ATOM 261  N N3    . DA B 2 5 ? 4.965   1.840   -2.328  1.00 0.00 ? 13 DA B N3    1 
ATOM 262  C C4    . DA B 2 5 ? 5.680   1.218   -1.357  1.00 0.00 ? 13 DA B C4    1 
ATOM 263  P P     . DT B 2 6 ? 10.813  3.373   -4.314  1.00 0.00 ? 14 DT B P     1 
ATOM 264  O OP1   . DT B 2 6 ? 11.476  3.698   -5.596  1.00 0.00 ? 14 DT B OP1   1 
ATOM 265  O OP2   . DT B 2 6 ? 11.512  3.620   -3.033  1.00 0.00 ? 14 DT B OP2   1 
ATOM 266  O "O5'" . DT B 2 6 ? 9.405   4.139   -4.276  1.00 0.00 ? 14 DT B "O5'" 1 
ATOM 267  C "C5'" . DT B 2 6 ? 8.513   4.060   -5.377  1.00 0.00 ? 14 DT B "C5'" 1 
ATOM 268  C "C4'" . DT B 2 6 ? 7.300   4.958   -5.135  1.00 0.00 ? 14 DT B "C4'" 1 
ATOM 269  O "O4'" . DT B 2 6 ? 6.605   4.430   -4.019  1.00 0.00 ? 14 DT B "O4'" 1 
ATOM 270  C "C3'" . DT B 2 6 ? 7.778   6.380   -4.806  1.00 0.00 ? 14 DT B "C3'" 1 
ATOM 271  O "O3'" . DT B 2 6 ? 7.046   7.269   -5.638  1.00 0.00 ? 14 DT B "O3'" 1 
ATOM 272  C "C2'" . DT B 2 6 ? 7.397   6.515   -3.339  1.00 0.00 ? 14 DT B "C2'" 1 
ATOM 273  C "C1'" . DT B 2 6 ? 6.287   5.482   -3.136  1.00 0.00 ? 14 DT B "C1'" 1 
ATOM 274  N N1    . DT B 2 6 ? 6.091   4.984   -1.755  1.00 0.00 ? 14 DT B N1    1 
ATOM 275  C C2    . DT B 2 6 ? 4.810   4.921   -1.212  1.00 0.00 ? 14 DT B C2    1 
ATOM 276  O O2    . DT B 2 6 ? 3.800   5.306   -1.791  1.00 0.00 ? 14 DT B O2    1 
ATOM 277  N N3    . DT B 2 6 ? 4.710   4.388   0.055   1.00 0.00 ? 14 DT B N3    1 
ATOM 278  C C4    . DT B 2 6 ? 5.744   3.935   0.836   1.00 0.00 ? 14 DT B C4    1 
ATOM 279  O O4    . DT B 2 6 ? 5.508   3.480   1.954   1.00 0.00 ? 14 DT B O4    1 
ATOM 280  C C5    . DT B 2 6 ? 7.042   4.003   0.191   1.00 0.00 ? 14 DT B C5    1 
ATOM 281  C C7    . DT B 2 6 ? 8.270   3.539   0.936   1.00 0.00 ? 14 DT B C7    1 
ATOM 282  C C6    . DT B 2 6 ? 7.159   4.499   -1.066  1.00 0.00 ? 14 DT B C6    1 
ATOM 283  P P     . DA B 2 7 ? 7.093   8.876   -5.484  1.00 0.00 ? 15 DA B P     1 
ATOM 284  O OP1   . DA B 2 7 ? 6.805   9.471   -6.808  1.00 0.00 ? 15 DA B OP1   1 
ATOM 285  O OP2   . DA B 2 7 ? 8.330   9.250   -4.762  1.00 0.00 ? 15 DA B OP2   1 
ATOM 286  O "O5'" . DA B 2 7 ? 5.828   9.144   -4.522  1.00 0.00 ? 15 DA B "O5'" 1 
ATOM 287  C "C5'" . DA B 2 7 ? 4.522   8.873   -4.990  1.00 0.00 ? 15 DA B "C5'" 1 
ATOM 288  C "C4'" . DA B 2 7 ? 3.449   9.076   -3.916  1.00 0.00 ? 15 DA B "C4'" 1 
ATOM 289  O "O4'" . DA B 2 7 ? 3.576   8.160   -2.844  1.00 0.00 ? 15 DA B "O4'" 1 
ATOM 290  C "C3'" . DA B 2 7 ? 3.346   10.504  -3.359  1.00 0.00 ? 15 DA B "C3'" 1 
ATOM 291  O "O3'" . DA B 2 7 ? 1.992   10.913  -3.498  1.00 0.00 ? 15 DA B "O3'" 1 
ATOM 292  C "C2'" . DA B 2 7 ? 3.740   10.276  -1.907  1.00 0.00 ? 15 DA B "C2'" 1 
ATOM 293  C "C1'" . DA B 2 7 ? 3.285   8.845   -1.647  1.00 0.00 ? 15 DA B "C1'" 1 
ATOM 294  N N9    . DA B 2 7 ? 3.954   8.240   -0.493  1.00 0.00 ? 15 DA B N9    1 
ATOM 295  C C8    . DA B 2 7 ? 5.288   8.079   -0.355  1.00 0.00 ? 15 DA B C8    1 
ATOM 296  N N7    . DA B 2 7 ? 5.672   7.529   0.763   1.00 0.00 ? 15 DA B N7    1 
ATOM 297  C C5    . DA B 2 7 ? 4.459   7.287   1.403   1.00 0.00 ? 15 DA B C5    1 
ATOM 298  C C6    . DA B 2 7 ? 4.127   6.689   2.630   1.00 0.00 ? 15 DA B C6    1 
ATOM 299  N N6    . DA B 2 7 ? 5.079   6.238   3.439   1.00 0.00 ? 15 DA B N6    1 
ATOM 300  N N1    . DA B 2 7 ? 2.831   6.550   2.979   1.00 0.00 ? 15 DA B N1    1 
ATOM 301  C C2    . DA B 2 7 ? 1.918   7.017   2.132   1.00 0.00 ? 15 DA B C2    1 
ATOM 302  N N3    . DA B 2 7 ? 2.091   7.612   0.961   1.00 0.00 ? 15 DA B N3    1 
ATOM 303  C C4    . DA B 2 7 ? 3.402   7.708   0.643   1.00 0.00 ? 15 DA B C4    1 
ATOM 304  P P     . DC B 2 8 ? 1.409   12.295  -2.903  1.00 0.00 ? 16 DC B P     1 
ATOM 305  O OP1   . DC B 2 8 ? 0.430   12.842  -3.868  1.00 0.00 ? 16 DC B OP1   1 
ATOM 306  O OP2   . DC B 2 8 ? 2.531   13.138  -2.440  1.00 0.00 ? 16 DC B OP2   1 
ATOM 307  O "O5'" . DC B 2 8 ? 0.596   11.798  -1.606  1.00 0.00 ? 16 DC B "O5'" 1 
ATOM 308  C "C5'" . DC B 2 8 ? -0.529  10.944  -1.741  1.00 0.00 ? 16 DC B "C5'" 1 
ATOM 309  C "C4'" . DC B 2 8 ? -1.120  10.602  -0.369  1.00 0.00 ? 16 DC B "C4'" 1 
ATOM 310  O "O4'" . DC B 2 8 ? -0.098  9.998   0.403   1.00 0.00 ? 16 DC B "O4'" 1 
ATOM 311  C "C3'" . DC B 2 8 ? -1.604  11.838  0.402   1.00 0.00 ? 16 DC B "C3'" 1 
ATOM 312  O "O3'" . DC B 2 8 ? -2.856  11.583  1.004   1.00 0.00 ? 16 DC B "O3'" 1 
ATOM 313  C "C2'" . DC B 2 8 ? -0.551  12.006  1.488   1.00 0.00 ? 16 DC B "C2'" 1 
ATOM 314  C "C1'" . DC B 2 8 ? -0.111  10.557  1.700   1.00 0.00 ? 16 DC B "C1'" 1 
ATOM 315  N N1    . DC B 2 8 ? 1.253   10.470  2.278   1.00 0.00 ? 16 DC B N1    1 
ATOM 316  C C2    . DC B 2 8 ? 1.453   9.874   3.520   1.00 0.00 ? 16 DC B C2    1 
ATOM 317  O O2    . DC B 2 8 ? 0.510   9.530   4.225   1.00 0.00 ? 16 DC B O2    1 
ATOM 318  N N3    . DC B 2 8 ? 2.729   9.672   3.962   1.00 0.00 ? 16 DC B N3    1 
ATOM 319  C C4    . DC B 2 8 ? 3.769   10.061  3.215   1.00 0.00 ? 16 DC B C4    1 
ATOM 320  N N4    . DC B 2 8 ? 4.993   9.757   3.628   1.00 0.00 ? 16 DC B N4    1 
ATOM 321  C C5    . DC B 2 8 ? 3.594   10.706  1.951   1.00 0.00 ? 16 DC B C5    1 
ATOM 322  C C6    . DC B 2 8 ? 2.319   10.879  1.531   1.00 0.00 ? 16 DC B C6    1 
ATOM 323  O "O5'" . DG A 1 1 ? 3.720   2.795   13.968  1.00 0.00 ? 1  DG A "O5'" 2 
ATOM 324  C "C5'" . DG A 1 1 ? 2.784   3.461   14.792  1.00 0.00 ? 1  DG A "C5'" 2 
ATOM 325  C "C4'" . DG A 1 1 ? 1.688   4.129   13.955  1.00 0.00 ? 1  DG A "C4'" 2 
ATOM 326  O "O4'" . DG A 1 1 ? 2.268   5.080   13.072  1.00 0.00 ? 1  DG A "O4'" 2 
ATOM 327  C "C3'" . DG A 1 1 ? 0.888   3.121   13.115  1.00 0.00 ? 1  DG A "C3'" 2 
ATOM 328  O "O3'" . DG A 1 1 ? -0.491  3.374   13.309  1.00 0.00 ? 1  DG A "O3'" 2 
ATOM 329  C "C2'" . DG A 1 1 ? 1.360   3.460   11.703  1.00 0.00 ? 1  DG A "C2'" 2 
ATOM 330  C "C1'" . DG A 1 1 ? 1.642   4.951   11.810  1.00 0.00 ? 1  DG A "C1'" 2 
ATOM 331  N N9    . DG A 1 1 ? 2.534   5.408   10.725  1.00 0.00 ? 1  DG A N9    2 
ATOM 332  C C8    . DG A 1 1 ? 3.880   5.202   10.614  1.00 0.00 ? 1  DG A C8    2 
ATOM 333  N N7    . DG A 1 1 ? 4.406   5.667   9.514   1.00 0.00 ? 1  DG A N7    2 
ATOM 334  C C5    . DG A 1 1 ? 3.328   6.252   8.854   1.00 0.00 ? 1  DG A C5    2 
ATOM 335  C C6    . DG A 1 1 ? 3.269   6.951   7.610   1.00 0.00 ? 1  DG A C6    2 
ATOM 336  O O6    . DG A 1 1 ? 4.177   7.135   6.803   1.00 0.00 ? 1  DG A O6    2 
ATOM 337  N N1    . DG A 1 1 ? 2.013   7.479   7.344   1.00 0.00 ? 1  DG A N1    2 
ATOM 338  C C2    . DG A 1 1 ? 0.924   7.320   8.168   1.00 0.00 ? 1  DG A C2    2 
ATOM 339  N N2    . DG A 1 1 ? -0.236  7.854   7.802   1.00 0.00 ? 1  DG A N2    2 
ATOM 340  N N3    . DG A 1 1 ? 0.958   6.628   9.309   1.00 0.00 ? 1  DG A N3    2 
ATOM 341  C C4    . DG A 1 1 ? 2.185   6.127   9.605   1.00 0.00 ? 1  DG A C4    2 
ATOM 342  P P     . DT A 1 2 ? -1.641  2.513   12.581  1.00 0.00 ? 2  DT A P     2 
ATOM 343  O OP1   . DT A 1 2 ? -2.771  2.348   13.519  1.00 0.00 ? 2  DT A OP1   2 
ATOM 344  O OP2   . DT A 1 2 ? -1.021  1.325   11.953  1.00 0.00 ? 2  DT A OP2   2 
ATOM 345  O "O5'" . DT A 1 2 ? -2.096  3.508   11.407  1.00 0.00 ? 2  DT A "O5'" 2 
ATOM 346  C "C5'" . DT A 1 2 ? -2.641  4.783   11.699  1.00 0.00 ? 2  DT A "C5'" 2 
ATOM 347  C "C4'" . DT A 1 2 ? -3.110  5.450   10.404  1.00 0.00 ? 2  DT A "C4'" 2 
ATOM 348  O "O4'" . DT A 1 2 ? -2.009  5.597   9.530   1.00 0.00 ? 2  DT A "O4'" 2 
ATOM 349  C "C3'" . DT A 1 2 ? -4.189  4.614   9.703   1.00 0.00 ? 2  DT A "C3'" 2 
ATOM 350  O "O3'" . DT A 1 2 ? -5.258  5.470   9.345   1.00 0.00 ? 2  DT A "O3'" 2 
ATOM 351  C "C2'" . DT A 1 2 ? -3.434  4.066   8.498   1.00 0.00 ? 2  DT A "C2'" 2 
ATOM 352  C "C1'" . DT A 1 2 ? -2.383  5.131   8.255   1.00 0.00 ? 2  DT A "C1'" 2 
ATOM 353  N N1    . DT A 1 2 ? -1.185  4.646   7.529   1.00 0.00 ? 2  DT A N1    2 
ATOM 354  C C2    . DT A 1 2 ? -0.816  5.250   6.328   1.00 0.00 ? 2  DT A C2    2 
ATOM 355  O O2    . DT A 1 2 ? -1.520  6.053   5.723   1.00 0.00 ? 2  DT A O2    2 
ATOM 356  N N3    . DT A 1 2 ? 0.430   4.916   5.836   1.00 0.00 ? 2  DT A N3    2 
ATOM 357  C C4    . DT A 1 2 ? 1.310   4.018   6.397   1.00 0.00 ? 2  DT A C4    2 
ATOM 358  O O4    . DT A 1 2 ? 2.415   3.848   5.891   1.00 0.00 ? 2  DT A O4    2 
ATOM 359  C C5    . DT A 1 2 ? 0.815   3.360   7.590   1.00 0.00 ? 2  DT A C5    2 
ATOM 360  C C7    . DT A 1 2 ? 1.637   2.273   8.244   1.00 0.00 ? 2  DT A C7    2 
ATOM 361  C C6    . DT A 1 2 ? -0.382  3.705   8.117   1.00 0.00 ? 2  DT A C6    2 
ATOM 362  P P     . DA A 1 3 ? -6.574  4.936   8.589   1.00 0.00 ? 3  DA A P     2 
ATOM 363  O OP1   . DA A 1 3 ? -7.741  5.709   9.066   1.00 0.00 ? 3  DA A OP1   2 
ATOM 364  O OP2   . DA A 1 3 ? -6.602  3.457   8.646   1.00 0.00 ? 3  DA A OP2   2 
ATOM 365  O "O5'" . DA A 1 3 ? -6.273  5.367   7.071   1.00 0.00 ? 3  DA A "O5'" 2 
ATOM 366  C "C5'" . DA A 1 3 ? -6.193  6.734   6.707   1.00 0.00 ? 3  DA A "C5'" 2 
ATOM 367  C "C4'" . DA A 1 3 ? -6.058  6.876   5.188   1.00 0.00 ? 3  DA A "C4'" 2 
ATOM 368  O "O4'" . DA A 1 3 ? -4.790  6.409   4.766   1.00 0.00 ? 3  DA A "O4'" 2 
ATOM 369  C "C3'" . DA A 1 3 ? -7.145  6.080   4.456   1.00 0.00 ? 3  DA A "C3'" 2 
ATOM 370  O "O3'" . DA A 1 3 ? -7.715  6.962   3.504   1.00 0.00 ? 3  DA A "O3'" 2 
ATOM 371  C "C2'" . DA A 1 3 ? -6.347  4.916   3.866   1.00 0.00 ? 3  DA A "C2'" 2 
ATOM 372  C "C1'" . DA A 1 3 ? -4.953  5.514   3.688   1.00 0.00 ? 3  DA A "C1'" 2 
ATOM 373  N N9    . DA A 1 3 ? -3.814  4.584   3.705   1.00 0.00 ? 3  DA A N9    2 
ATOM 374  C C8    . DA A 1 3 ? -3.523  3.719   4.708   1.00 0.00 ? 3  DA A C8    2 
ATOM 375  N N7    . DA A 1 3 ? -2.351  3.154   4.640   1.00 0.00 ? 3  DA A N7    2 
ATOM 376  C C5    . DA A 1 3 ? -1.804  3.734   3.497   1.00 0.00 ? 3  DA A C5    2 
ATOM 377  C C6    . DA A 1 3 ? -0.541  3.637   2.888   1.00 0.00 ? 3  DA A C6    2 
ATOM 378  N N6    . DA A 1 3 ? 0.426   2.896   3.418   1.00 0.00 ? 3  DA A N6    2 
ATOM 379  N N1    . DA A 1 3 ? -0.279  4.357   1.785   1.00 0.00 ? 3  DA A N1    2 
ATOM 380  C C2    . DA A 1 3 ? -1.235  5.152   1.314   1.00 0.00 ? 3  DA A C2    2 
ATOM 381  N N3    . DA A 1 3 ? -2.452  5.360   1.805   1.00 0.00 ? 3  DA A N3    2 
ATOM 382  C C4    . DA A 1 3 ? -2.681  4.615   2.918   1.00 0.00 ? 3  DA A C4    2 
ATOM 383  P P     . DT A 1 4 ? -8.761  6.501   2.378   1.00 0.00 ? 4  DT A P     2 
ATOM 384  O OP1   . DT A 1 4 ? -9.625  7.651   2.031   1.00 0.00 ? 4  DT A OP1   2 
ATOM 385  O OP2   . DT A 1 4 ? -9.367  5.208   2.768   1.00 0.00 ? 4  DT A OP2   2 
ATOM 386  O "O5'" . DT A 1 4 ? -7.745  6.248   1.163   1.00 0.00 ? 4  DT A "O5'" 2 
ATOM 387  C "C5'" . DT A 1 4 ? -6.969  7.314   0.646   1.00 0.00 ? 4  DT A "C5'" 2 
ATOM 388  C "C4'" . DT A 1 4 ? -6.114  6.824   -0.520  1.00 0.00 ? 4  DT A "C4'" 2 
ATOM 389  O "O4'" . DT A 1 4 ? -5.134  5.915   -0.049  1.00 0.00 ? 4  DT A "O4'" 2 
ATOM 390  C "C3'" . DT A 1 4 ? -6.990  6.114   -1.559  1.00 0.00 ? 4  DT A "C3'" 2 
ATOM 391  O "O3'" . DT A 1 4 ? -6.740  6.806   -2.775  1.00 0.00 ? 4  DT A "O3'" 2 
ATOM 392  C "C2'" . DT A 1 4 ? -6.452  4.680   -1.520  1.00 0.00 ? 4  DT A "C2'" 2 
ATOM 393  C "C1'" . DT A 1 4 ? -5.045  4.824   -0.941  1.00 0.00 ? 4  DT A "C1'" 2 
ATOM 394  N N1    . DT A 1 4 ? -4.414  3.650   -0.273  1.00 0.00 ? 4  DT A N1    2 
ATOM 395  C C2    . DT A 1 4 ? -3.083  3.350   -0.564  1.00 0.00 ? 4  DT A C2    2 
ATOM 396  O O2    . DT A 1 4 ? -2.439  3.877   -1.463  1.00 0.00 ? 4  DT A O2    2 
ATOM 397  N N3    . DT A 1 4 ? -2.470  2.405   0.235   1.00 0.00 ? 4  DT A N3    2 
ATOM 398  C C4    . DT A 1 4 ? -3.052  1.720   1.271   1.00 0.00 ? 4  DT A C4    2 
ATOM 399  O O4    . DT A 1 4 ? -2.375  0.958   1.957   1.00 0.00 ? 4  DT A O4    2 
ATOM 400  C C5    . DT A 1 4 ? -4.452  2.033   1.479   1.00 0.00 ? 4  DT A C5    2 
ATOM 401  C C7    . DT A 1 4 ? -5.220  1.269   2.537   1.00 0.00 ? 4  DT A C7    2 
ATOM 402  C C6    . DT A 1 4 ? -5.064  2.990   0.734   1.00 0.00 ? 4  DT A C6    2 
ATOM 403  P P     . DA A 1 5 ? -7.153  6.257   -4.224  1.00 0.00 ? 5  DA A P     2 
ATOM 404  O OP1   . DA A 1 5 ? -7.252  7.411   -5.145  1.00 0.00 ? 5  DA A OP1   2 
ATOM 405  O OP2   . DA A 1 5 ? -8.294  5.325   -4.085  1.00 0.00 ? 5  DA A OP2   2 
ATOM 406  O "O5'" . DA A 1 5 ? -5.835  5.418   -4.602  1.00 0.00 ? 5  DA A "O5'" 2 
ATOM 407  C "C5'" . DA A 1 5 ? -4.579  6.063   -4.709  1.00 0.00 ? 5  DA A "C5'" 2 
ATOM 408  C "C4'" . DA A 1 5 ? -3.520  5.126   -5.300  1.00 0.00 ? 5  DA A "C4'" 2 
ATOM 409  O "O4'" . DA A 1 5 ? -3.156  4.116   -4.373  1.00 0.00 ? 5  DA A "O4'" 2 
ATOM 410  C "C3'" . DA A 1 5 ? -4.066  4.452   -6.560  1.00 0.00 ? 5  DA A "C3'" 2 
ATOM 411  O "O3'" . DA A 1 5 ? -3.060  4.581   -7.547  1.00 0.00 ? 5  DA A "O3'" 2 
ATOM 412  C "C2'" . DA A 1 5 ? -4.290  3.021   -6.073  1.00 0.00 ? 5  DA A "C2'" 2 
ATOM 413  C "C1'" . DA A 1 5 ? -3.231  2.841   -4.986  1.00 0.00 ? 5  DA A "C1'" 2 
ATOM 414  N N9    . DA A 1 5 ? -3.455  1.814   -3.939  1.00 0.00 ? 5  DA A N9    2 
ATOM 415  C C8    . DA A 1 5 ? -4.609  1.521   -3.274  1.00 0.00 ? 5  DA A C8    2 
ATOM 416  N N7    . DA A 1 5 ? -4.473  0.794   -2.199  1.00 0.00 ? 5  DA A N7    2 
ATOM 417  C C5    . DA A 1 5 ? -3.117  0.497   -2.212  1.00 0.00 ? 5  DA A C5    2 
ATOM 418  C C6    . DA A 1 5 ? -2.311  -0.313  -1.395  1.00 0.00 ? 5  DA A C6    2 
ATOM 419  N N6    . DA A 1 5 ? -2.764  -0.924  -0.301  1.00 0.00 ? 5  DA A N6    2 
ATOM 420  N N1    . DA A 1 5 ? -1.057  -0.570  -1.783  1.00 0.00 ? 5  DA A N1    2 
ATOM 421  C C2    . DA A 1 5 ? -0.595  -0.006  -2.891  1.00 0.00 ? 5  DA A C2    2 
ATOM 422  N N3    . DA A 1 5 ? -1.220  0.838   -3.701  1.00 0.00 ? 5  DA A N3    2 
ATOM 423  C C4    . DA A 1 5 ? -2.500  1.054   -3.304  1.00 0.00 ? 5  DA A C4    2 
ATOM 424  P P     . DA A 1 6 ? -3.156  3.875   -8.981  1.00 0.00 ? 6  DA A P     2 
ATOM 425  O OP1   . DA A 1 6 ? -2.284  4.607   -9.925  1.00 0.00 ? 6  DA A OP1   2 
ATOM 426  O OP2   . DA A 1 6 ? -4.580  3.647   -9.313  1.00 0.00 ? 6  DA A OP2   2 
ATOM 427  O "O5'" . DA A 1 6 ? -2.478  2.458   -8.640  1.00 0.00 ? 6  DA A "O5'" 2 
ATOM 428  C "C5'" . DA A 1 6 ? -1.106  2.375   -8.304  1.00 0.00 ? 6  DA A "C5'" 2 
ATOM 429  C "C4'" . DA A 1 6 ? -0.677  0.916   -8.120  1.00 0.00 ? 6  DA A "C4'" 2 
ATOM 430  O "O4'" . DA A 1 6 ? -1.067  0.381   -6.862  1.00 0.00 ? 6  DA A "O4'" 2 
ATOM 431  C "C3'" . DA A 1 6 ? -1.218  0.004   -9.229  1.00 0.00 ? 6  DA A "C3'" 2 
ATOM 432  O "O3'" . DA A 1 6 ? -0.095  -0.625  -9.828  1.00 0.00 ? 6  DA A "O3'" 2 
ATOM 433  C "C2'" . DA A 1 6 ? -2.153  -0.925  -8.448  1.00 0.00 ? 6  DA A "C2'" 2 
ATOM 434  C "C1'" . DA A 1 6 ? -1.562  -0.933  -7.042  1.00 0.00 ? 6  DA A "C1'" 2 
ATOM 435  N N9    . DA A 1 6 ? -2.440  -1.341  -5.921  1.00 0.00 ? 6  DA A N9    2 
ATOM 436  C C8    . DA A 1 6 ? -3.681  -0.867  -5.595  1.00 0.00 ? 6  DA A C8    2 
ATOM 437  N N7    . DA A 1 6 ? -4.214  -1.400  -4.531  1.00 0.00 ? 6  DA A N7    2 
ATOM 438  C C5    . DA A 1 6 ? -3.206  -2.231  -4.062  1.00 0.00 ? 6  DA A C5    2 
ATOM 439  C C6    . DA A 1 6 ? -3.081  -3.005  -2.896  1.00 0.00 ? 6  DA A C6    2 
ATOM 440  N N6    . DA A 1 6 ? -4.058  -3.085  -1.997  1.00 0.00 ? 6  DA A N6    2 
ATOM 441  N N1    . DA A 1 6 ? -1.912  -3.606  -2.633  1.00 0.00 ? 6  DA A N1    2 
ATOM 442  C C2    . DA A 1 6 ? -0.921  -3.476  -3.507  1.00 0.00 ? 6  DA A C2    2 
ATOM 443  N N3    . DA A 1 6 ? -0.920  -2.805  -4.653  1.00 0.00 ? 6  DA A N3    2 
ATOM 444  C C4    . DA A 1 6 ? -2.104  -2.176  -4.874  1.00 0.00 ? 6  DA A C4    2 
ATOM 445  P P     . DT A 1 7 ? -0.208  -1.806  -10.915 1.00 0.00 ? 7  DT A P     2 
ATOM 446  O OP1   . DT A 1 7 ? 1.016   -1.794  -11.749 1.00 0.00 ? 7  DT A OP1   2 
ATOM 447  O OP2   . DT A 1 7 ? -1.538  -1.757  -11.562 1.00 0.00 ? 7  DT A OP2   2 
ATOM 448  O "O5'" . DT A 1 7 ? -0.144  -3.085  -9.946  1.00 0.00 ? 7  DT A "O5'" 2 
ATOM 449  C "C5'" . DT A 1 7 ? 1.029   -3.326  -9.192  1.00 0.00 ? 7  DT A "C5'" 2 
ATOM 450  C "C4'" . DT A 1 7 ? 0.900   -4.548  -8.283  1.00 0.00 ? 7  DT A "C4'" 2 
ATOM 451  O "O4'" . DT A 1 7 ? -0.062  -4.348  -7.266  1.00 0.00 ? 7  DT A "O4'" 2 
ATOM 452  C "C3'" . DT A 1 7 ? 0.555   -5.826  -9.058  1.00 0.00 ? 7  DT A "C3'" 2 
ATOM 453  O "O3'" . DT A 1 7 ? 1.660   -6.696  -8.849  1.00 0.00 ? 7  DT A "O3'" 2 
ATOM 454  C "C2'" . DT A 1 7 ? -0.734  -6.281  -8.373  1.00 0.00 ? 7  DT A "C2'" 2 
ATOM 455  C "C1'" . DT A 1 7 ? -0.709  -5.578  -7.023  1.00 0.00 ? 7  DT A "C1'" 2 
ATOM 456  N N1    . DT A 1 7 ? -2.032  -5.409  -6.379  1.00 0.00 ? 7  DT A N1    2 
ATOM 457  C C2    . DT A 1 7 ? -2.259  -5.970  -5.128  1.00 0.00 ? 7  DT A C2    2 
ATOM 458  O O2    . DT A 1 7 ? -1.432  -6.640  -4.517  1.00 0.00 ? 7  DT A O2    2 
ATOM 459  N N3    . DT A 1 7 ? -3.491  -5.717  -4.564  1.00 0.00 ? 7  DT A N3    2 
ATOM 460  C C4    . DT A 1 7 ? -4.518  -4.994  -5.118  1.00 0.00 ? 7  DT A C4    2 
ATOM 461  O O4    . DT A 1 7 ? -5.564  -4.849  -4.486  1.00 0.00 ? 7  DT A O4    2 
ATOM 462  C C5    . DT A 1 7 ? -4.183  -4.393  -6.397  1.00 0.00 ? 7  DT A C5    2 
ATOM 463  C C7    . DT A 1 7 ? -5.158  -3.457  -7.075  1.00 0.00 ? 7  DT A C7    2 
ATOM 464  C C6    . DT A 1 7 ? -2.969  -4.609  -6.963  1.00 0.00 ? 7  DT A C6    2 
ATOM 465  P P     . DG A 1 8 ? 1.715   -8.225  -9.350  1.00 0.00 ? 8  DG A P     2 
ATOM 466  O OP1   . DG A 1 8 ? 3.098   -8.508  -9.792  1.00 0.00 ? 8  DG A OP1   2 
ATOM 467  O OP2   . DG A 1 8 ? 0.584   -8.469  -10.272 1.00 0.00 ? 8  DG A OP2   2 
ATOM 468  O "O5'" . DG A 1 8 ? 1.451   -9.032  -7.976  1.00 0.00 ? 8  DG A "O5'" 2 
ATOM 469  C "C5'" . DG A 1 8 ? 2.398   -8.996  -6.920  1.00 0.00 ? 8  DG A "C5'" 2 
ATOM 470  C "C4'" . DG A 1 8 ? 1.912   -9.801  -5.705  1.00 0.00 ? 8  DG A "C4'" 2 
ATOM 471  O "O4'" . DG A 1 8 ? 0.712   -9.203  -5.234  1.00 0.00 ? 8  DG A "O4'" 2 
ATOM 472  C "C3'" . DG A 1 8 ? 1.590   -11.259 -6.063  1.00 0.00 ? 8  DG A "C3'" 2 
ATOM 473  O "O3'" . DG A 1 8 ? 2.020   -12.128 -5.037  1.00 0.00 ? 8  DG A "O3'" 2 
ATOM 474  C "C2'" . DG A 1 8 ? 0.071   -11.236 -6.110  1.00 0.00 ? 8  DG A "C2'" 2 
ATOM 475  C "C1'" . DG A 1 8 ? -0.243  -10.221 -5.018  1.00 0.00 ? 8  DG A "C1'" 2 
ATOM 476  N N9    . DG A 1 8 ? -1.611  -9.694  -5.162  1.00 0.00 ? 8  DG A N9    2 
ATOM 477  C C8    . DG A 1 8 ? -2.125  -9.119  -6.280  1.00 0.00 ? 8  DG A C8    2 
ATOM 478  N N7    . DG A 1 8 ? -3.340  -8.669  -6.161  1.00 0.00 ? 8  DG A N7    2 
ATOM 479  C C5    . DG A 1 8 ? -3.664  -8.989  -4.846  1.00 0.00 ? 8  DG A C5    2 
ATOM 480  C C6    . DG A 1 8 ? -4.858  -8.735  -4.109  1.00 0.00 ? 8  DG A C6    2 
ATOM 481  O O6    . DG A 1 8 ? -5.837  -8.086  -4.463  1.00 0.00 ? 8  DG A O6    2 
ATOM 482  N N1    . DG A 1 8 ? -4.850  -9.325  -2.854  1.00 0.00 ? 8  DG A N1    2 
ATOM 483  C C2    . DG A 1 8 ? -3.784  -10.023 -2.335  1.00 0.00 ? 8  DG A C2    2 
ATOM 484  N N2    . DG A 1 8 ? -3.914  -10.546 -1.120  1.00 0.00 ? 8  DG A N2    2 
ATOM 485  N N3    . DG A 1 8 ? -2.629  -10.202 -2.987  1.00 0.00 ? 8  DG A N3    2 
ATOM 486  C C4    . DG A 1 8 ? -2.630  -9.661  -4.237  1.00 0.00 ? 8  DG A C4    2 
ATOM 487  O "O5'" . DC B 2 1 ? -12.584 -11.725 2.405   1.00 0.00 ? 9  DC B "O5'" 2 
ATOM 488  C "C5'" . DC B 2 1 ? -11.762 -10.933 3.232   1.00 0.00 ? 9  DC B "C5'" 2 
ATOM 489  C "C4'" . DC B 2 1 ? -10.291 -11.197 2.905   1.00 0.00 ? 9  DC B "C4'" 2 
ATOM 490  O "O4'" . DC B 2 1 ? -10.027 -10.825 1.560   1.00 0.00 ? 9  DC B "O4'" 2 
ATOM 491  C "C3'" . DC B 2 1 ? -9.351  -10.381 3.807   1.00 0.00 ? 9  DC B "C3'" 2 
ATOM 492  O "O3'" . DC B 2 1 ? -8.368  -11.257 4.331   1.00 0.00 ? 9  DC B "O3'" 2 
ATOM 493  C "C2'" . DC B 2 1 ? -8.778  -9.372  2.817   1.00 0.00 ? 9  DC B "C2'" 2 
ATOM 494  C "C1'" . DC B 2 1 ? -8.769  -10.183 1.533   1.00 0.00 ? 9  DC B "C1'" 2 
ATOM 495  N N1    . DC B 2 1 ? -8.617  -9.345  0.314   1.00 0.00 ? 9  DC B N1    2 
ATOM 496  C C2    . DC B 2 1 ? -7.434  -9.418  -0.419  1.00 0.00 ? 9  DC B C2    2 
ATOM 497  O O2    . DC B 2 1 ? -6.497  -10.127 -0.062  1.00 0.00 ? 9  DC B O2    2 
ATOM 498  N N3    . DC B 2 1 ? -7.315  -8.697  -1.569  1.00 0.00 ? 9  DC B N3    2 
ATOM 499  C C4    . DC B 2 1 ? -8.320  -7.914  -1.977  1.00 0.00 ? 9  DC B C4    2 
ATOM 500  N N4    . DC B 2 1 ? -8.161  -7.224  -3.099  1.00 0.00 ? 9  DC B N4    2 
ATOM 501  C C5    . DC B 2 1 ? -9.545  -7.812  -1.245  1.00 0.00 ? 9  DC B C5    2 
ATOM 502  C C6    . DC B 2 1 ? -9.644  -8.547  -0.115  1.00 0.00 ? 9  DC B C6    2 
ATOM 503  P P     . DA B 2 2 ? -7.231  -10.759 5.358   1.00 0.00 ? 10 DA B P     2 
ATOM 504  O OP1   . DA B 2 2 ? -7.009  -11.848 6.333   1.00 0.00 ? 10 DA B OP1   2 
ATOM 505  O OP2   . DA B 2 2 ? -7.600  -9.411  5.839   1.00 0.00 ? 10 DA B OP2   2 
ATOM 506  O "O5'" . DA B 2 2 ? -5.916  -10.632 4.444   1.00 0.00 ? 10 DA B "O5'" 2 
ATOM 507  C "C5'" . DA B 2 2 ? -5.315  -11.779 3.868   1.00 0.00 ? 10 DA B "C5'" 2 
ATOM 508  C "C4'" . DA B 2 2 ? -3.945  -11.430 3.275   1.00 0.00 ? 10 DA B "C4'" 2 
ATOM 509  O "O4'" . DA B 2 2 ? -4.107  -10.592 2.143   1.00 0.00 ? 10 DA B "O4'" 2 
ATOM 510  C "C3'" . DA B 2 2 ? -3.075  -10.709 4.312   1.00 0.00 ? 10 DA B "C3'" 2 
ATOM 511  O "O3'" . DA B 2 2 ? -1.799  -11.320 4.257   1.00 0.00 ? 10 DA B "O3'" 2 
ATOM 512  C "C2'" . DA B 2 2 ? -3.110  -9.275  3.793   1.00 0.00 ? 10 DA B "C2'" 2 
ATOM 513  C "C1'" . DA B 2 2 ? -3.308  -9.434  2.293   1.00 0.00 ? 10 DA B "C1'" 2 
ATOM 514  N N9    . DA B 2 2 ? -4.017  -8.330  1.624   1.00 0.00 ? 10 DA B N9    2 
ATOM 515  C C8    . DA B 2 2 ? -5.256  -7.874  1.949   1.00 0.00 ? 10 DA B C8    2 
ATOM 516  N N7    . DA B 2 2 ? -5.811  -7.089  1.067   1.00 0.00 ? 10 DA B N7    2 
ATOM 517  C C5    . DA B 2 2 ? -4.839  -7.014  0.074   1.00 0.00 ? 10 DA B C5    2 
ATOM 518  C C6    . DA B 2 2 ? -4.785  -6.360  -1.168  1.00 0.00 ? 10 DA B C6    2 
ATOM 519  N N6    . DA B 2 2 ? -5.797  -5.651  -1.663  1.00 0.00 ? 10 DA B N6    2 
ATOM 520  N N1    . DA B 2 2 ? -3.657  -6.421  -1.881  1.00 0.00 ? 10 DA B N1    2 
ATOM 521  C C2    . DA B 2 2 ? -2.627  -7.121  -1.424  1.00 0.00 ? 10 DA B C2    2 
ATOM 522  N N3    . DA B 2 2 ? -2.565  -7.823  -0.297  1.00 0.00 ? 10 DA B N3    2 
ATOM 523  C C4    . DA B 2 2 ? -3.723  -7.739  0.414   1.00 0.00 ? 10 DA B C4    2 
ATOM 524  P P     . DT B 2 3 ? -0.508  -10.737 5.015   1.00 0.00 ? 11 DT B P     2 
ATOM 525  O OP1   . DT B 2 3 ? 0.370   -11.865 5.398   1.00 0.00 ? 11 DT B OP1   2 
ATOM 526  O OP2   . DT B 2 3 ? -0.931  -9.747  6.029   1.00 0.00 ? 11 DT B OP2   2 
ATOM 527  O "O5'" . DT B 2 3 ? 0.187   -9.958  3.799   1.00 0.00 ? 11 DT B "O5'" 2 
ATOM 528  C "C5'" . DT B 2 3 ? 0.645   -10.681 2.674   1.00 0.00 ? 11 DT B "C5'" 2 
ATOM 529  C "C4'" . DT B 2 3 ? 1.262   -9.737  1.645   1.00 0.00 ? 11 DT B "C4'" 2 
ATOM 530  O "O4'" . DT B 2 3 ? 0.294   -8.802  1.208   1.00 0.00 ? 11 DT B "O4'" 2 
ATOM 531  C "C3'" . DT B 2 3 ? 2.466   -8.988  2.229   1.00 0.00 ? 11 DT B "C3'" 2 
ATOM 532  O "O3'" . DT B 2 3 ? 3.594   -9.324  1.437   1.00 0.00 ? 11 DT B "O3'" 2 
ATOM 533  C "C2'" . DT B 2 3 ? 2.038   -7.524  2.106   1.00 0.00 ? 11 DT B "C2'" 2 
ATOM 534  C "C1'" . DT B 2 3 ? 0.924   -7.548  1.060   1.00 0.00 ? 11 DT B "C1'" 2 
ATOM 535  N N1    . DT B 2 3 ? -0.040  -6.429  1.022   1.00 0.00 ? 11 DT B N1    2 
ATOM 536  C C2    . DT B 2 3 ? -0.194  -5.665  -0.136  1.00 0.00 ? 11 DT B C2    2 
ATOM 537  O O2    . DT B 2 3 ? 0.551   -5.723  -1.108  1.00 0.00 ? 11 DT B O2    2 
ATOM 538  N N3    . DT B 2 3 ? -1.265  -4.795  -0.160  1.00 0.00 ? 11 DT B N3    2 
ATOM 539  C C4    . DT B 2 3 ? -2.229  -4.667  0.813   1.00 0.00 ? 11 DT B C4    2 
ATOM 540  O O4    . DT B 2 3 ? -3.207  -3.949  0.621   1.00 0.00 ? 11 DT B O4    2 
ATOM 541  C C5    . DT B 2 3 ? -1.993  -5.489  1.986   1.00 0.00 ? 11 DT B C5    2 
ATOM 542  C C7    . DT B 2 3 ? -2.940  -5.414  3.152   1.00 0.00 ? 11 DT B C7    2 
ATOM 543  C C6    . DT B 2 3 ? -0.936  -6.335  2.033   1.00 0.00 ? 11 DT B C6    2 
ATOM 544  P P     . DT B 2 4 ? 5.056   -8.694  1.677   1.00 0.00 ? 12 DT B P     2 
ATOM 545  O OP1   . DT B 2 4 ? 6.060   -9.643  1.147   1.00 0.00 ? 12 DT B OP1   2 
ATOM 546  O OP2   . DT B 2 4 ? 5.158   -8.218  3.075   1.00 0.00 ? 12 DT B OP2   2 
ATOM 547  O "O5'" . DT B 2 4 ? 5.009   -7.419  0.709   1.00 0.00 ? 12 DT B "O5'" 2 
ATOM 548  C "C5'" . DT B 2 4 ? 4.911   -7.590  -0.690  1.00 0.00 ? 12 DT B "C5'" 2 
ATOM 549  C "C4'" . DT B 2 4 ? 4.726   -6.246  -1.394  1.00 0.00 ? 12 DT B "C4'" 2 
ATOM 550  O "O4'" . DT B 2 4 ? 3.481   -5.654  -1.074  1.00 0.00 ? 12 DT B "O4'" 2 
ATOM 551  C "C3'" . DT B 2 4 ? 5.831   -5.238  -1.059  1.00 0.00 ? 12 DT B "C3'" 2 
ATOM 552  O "O3'" . DT B 2 4 ? 6.433   -4.886  -2.293  1.00 0.00 ? 12 DT B "O3'" 2 
ATOM 553  C "C2'" . DT B 2 4 ? 5.060   -4.092  -0.397  1.00 0.00 ? 12 DT B "C2'" 2 
ATOM 554  C "C1'" . DT B 2 4 ? 3.666   -4.255  -0.994  1.00 0.00 ? 12 DT B "C1'" 2 
ATOM 555  N N1    . DT B 2 4 ? 2.557   -3.575  -0.300  1.00 0.00 ? 12 DT B N1    2 
ATOM 556  C C2    . DT B 2 4 ? 1.720   -2.706  -0.998  1.00 0.00 ? 12 DT B C2    2 
ATOM 557  O O2    . DT B 2 4 ? 1.906   -2.345  -2.156  1.00 0.00 ? 12 DT B O2    2 
ATOM 558  N N3    . DT B 2 4 ? 0.622   -2.234  -0.311  1.00 0.00 ? 12 DT B N3    2 
ATOM 559  C C4    . DT B 2 4 ? 0.291   -2.523  0.990   1.00 0.00 ? 12 DT B C4    2 
ATOM 560  O O4    . DT B 2 4 ? -0.749  -2.083  1.470   1.00 0.00 ? 12 DT B O4    2 
ATOM 561  C C5    . DT B 2 4 ? 1.221   -3.417  1.648   1.00 0.00 ? 12 DT B C5    2 
ATOM 562  C C7    . DT B 2 4 ? 1.010   -3.838  3.076   1.00 0.00 ? 12 DT B C7    2 
ATOM 563  C C6    . DT B 2 4 ? 2.286   -3.918  0.984   1.00 0.00 ? 12 DT B C6    2 
ATOM 564  P P     . DA B 2 5 ? 7.599   -3.790  -2.416  1.00 0.00 ? 13 DA B P     2 
ATOM 565  O OP1   . DA B 2 5 ? 8.438   -4.131  -3.585  1.00 0.00 ? 13 DA B OP1   2 
ATOM 566  O OP2   . DA B 2 5 ? 8.218   -3.602  -1.088  1.00 0.00 ? 13 DA B OP2   2 
ATOM 567  O "O5'" . DA B 2 5 ? 6.740   -2.482  -2.771  1.00 0.00 ? 13 DA B "O5'" 2 
ATOM 568  C "C5'" . DA B 2 5 ? 6.061   -2.389  -4.010  1.00 0.00 ? 13 DA B "C5'" 2 
ATOM 569  C "C4'" . DA B 2 5 ? 5.480   -0.988  -4.203  1.00 0.00 ? 13 DA B "C4'" 2 
ATOM 570  O "O4'" . DA B 2 5 ? 4.386   -0.781  -3.340  1.00 0.00 ? 13 DA B "O4'" 2 
ATOM 571  C "C3'" . DA B 2 5 ? 6.534   0.092   -3.946  1.00 0.00 ? 13 DA B "C3'" 2 
ATOM 572  O "O3'" . DA B 2 5 ? 6.473   0.965   -5.058  1.00 0.00 ? 13 DA B "O3'" 2 
ATOM 573  C "C2'" . DA B 2 5 ? 6.050   0.714   -2.637  1.00 0.00 ? 13 DA B "C2'" 2 
ATOM 574  C "C1'" . DA B 2 5 ? 4.548   0.461   -2.697  1.00 0.00 ? 13 DA B "C1'" 2 
ATOM 575  N N9    . DA B 2 5 ? 3.820   0.439   -1.424  1.00 0.00 ? 13 DA B N9    2 
ATOM 576  C C8    . DA B 2 5 ? 4.060   -0.405  -0.392  1.00 0.00 ? 13 DA B C8    2 
ATOM 577  N N7    . DA B 2 5 ? 3.171   -0.386  0.563   1.00 0.00 ? 13 DA B N7    2 
ATOM 578  C C5    . DA B 2 5 ? 2.234   0.528   0.085   1.00 0.00 ? 13 DA B C5    2 
ATOM 579  C C6    . DA B 2 5 ? 0.984   0.959   0.557   1.00 0.00 ? 13 DA B C6    2 
ATOM 580  N N6    . DA B 2 5 ? 0.462   0.510   1.694   1.00 0.00 ? 13 DA B N6    2 
ATOM 581  N N1    . DA B 2 5 ? 0.253   1.799   -0.190  1.00 0.00 ? 13 DA B N1    2 
ATOM 582  C C2    . DA B 2 5 ? 0.749   2.212   -1.352  1.00 0.00 ? 13 DA B C2    2 
ATOM 583  N N3    . DA B 2 5 ? 1.906   1.888   -1.911  1.00 0.00 ? 13 DA B N3    2 
ATOM 584  C C4    . DA B 2 5 ? 2.609   1.021   -1.139  1.00 0.00 ? 13 DA B C4    2 
ATOM 585  P P     . DT B 2 6 ? 7.414   2.250   -5.210  1.00 0.00 ? 14 DT B P     2 
ATOM 586  O OP1   . DT B 2 6 ? 7.777   2.402   -6.637  1.00 0.00 ? 14 DT B OP1   2 
ATOM 587  O OP2   . DT B 2 6 ? 8.474   2.206   -4.180  1.00 0.00 ? 14 DT B OP2   2 
ATOM 588  O "O5'" . DT B 2 6 ? 6.377   3.412   -4.822  1.00 0.00 ? 14 DT B "O5'" 2 
ATOM 589  C "C5'" . DT B 2 6 ? 5.304   3.738   -5.688  1.00 0.00 ? 14 DT B "C5'" 2 
ATOM 590  C "C4'" . DT B 2 6 ? 4.463   4.869   -5.093  1.00 0.00 ? 14 DT B "C4'" 2 
ATOM 591  O "O4'" . DT B 2 6 ? 3.759   4.384   -3.958  1.00 0.00 ? 14 DT B "O4'" 2 
ATOM 592  C "C3'" . DT B 2 6 ? 5.358   6.043   -4.667  1.00 0.00 ? 14 DT B "C3'" 2 
ATOM 593  O "O3'" . DT B 2 6 ? 4.867   7.197   -5.336  1.00 0.00 ? 14 DT B "O3'" 2 
ATOM 594  C "C2'" . DT B 2 6 ? 5.141   6.080   -3.156  1.00 0.00 ? 14 DT B "C2'" 2 
ATOM 595  C "C1'" . DT B 2 6 ? 3.804   5.360   -2.939  1.00 0.00 ? 14 DT B "C1'" 2 
ATOM 596  N N1    . DT B 2 6 ? 3.555   4.781   -1.594  1.00 0.00 ? 14 DT B N1    2 
ATOM 597  C C2    . DT B 2 6 ? 2.327   4.974   -0.952  1.00 0.00 ? 14 DT B C2    2 
ATOM 598  O O2    . DT B 2 6 ? 1.391   5.595   -1.439  1.00 0.00 ? 14 DT B O2    2 
ATOM 599  N N3    . DT B 2 6 ? 2.192   4.418   0.309   1.00 0.00 ? 14 DT B N3    2 
ATOM 600  C C4    . DT B 2 6 ? 3.150   3.671   0.959   1.00 0.00 ? 14 DT B C4    2 
ATOM 601  O O4    . DT B 2 6 ? 2.916   3.213   2.072   1.00 0.00 ? 14 DT B O4    2 
ATOM 602  C C5    . DT B 2 6 ? 4.363   3.450   0.198   1.00 0.00 ? 14 DT B C5    2 
ATOM 603  C C7    . DT B 2 6 ? 5.479   2.629   0.804   1.00 0.00 ? 14 DT B C7    2 
ATOM 604  C C6    . DT B 2 6 ? 4.510   3.990   -1.035  1.00 0.00 ? 14 DT B C6    2 
ATOM 605  P P     . DA B 2 7 ? 5.342   8.701   -4.999  1.00 0.00 ? 15 DA B P     2 
ATOM 606  O OP1   . DA B 2 7 ? 5.118   9.540   -6.198  1.00 0.00 ? 15 DA B OP1   2 
ATOM 607  O OP2   . DA B 2 7 ? 6.676   8.661   -4.362  1.00 0.00 ? 15 DA B OP2   2 
ATOM 608  O "O5'" . DA B 2 7 ? 4.253   9.116   -3.887  1.00 0.00 ? 15 DA B "O5'" 2 
ATOM 609  C "C5'" . DA B 2 7 ? 2.889   9.190   -4.245  1.00 0.00 ? 15 DA B "C5'" 2 
ATOM 610  C "C4'" . DA B 2 7 ? 1.983   9.432   -3.037  1.00 0.00 ? 15 DA B "C4'" 2 
ATOM 611  O "O4'" . DA B 2 7 ? 2.028   8.386   -2.086  1.00 0.00 ? 15 DA B "O4'" 2 
ATOM 612  C "C3'" . DA B 2 7 ? 2.213   10.774  -2.333  1.00 0.00 ? 15 DA B "C3'" 2 
ATOM 613  O "O3'" . DA B 2 7 ? 0.962   11.445  -2.297  1.00 0.00 ? 15 DA B "O3'" 2 
ATOM 614  C "C2'" . DA B 2 7 ? 2.679   10.305  -0.960  1.00 0.00 ? 15 DA B "C2'" 2 
ATOM 615  C "C1'" . DA B 2 7 ? 1.981   8.960   -0.800  1.00 0.00 ? 15 DA B "C1'" 2 
ATOM 616  N N9    . DA B 2 7 ? 2.606   8.116   0.221   1.00 0.00 ? 15 DA B N9    2 
ATOM 617  C C8    . DA B 2 7 ? 3.894   7.708   0.222   1.00 0.00 ? 15 DA B C8    2 
ATOM 618  N N7    . DA B 2 7 ? 4.252   6.996   1.258   1.00 0.00 ? 15 DA B N7    2 
ATOM 619  C C5    . DA B 2 7 ? 3.068   6.914   1.989   1.00 0.00 ? 15 DA B C5    2 
ATOM 620  C C6    . DA B 2 7 ? 2.717   6.267   3.188   1.00 0.00 ? 15 DA B C6    2 
ATOM 621  N N6    . DA B 2 7 ? 3.592   5.566   3.904   1.00 0.00 ? 15 DA B N6    2 
ATOM 622  N N1    . DA B 2 7 ? 1.444   6.326   3.613   1.00 0.00 ? 15 DA B N1    2 
ATOM 623  C C2    . DA B 2 7 ? 0.565   7.011   2.888   1.00 0.00 ? 15 DA B C2    2 
ATOM 624  N N3    . DA B 2 7 ? 0.764   7.672   1.760   1.00 0.00 ? 15 DA B N3    2 
ATOM 625  C C4    . DA B 2 7 ? 2.051   7.576   1.352   1.00 0.00 ? 15 DA B C4    2 
ATOM 626  P P     . DC B 2 8 ? 0.724   12.829  -1.511  1.00 0.00 ? 16 DC B P     2 
ATOM 627  O OP1   . DC B 2 8 ? -0.215  13.658  -2.296  1.00 0.00 ? 16 DC B OP1   2 
ATOM 628  O OP2   . DC B 2 8 ? 2.036   13.381  -1.109  1.00 0.00 ? 16 DC B OP2   2 
ATOM 629  O "O5'" . DC B 2 8 ? -0.034  12.336  -0.181  1.00 0.00 ? 16 DC B "O5'" 2 
ATOM 630  C "C5'" . DC B 2 8 ? -1.298  11.702  -0.268  1.00 0.00 ? 16 DC B "C5'" 2 
ATOM 631  C "C4'" . DC B 2 8 ? -1.807  11.323  1.126   1.00 0.00 ? 16 DC B "C4'" 2 
ATOM 632  O "O4'" . DC B 2 8 ? -0.870  10.456  1.738   1.00 0.00 ? 16 DC B "O4'" 2 
ATOM 633  C "C3'" . DC B 2 8 ? -1.978  12.537  2.047   1.00 0.00 ? 16 DC B "C3'" 2 
ATOM 634  O "O3'" . DC B 2 8 ? -3.214  12.462  2.727   1.00 0.00 ? 16 DC B "O3'" 2 
ATOM 635  C "C2'" . DC B 2 8 ? -0.837  12.382  3.043   1.00 0.00 ? 16 DC B "C2'" 2 
ATOM 636  C "C1'" . DC B 2 8 ? -0.688  10.860  3.080   1.00 0.00 ? 16 DC B "C1'" 2 
ATOM 637  N N1    . DC B 2 8 ? 0.658   10.436  3.545   1.00 0.00 ? 16 DC B N1    2 
ATOM 638  C C2    . DC B 2 8 ? 0.796   9.688   4.711   1.00 0.00 ? 16 DC B C2    2 
ATOM 639  O O2    . DC B 2 8 ? -0.163  9.446   5.440   1.00 0.00 ? 16 DC B O2    2 
ATOM 640  N N3    . DC B 2 8 ? 2.029   9.206   5.050   1.00 0.00 ? 16 DC B N3    2 
ATOM 641  C C4    . DC B 2 8 ? 3.086   9.468   4.272   1.00 0.00 ? 16 DC B C4    2 
ATOM 642  N N4    . DC B 2 8 ? 4.251   8.919   4.590   1.00 0.00 ? 16 DC B N4    2 
ATOM 643  C C5    . DC B 2 8 ? 2.977   10.247  3.079   1.00 0.00 ? 16 DC B C5    2 
ATOM 644  C C6    . DC B 2 8 ? 1.743   10.702  2.760   1.00 0.00 ? 16 DC B C6    2 
ATOM 645  O "O5'" . DG A 1 1 ? 2.115   2.728   15.941  1.00 0.00 ? 1  DG A "O5'" 3 
ATOM 646  C "C5'" . DG A 1 1 ? 2.731   3.599   15.017  1.00 0.00 ? 1  DG A "C5'" 3 
ATOM 647  C "C4'" . DG A 1 1 ? 1.678   4.279   14.135  1.00 0.00 ? 1  DG A "C4'" 3 
ATOM 648  O "O4'" . DG A 1 1 ? 2.320   5.196   13.261  1.00 0.00 ? 1  DG A "O4'" 3 
ATOM 649  C "C3'" . DG A 1 1 ? 0.907   3.268   13.269  1.00 0.00 ? 1  DG A "C3'" 3 
ATOM 650  O "O3'" . DG A 1 1 ? -0.482  3.497   13.419  1.00 0.00 ? 1  DG A "O3'" 3 
ATOM 651  C "C2'" . DG A 1 1 ? 1.405   3.619   11.869  1.00 0.00 ? 1  DG A "C2'" 3 
ATOM 652  C "C1'" . DG A 1 1 ? 1.691   5.105   11.997  1.00 0.00 ? 1  DG A "C1'" 3 
ATOM 653  N N9    . DG A 1 1 ? 2.579   5.564   10.913  1.00 0.00 ? 1  DG A N9    3 
ATOM 654  C C8    . DG A 1 1 ? 3.930   5.385   10.810  1.00 0.00 ? 1  DG A C8    3 
ATOM 655  N N7    . DG A 1 1 ? 4.448   5.825   9.697   1.00 0.00 ? 1  DG A N7    3 
ATOM 656  C C5    . DG A 1 1 ? 3.358   6.364   9.019   1.00 0.00 ? 1  DG A C5    3 
ATOM 657  C C6    . DG A 1 1 ? 3.284   7.019   7.752   1.00 0.00 ? 1  DG A C6    3 
ATOM 658  O O6    . DG A 1 1 ? 4.188   7.193   6.940   1.00 0.00 ? 1  DG A O6    3 
ATOM 659  N N1    . DG A 1 1 ? 2.016   7.505   7.466   1.00 0.00 ? 1  DG A N1    3 
ATOM 660  C C2    . DG A 1 1 ? 0.925   7.337   8.288   1.00 0.00 ? 1  DG A C2    3 
ATOM 661  N N2    . DG A 1 1 ? -0.248  7.820   7.897   1.00 0.00 ? 1  DG A N2    3 
ATOM 662  N N3    . DG A 1 1 ? 0.974   6.681   9.451   1.00 0.00 ? 1  DG A N3    3 
ATOM 663  C C4    . DG A 1 1 ? 2.215   6.233   9.769   1.00 0.00 ? 1  DG A C4    3 
ATOM 664  P P     . DT A 1 2 ? -1.589  2.593   12.670  1.00 0.00 ? 2  DT A P     3 
ATOM 665  O OP1   . DT A 1 2 ? -2.734  2.409   13.588  1.00 0.00 ? 2  DT A OP1   3 
ATOM 666  O OP2   . DT A 1 2 ? -0.915  1.409   12.090  1.00 0.00 ? 2  DT A OP2   3 
ATOM 667  O "O5'" . DT A 1 2 ? -2.058  3.531   11.455  1.00 0.00 ? 2  DT A "O5'" 3 
ATOM 668  C "C5'" . DT A 1 2 ? -2.730  4.755   11.695  1.00 0.00 ? 2  DT A "C5'" 3 
ATOM 669  C "C4'" . DT A 1 2 ? -3.214  5.353   10.369  1.00 0.00 ? 2  DT A "C4'" 3 
ATOM 670  O "O4'" . DT A 1 2 ? -2.104  5.609   9.528   1.00 0.00 ? 2  DT A "O4'" 3 
ATOM 671  C "C3'" . DT A 1 2 ? -4.184  4.413   9.640   1.00 0.00 ? 2  DT A "C3'" 3 
ATOM 672  O "O3'" . DT A 1 2 ? -5.296  5.173   9.205   1.00 0.00 ? 2  DT A "O3'" 3 
ATOM 673  C "C2'" . DT A 1 2 ? -3.333  3.916   8.478   1.00 0.00 ? 2  DT A "C2'" 3 
ATOM 674  C "C1'" . DT A 1 2 ? -2.389  5.083   8.252   1.00 0.00 ? 2  DT A "C1'" 3 
ATOM 675  N N1    . DT A 1 2 ? -1.136  4.701   7.563   1.00 0.00 ? 2  DT A N1    3 
ATOM 676  C C2    . DT A 1 2 ? -0.818  5.280   6.335   1.00 0.00 ? 2  DT A C2    3 
ATOM 677  O O2    . DT A 1 2 ? -1.571  6.025   5.715   1.00 0.00 ? 2  DT A O2    3 
ATOM 678  N N3    . DT A 1 2 ? 0.437   4.993   5.838   1.00 0.00 ? 2  DT A N3    3 
ATOM 679  C C4    . DT A 1 2 ? 1.367   4.159   6.414   1.00 0.00 ? 2  DT A C4    3 
ATOM 680  O O4    . DT A 1 2 ? 2.457   3.987   5.880   1.00 0.00 ? 2  DT A O4    3 
ATOM 681  C C5    . DT A 1 2 ? 0.939   3.552   7.656   1.00 0.00 ? 2  DT A C5    3 
ATOM 682  C C7    . DT A 1 2 ? 1.848   2.562   8.349   1.00 0.00 ? 2  DT A C7    3 
ATOM 683  C C6    . DT A 1 2 ? -0.266  3.849   8.190   1.00 0.00 ? 2  DT A C6    3 
ATOM 684  P P     . DA A 1 3 ? -6.525  4.522   8.392   1.00 0.00 ? 3  DA A P     3 
ATOM 685  O OP1   . DA A 1 3 ? -7.782  5.146   8.855   1.00 0.00 ? 3  DA A OP1   3 
ATOM 686  O OP2   . DA A 1 3 ? -6.388  3.047   8.403   1.00 0.00 ? 3  DA A OP2   3 
ATOM 687  O "O5'" . DA A 1 3 ? -6.239  5.028   6.895   1.00 0.00 ? 3  DA A "O5'" 3 
ATOM 688  C "C5'" . DA A 1 3 ? -6.303  6.405   6.565   1.00 0.00 ? 3  DA A "C5'" 3 
ATOM 689  C "C4'" . DA A 1 3 ? -6.100  6.588   5.058   1.00 0.00 ? 3  DA A "C4'" 3 
ATOM 690  O "O4'" . DA A 1 3 ? -4.798  6.184   4.684   1.00 0.00 ? 3  DA A "O4'" 3 
ATOM 691  C "C3'" . DA A 1 3 ? -7.115  5.755   4.270   1.00 0.00 ? 3  DA A "C3'" 3 
ATOM 692  O "O3'" . DA A 1 3 ? -7.653  6.630   3.297   1.00 0.00 ? 3  DA A "O3'" 3 
ATOM 693  C "C2'" . DA A 1 3 ? -6.249  4.631   3.704   1.00 0.00 ? 3  DA A "C2'" 3 
ATOM 694  C "C1'" . DA A 1 3 ? -4.877  5.292   3.591   1.00 0.00 ? 3  DA A "C1'" 3 
ATOM 695  N N9    . DA A 1 3 ? -3.701  4.411   3.638   1.00 0.00 ? 3  DA A N9    3 
ATOM 696  C C8    . DA A 1 3 ? -3.390  3.571   4.657   1.00 0.00 ? 3  DA A C8    3 
ATOM 697  N N7    . DA A 1 3 ? -2.191  3.057   4.615   1.00 0.00 ? 3  DA A N7    3 
ATOM 698  C C5    . DA A 1 3 ? -1.654  3.647   3.471   1.00 0.00 ? 3  DA A C5    3 
ATOM 699  C C6    . DA A 1 3 ? -0.381  3.589   2.875   1.00 0.00 ? 3  DA A C6    3 
ATOM 700  N N6    . DA A 1 3 ? 0.607   2.883   3.413   1.00 0.00 ? 3  DA A N6    3 
ATOM 701  N N1    . DA A 1 3 ? -0.138  4.307   1.767   1.00 0.00 ? 3  DA A N1    3 
ATOM 702  C C2    . DA A 1 3 ? -1.119  5.062   1.279   1.00 0.00 ? 3  DA A C2    3 
ATOM 703  N N3    . DA A 1 3 ? -2.349  5.226   1.755   1.00 0.00 ? 3  DA A N3    3 
ATOM 704  C C4    . DA A 1 3 ? -2.558  4.483   2.873   1.00 0.00 ? 3  DA A C4    3 
ATOM 705  P P     . DT A 1 4 ? -8.674  6.165   2.153   1.00 0.00 ? 4  DT A P     3 
ATOM 706  O OP1   . DT A 1 4 ? -9.575  7.296   1.841   1.00 0.00 ? 4  DT A OP1   3 
ATOM 707  O OP2   . DT A 1 4 ? -9.241  4.846   2.506   1.00 0.00 ? 4  DT A OP2   3 
ATOM 708  O "O5'" . DT A 1 4 ? -7.653  5.969   0.933   1.00 0.00 ? 4  DT A "O5'" 3 
ATOM 709  C "C5'" . DT A 1 4 ? -6.925  7.074   0.423   1.00 0.00 ? 4  DT A "C5'" 3 
ATOM 710  C "C4'" . DT A 1 4 ? -6.019  6.620   -0.722  1.00 0.00 ? 4  DT A "C4'" 3 
ATOM 711  O "O4'" . DT A 1 4 ? -5.013  5.751   -0.232  1.00 0.00 ? 4  DT A "O4'" 3 
ATOM 712  C "C3'" . DT A 1 4 ? -6.844  5.873   -1.779  1.00 0.00 ? 4  DT A "C3'" 3 
ATOM 713  O "O3'" . DT A 1 4 ? -6.608  6.579   -2.986  1.00 0.00 ? 4  DT A "O3'" 3 
ATOM 714  C "C2'" . DT A 1 4 ? -6.250  4.466   -1.730  1.00 0.00 ? 4  DT A "C2'" 3 
ATOM 715  C "C1'" . DT A 1 4 ? -4.863  4.665   -1.122  1.00 0.00 ? 4  DT A "C1'" 3 
ATOM 716  N N1    . DT A 1 4 ? -4.207  3.513   -0.441  1.00 0.00 ? 4  DT A N1    3 
ATOM 717  C C2    . DT A 1 4 ? -2.857  3.264   -0.697  1.00 0.00 ? 4  DT A C2    3 
ATOM 718  O O2    . DT A 1 4 ? -2.209  3.818   -1.578  1.00 0.00 ? 4  DT A O2    3 
ATOM 719  N N3    . DT A 1 4 ? -2.233  2.338   0.115   1.00 0.00 ? 4  DT A N3    3 
ATOM 720  C C4    . DT A 1 4 ? -2.817  1.635   1.139   1.00 0.00 ? 4  DT A C4    3 
ATOM 721  O O4    . DT A 1 4 ? -2.133  0.906   1.850   1.00 0.00 ? 4  DT A O4    3 
ATOM 722  C C5    . DT A 1 4 ? -4.233  1.890   1.306   1.00 0.00 ? 4  DT A C5    3 
ATOM 723  C C7    . DT A 1 4 ? -4.998  1.081   2.334   1.00 0.00 ? 4  DT A C7    3 
ATOM 724  C C6    . DT A 1 4 ? -4.859  2.822   0.543   1.00 0.00 ? 4  DT A C6    3 
ATOM 725  P P     . DA A 1 5 ? -6.963  6.013   -4.445  1.00 0.00 ? 5  DA A P     3 
ATOM 726  O OP1   . DA A 1 5 ? -7.109  7.162   -5.366  1.00 0.00 ? 5  DA A OP1   3 
ATOM 727  O OP2   . DA A 1 5 ? -8.055  5.020   -4.330  1.00 0.00 ? 5  DA A OP2   3 
ATOM 728  O "O5'" . DA A 1 5 ? -5.593  5.248   -4.796  1.00 0.00 ? 5  DA A "O5'" 3 
ATOM 729  C "C5'" . DA A 1 5 ? -4.379  5.972   -4.901  1.00 0.00 ? 5  DA A "C5'" 3 
ATOM 730  C "C4'" . DA A 1 5 ? -3.248  5.104   -5.460  1.00 0.00 ? 5  DA A "C4'" 3 
ATOM 731  O "O4'" . DA A 1 5 ? -2.878  4.087   -4.542  1.00 0.00 ? 5  DA A "O4'" 3 
ATOM 732  C "C3'" . DA A 1 5 ? -3.730  4.443   -6.748  1.00 0.00 ? 5  DA A "C3'" 3 
ATOM 733  O "O3'" . DA A 1 5 ? -2.696  4.613   -7.698  1.00 0.00 ? 5  DA A "O3'" 3 
ATOM 734  C "C2'" . DA A 1 5 ? -3.932  2.996   -6.298  1.00 0.00 ? 5  DA A "C2'" 3 
ATOM 735  C "C1'" . DA A 1 5 ? -2.902  2.824   -5.182  1.00 0.00 ? 5  DA A "C1'" 3 
ATOM 736  N N9    . DA A 1 5 ? -3.132  1.776   -4.158  1.00 0.00 ? 5  DA A N9    3 
ATOM 737  C C8    . DA A 1 5 ? -4.298  1.443   -3.533  1.00 0.00 ? 5  DA A C8    3 
ATOM 738  N N7    . DA A 1 5 ? -4.173  0.721   -2.454  1.00 0.00 ? 5  DA A N7    3 
ATOM 739  C C5    . DA A 1 5 ? -2.808  0.468   -2.424  1.00 0.00 ? 5  DA A C5    3 
ATOM 740  C C6    . DA A 1 5 ? -2.001  -0.318  -1.583  1.00 0.00 ? 5  DA A C6    3 
ATOM 741  N N6    . DA A 1 5 ? -2.471  -0.946  -0.505  1.00 0.00 ? 5  DA A N6    3 
ATOM 742  N N1    . DA A 1 5 ? -0.729  -0.537  -1.933  1.00 0.00 ? 5  DA A N1    3 
ATOM 743  C C2    . DA A 1 5 ? -0.251  0.042   -3.028  1.00 0.00 ? 5  DA A C2    3 
ATOM 744  N N3    . DA A 1 5 ? -0.877  0.866   -3.854  1.00 0.00 ? 5  DA A N3    3 
ATOM 745  C C4    . DA A 1 5 ? -2.174  1.044   -3.495  1.00 0.00 ? 5  DA A C4    3 
ATOM 746  P P     . DA A 1 6 ? -2.733  3.930   -9.147  1.00 0.00 ? 6  DA A P     3 
ATOM 747  O OP1   . DA A 1 6 ? -1.868  4.711   -10.058 1.00 0.00 ? 6  DA A OP1   3 
ATOM 748  O OP2   . DA A 1 6 ? -4.139  3.655   -9.516  1.00 0.00 ? 6  DA A OP2   3 
ATOM 749  O "O5'" . DA A 1 6 ? -2.008  2.533   -8.820  1.00 0.00 ? 6  DA A "O5'" 3 
ATOM 750  C "C5'" . DA A 1 6 ? -0.644  2.501   -8.452  1.00 0.00 ? 6  DA A "C5'" 3 
ATOM 751  C "C4'" . DA A 1 6 ? -0.155  1.062   -8.257  1.00 0.00 ? 6  DA A "C4'" 3 
ATOM 752  O "O4'" . DA A 1 6 ? -0.589  0.495   -7.029  1.00 0.00 ? 6  DA A "O4'" 3 
ATOM 753  C "C3'" . DA A 1 6 ? -0.604  0.145   -9.400  1.00 0.00 ? 6  DA A "C3'" 3 
ATOM 754  O "O3'" . DA A 1 6 ? 0.574   -0.463  -9.906  1.00 0.00 ? 6  DA A "O3'" 3 
ATOM 755  C "C2'" . DA A 1 6 ? -1.564  -0.810  -8.686  1.00 0.00 ? 6  DA A "C2'" 3 
ATOM 756  C "C1'" . DA A 1 6 ? -1.041  -0.828  -7.253  1.00 0.00 ? 6  DA A "C1'" 3 
ATOM 757  N N9    . DA A 1 6 ? -1.948  -1.284  -6.173  1.00 0.00 ? 6  DA A N9    3 
ATOM 758  C C8    . DA A 1 6 ? -3.218  -0.861  -5.892  1.00 0.00 ? 6  DA A C8    3 
ATOM 759  N N7    . DA A 1 6 ? -3.769  -1.416  -4.851  1.00 0.00 ? 6  DA A N7    3 
ATOM 760  C C5    . DA A 1 6 ? -2.750  -2.215  -4.351  1.00 0.00 ? 6  DA A C5    3 
ATOM 761  C C6    . DA A 1 6 ? -2.641  -2.988  -3.183  1.00 0.00 ? 6  DA A C6    3 
ATOM 762  N N6    . DA A 1 6 ? -3.644  -3.090  -2.317  1.00 0.00 ? 6  DA A N6    3 
ATOM 763  N N1    . DA A 1 6 ? -1.466  -3.557  -2.883  1.00 0.00 ? 6  DA A N1    3 
ATOM 764  C C2    . DA A 1 6 ? -0.449  -3.394  -3.722  1.00 0.00 ? 6  DA A C2    3 
ATOM 765  N N3    . DA A 1 6 ? -0.428  -2.711  -4.862  1.00 0.00 ? 6  DA A N3    3 
ATOM 766  C C4    . DA A 1 6 ? -1.621  -2.117  -5.122  1.00 0.00 ? 6  DA A C4    3 
ATOM 767  P P     . DT A 1 7 ? 0.576   -1.611  -11.032 1.00 0.00 ? 7  DT A P     3 
ATOM 768  O OP1   . DT A 1 7 ? 1.827   -1.493  -11.816 1.00 0.00 ? 7  DT A OP1   3 
ATOM 769  O OP2   . DT A 1 7 ? -0.727  -1.618  -11.731 1.00 0.00 ? 7  DT A OP2   3 
ATOM 770  O "O5'" . DT A 1 7 ? 0.681   -2.920  -10.109 1.00 0.00 ? 7  DT A "O5'" 3 
ATOM 771  C "C5'" . DT A 1 7 ? 1.840   -3.138  -9.328  1.00 0.00 ? 7  DT A "C5'" 3 
ATOM 772  C "C4'" . DT A 1 7 ? 1.701   -4.368  -8.431  1.00 0.00 ? 7  DT A "C4'" 3 
ATOM 773  O "O4'" . DT A 1 7 ? 0.677   -4.183  -7.468  1.00 0.00 ? 7  DT A "O4'" 3 
ATOM 774  C "C3'" . DT A 1 7 ? 1.416   -5.643  -9.233  1.00 0.00 ? 7  DT A "C3'" 3 
ATOM 775  O "O3'" . DT A 1 7 ? 2.505   -6.514  -8.958  1.00 0.00 ? 7  DT A "O3'" 3 
ATOM 776  C "C2'" . DT A 1 7 ? 0.089   -6.107  -8.635  1.00 0.00 ? 7  DT A "C2'" 3 
ATOM 777  C "C1'" . DT A 1 7 ? 0.023   -5.417  -7.280  1.00 0.00 ? 7  DT A "C1'" 3 
ATOM 778  N N1    . DT A 1 7 ? -1.337  -5.277  -6.705  1.00 0.00 ? 7  DT A N1    3 
ATOM 779  C C2    . DT A 1 7 ? -1.617  -5.842  -5.466  1.00 0.00 ? 7  DT A C2    3 
ATOM 780  O O2    . DT A 1 7 ? -0.799  -6.472  -4.802  1.00 0.00 ? 7  DT A O2    3 
ATOM 781  N N3    . DT A 1 7 ? -2.888  -5.636  -4.977  1.00 0.00 ? 7  DT A N3    3 
ATOM 782  C C4    . DT A 1 7 ? -3.913  -4.967  -5.598  1.00 0.00 ? 7  DT A C4    3 
ATOM 783  O O4    . DT A 1 7 ? -5.003  -4.869  -5.031  1.00 0.00 ? 7  DT A O4    3 
ATOM 784  C C5    . DT A 1 7 ? -3.532  -4.364  -6.866  1.00 0.00 ? 7  DT A C5    3 
ATOM 785  C C7    . DT A 1 7 ? -4.511  -3.511  -7.638  1.00 0.00 ? 7  DT A C7    3 
ATOM 786  C C6    . DT A 1 7 ? -2.274  -4.526  -7.352  1.00 0.00 ? 7  DT A C6    3 
ATOM 787  P P     . DG A 1 8 ? 2.609   -8.030  -9.493  1.00 0.00 ? 8  DG A P     3 
ATOM 788  O OP1   . DG A 1 8 ? 4.004   -8.274  -9.914  1.00 0.00 ? 8  DG A OP1   3 
ATOM 789  O OP2   . DG A 1 8 ? 1.501   -8.283  -10.441 1.00 0.00 ? 8  DG A OP2   3 
ATOM 790  O "O5'" . DG A 1 8 ? 2.334   -8.871  -8.143  1.00 0.00 ? 8  DG A "O5'" 3 
ATOM 791  C "C5'" . DG A 1 8 ? 3.251   -8.844  -7.059  1.00 0.00 ? 8  DG A "C5'" 3 
ATOM 792  C "C4'" . DG A 1 8 ? 2.729   -9.691  -5.887  1.00 0.00 ? 8  DG A "C4'" 3 
ATOM 793  O "O4'" . DG A 1 8 ? 1.511   -9.111  -5.445  1.00 0.00 ? 8  DG A "O4'" 3 
ATOM 794  C "C3'" . DG A 1 8 ? 2.428   -11.138 -6.300  1.00 0.00 ? 8  DG A "C3'" 3 
ATOM 795  O "O3'" . DG A 1 8 ? 2.815   -12.034 -5.279  1.00 0.00 ? 8  DG A "O3'" 3 
ATOM 796  C "C2'" . DG A 1 8 ? 0.914   -11.114 -6.415  1.00 0.00 ? 8  DG A "C2'" 3 
ATOM 797  C "C1'" . DG A 1 8 ? 0.555   -10.138 -5.303  1.00 0.00 ? 8  DG A "C1'" 3 
ATOM 798  N N9    . DG A 1 8 ? -0.803  -9.605  -5.492  1.00 0.00 ? 8  DG A N9    3 
ATOM 799  C C8    . DG A 1 8 ? -1.270  -9.003  -6.618  1.00 0.00 ? 8  DG A C8    3 
ATOM 800  N N7    . DG A 1 8 ? -2.496  -8.573  -6.548  1.00 0.00 ? 8  DG A N7    3 
ATOM 801  C C5    . DG A 1 8 ? -2.878  -8.940  -5.260  1.00 0.00 ? 8  DG A C5    3 
ATOM 802  C C6    . DG A 1 8 ? -4.114  -8.736  -4.585  1.00 0.00 ? 8  DG A C6    3 
ATOM 803  O O6    . DG A 1 8 ? -5.084  -8.092  -4.972  1.00 0.00 ? 8  DG A O6    3 
ATOM 804  N N1    . DG A 1 8 ? -4.163  -9.375  -3.355  1.00 0.00 ? 8  DG A N1    3 
ATOM 805  C C2    . DG A 1 8 ? -3.115  -10.073 -2.802  1.00 0.00 ? 8  DG A C2    3 
ATOM 806  N N2    . DG A 1 8 ? -3.303  -10.652 -1.620  1.00 0.00 ? 8  DG A N2    3 
ATOM 807  N N3    . DG A 1 8 ? -1.922  -10.204 -3.394  1.00 0.00 ? 8  DG A N3    3 
ATOM 808  C C4    . DG A 1 8 ? -1.868  -9.615  -4.621  1.00 0.00 ? 8  DG A C4    3 
ATOM 809  O "O5'" . DC B 2 1 ? -12.113 -12.443 1.072   1.00 0.00 ? 9  DC B "O5'" 3 
ATOM 810  C "C5'" . DC B 2 1 ? -11.441 -11.599 1.982   1.00 0.00 ? 9  DC B "C5'" 3 
ATOM 811  C "C4'" . DC B 2 1 ? -9.929  -11.726 1.786   1.00 0.00 ? 9  DC B "C4'" 3 
ATOM 812  O "O4'" . DC B 2 1 ? -9.569  -11.276 0.489   1.00 0.00 ? 9  DC B "O4'" 3 
ATOM 813  C "C3'" . DC B 2 1 ? -9.146  -10.878 2.799   1.00 0.00 ? 9  DC B "C3'" 3 
ATOM 814  O "O3'" . DC B 2 1 ? -8.167  -11.706 3.396   1.00 0.00 ? 9  DC B "O3'" 3 
ATOM 815  C "C2'" . DC B 2 1 ? -8.537  -9.798  1.910   1.00 0.00 ? 9  DC B "C2'" 3 
ATOM 816  C "C1'" . DC B 2 1 ? -8.361  -10.554 0.606   1.00 0.00 ? 9  DC B "C1'" 3 
ATOM 817  N N1    . DC B 2 1 ? -8.155  -9.652  -0.555  1.00 0.00 ? 9  DC B N1    3 
ATOM 818  C C2    . DC B 2 1 ? -6.906  -9.615  -1.171  1.00 0.00 ? 9  DC B C2    3 
ATOM 819  O O2    . DC B 2 1 ? -5.962  -10.285 -0.762  1.00 0.00 ? 9  DC B O2    3 
ATOM 820  N N3    . DC B 2 1 ? -6.730  -8.828  -2.269  1.00 0.00 ? 9  DC B N3    3 
ATOM 821  C C4    . DC B 2 1 ? -7.737  -8.083  -2.732  1.00 0.00 ? 9  DC B C4    3 
ATOM 822  N N4    . DC B 2 1 ? -7.523  -7.326  -3.799  1.00 0.00 ? 9  DC B N4    3 
ATOM 823  C C5    . DC B 2 1 ? -9.029  -8.092  -2.117  1.00 0.00 ? 9  DC B C5    3 
ATOM 824  C C6    . DC B 2 1 ? -9.187  -8.895  -1.041  1.00 0.00 ? 9  DC B C6    3 
ATOM 825  P P     . DA B 2 2 ? -7.155  -11.169 4.523   1.00 0.00 ? 10 DA B P     3 
ATOM 826  O OP1   . DA B 2 2 ? -6.947  -12.257 5.504   1.00 0.00 ? 10 DA B OP1   3 
ATOM 827  O OP2   . DA B 2 2 ? -7.637  -9.851  4.991   1.00 0.00 ? 10 DA B OP2   3 
ATOM 828  O "O5'" . DA B 2 2 ? -5.790  -10.948 3.702   1.00 0.00 ? 10 DA B "O5'" 3 
ATOM 829  C "C5'" . DA B 2 2 ? -5.102  -12.044 3.124   1.00 0.00 ? 10 DA B "C5'" 3 
ATOM 830  C "C4'" . DA B 2 2 ? -3.715  -11.621 2.627   1.00 0.00 ? 10 DA B "C4'" 3 
ATOM 831  O "O4'" . DA B 2 2 ? -3.836  -10.751 1.515   1.00 0.00 ? 10 DA B "O4'" 3 
ATOM 832  C "C3'" . DA B 2 2 ? -2.923  -10.905 3.728   1.00 0.00 ? 10 DA B "C3'" 3 
ATOM 833  O "O3'" . DA B 2 2 ? -1.633  -11.489 3.743   1.00 0.00 ? 10 DA B "O3'" 3 
ATOM 834  C "C2'" . DA B 2 2 ? -2.958  -9.458  3.246   1.00 0.00 ? 10 DA B "C2'" 3 
ATOM 835  C "C1'" . DA B 2 2 ? -3.071  -9.582  1.735   1.00 0.00 ? 10 DA B "C1'" 3 
ATOM 836  N N9    . DA B 2 2 ? -3.766  -8.469  1.067   1.00 0.00 ? 10 DA B N9    3 
ATOM 837  C C8    . DA B 2 2 ? -5.033  -8.056  1.335   1.00 0.00 ? 10 DA B C8    3 
ATOM 838  N N7    . DA B 2 2 ? -5.549  -7.236  0.460   1.00 0.00 ? 10 DA B N7    3 
ATOM 839  C C5    . DA B 2 2 ? -4.516  -7.094  -0.464  1.00 0.00 ? 10 DA B C5    3 
ATOM 840  C C6    . DA B 2 2 ? -4.402  -6.385  -1.674  1.00 0.00 ? 10 DA B C6    3 
ATOM 841  N N6    . DA B 2 2 ? -5.395  -5.681  -2.213  1.00 0.00 ? 10 DA B N6    3 
ATOM 842  N N1    . DA B 2 2 ? -3.232  -6.398  -2.322  1.00 0.00 ? 10 DA B N1    3 
ATOM 843  C C2    . DA B 2 2 ? -2.219  -7.101  -1.832  1.00 0.00 ? 10 DA B C2    3 
ATOM 844  N N3    . DA B 2 2 ? -2.210  -7.847  -0.733  1.00 0.00 ? 10 DA B N3    3 
ATOM 845  C C4    . DA B 2 2 ? -3.410  -7.814  -0.090  1.00 0.00 ? 10 DA B C4    3 
ATOM 846  P P     . DT B 2 3 ? -0.401  -10.903 4.594   1.00 0.00 ? 11 DT B P     3 
ATOM 847  O OP1   . DT B 2 3 ? 0.442   -12.037 5.032   1.00 0.00 ? 11 DT B OP1   3 
ATOM 848  O OP2   . DT B 2 3 ? -0.914  -9.936  5.589   1.00 0.00 ? 11 DT B OP2   3 
ATOM 849  O "O5'" . DT B 2 3 ? 0.375   -10.102 3.441   1.00 0.00 ? 11 DT B "O5'" 3 
ATOM 850  C "C5'" . DT B 2 3 ? 0.865   -10.791 2.303   1.00 0.00 ? 11 DT B "C5'" 3 
ATOM 851  C "C4'" . DT B 2 3 ? 1.537   -9.818  1.334   1.00 0.00 ? 11 DT B "C4'" 3 
ATOM 852  O "O4'" . DT B 2 3 ? 0.584   -8.881  0.865   1.00 0.00 ? 11 DT B "O4'" 3 
ATOM 853  C "C3'" . DT B 2 3 ? 2.698   -9.063  1.995   1.00 0.00 ? 11 DT B "C3'" 3 
ATOM 854  O "O3'" . DT B 2 3 ? 3.871   -9.348  1.249   1.00 0.00 ? 11 DT B "O3'" 3 
ATOM 855  C "C2'" . DT B 2 3 ? 2.257   -7.603  1.891   1.00 0.00 ? 11 DT B "C2'" 3 
ATOM 856  C "C1'" . DT B 2 3 ? 1.202   -7.615  0.785   1.00 0.00 ? 11 DT B "C1'" 3 
ATOM 857  N N1    . DT B 2 3 ? 0.226   -6.506  0.741   1.00 0.00 ? 11 DT B N1    3 
ATOM 858  C C2    . DT B 2 3 ? 0.135   -5.679  -0.379  1.00 0.00 ? 11 DT B C2    3 
ATOM 859  O O2    . DT B 2 3 ? 0.929   -5.687  -1.312  1.00 0.00 ? 11 DT B O2    3 
ATOM 860  N N3    . DT B 2 3 ? -0.937  -4.807  -0.410  1.00 0.00 ? 11 DT B N3    3 
ATOM 861  C C4    . DT B 2 3 ? -1.947  -4.731  0.521   1.00 0.00 ? 11 DT B C4    3 
ATOM 862  O O4    . DT B 2 3 ? -2.913  -3.998  0.321   1.00 0.00 ? 11 DT B O4    3 
ATOM 863  C C5    . DT B 2 3 ? -1.768  -5.615  1.658   1.00 0.00 ? 11 DT B C5    3 
ATOM 864  C C7    . DT B 2 3 ? -2.767  -5.606  2.783   1.00 0.00 ? 11 DT B C7    3 
ATOM 865  C C6    . DT B 2 3 ? -0.717  -6.463  1.711   1.00 0.00 ? 11 DT B C6    3 
ATOM 866  P P     . DT B 2 4 ? 5.308   -8.709  1.594   1.00 0.00 ? 12 DT B P     3 
ATOM 867  O OP1   . DT B 2 4 ? 6.352   -9.622  1.076   1.00 0.00 ? 12 DT B OP1   3 
ATOM 868  O OP2   . DT B 2 4 ? 5.326   -8.316  3.018   1.00 0.00 ? 12 DT B OP2   3 
ATOM 869  O "O5'" . DT B 2 4 ? 5.305   -7.380  0.689   1.00 0.00 ? 12 DT B "O5'" 3 
ATOM 870  C "C5'" . DT B 2 4 ? 5.301   -7.481  -0.721  1.00 0.00 ? 12 DT B "C5'" 3 
ATOM 871  C "C4'" . DT B 2 4 ? 5.145   -6.111  -1.384  1.00 0.00 ? 12 DT B "C4'" 3 
ATOM 872  O "O4'" . DT B 2 4 ? 3.871   -5.555  -1.114  1.00 0.00 ? 12 DT B "O4'" 3 
ATOM 873  C "C3'" . DT B 2 4 ? 6.208   -5.088  -0.956  1.00 0.00 ? 12 DT B "C3'" 3 
ATOM 874  O "O3'" . DT B 2 4 ? 6.878   -4.673  -2.138  1.00 0.00 ? 12 DT B "O3'" 3 
ATOM 875  C "C2'" . DT B 2 4 ? 5.376   -3.976  -0.311  1.00 0.00 ? 12 DT B "C2'" 3 
ATOM 876  C "C1'" . DT B 2 4 ? 4.024   -4.156  -0.986  1.00 0.00 ? 12 DT B "C1'" 3 
ATOM 877  N N1    . DT B 2 4 ? 2.865   -3.518  -0.335  1.00 0.00 ? 12 DT B N1    3 
ATOM 878  C C2    . DT B 2 4 ? 2.066   -2.621  -1.043  1.00 0.00 ? 12 DT B C2    3 
ATOM 879  O O2    . DT B 2 4 ? 2.327   -2.205  -2.168  1.00 0.00 ? 12 DT B O2    3 
ATOM 880  N N3    . DT B 2 4 ? 0.927   -2.184  -0.404  1.00 0.00 ? 12 DT B N3    3 
ATOM 881  C C4    . DT B 2 4 ? 0.526   -2.527  0.863   1.00 0.00 ? 12 DT B C4    3 
ATOM 882  O O4    . DT B 2 4 ? -0.535  -2.098  1.311   1.00 0.00 ? 12 DT B O4    3 
ATOM 883  C C5    . DT B 2 4 ? 1.410   -3.462  1.530   1.00 0.00 ? 12 DT B C5    3 
ATOM 884  C C7    . DT B 2 4 ? 1.093   -3.971  2.907   1.00 0.00 ? 12 DT B C7    3 
ATOM 885  C C6    . DT B 2 4 ? 2.512   -3.933  0.909   1.00 0.00 ? 12 DT B C6    3 
ATOM 886  P P     . DA B 2 5 ? 8.056   -3.578  -2.144  1.00 0.00 ? 13 DA B P     3 
ATOM 887  O OP1   . DA B 2 5 ? 8.989   -3.917  -3.244  1.00 0.00 ? 13 DA B OP1   3 
ATOM 888  O OP2   . DA B 2 5 ? 8.573   -3.425  -0.766  1.00 0.00 ? 13 DA B OP2   3 
ATOM 889  O "O5'" . DA B 2 5 ? 7.256   -2.245  -2.547  1.00 0.00 ? 13 DA B "O5'" 3 
ATOM 890  C "C5'" . DA B 2 5 ? 6.731   -2.090  -3.852  1.00 0.00 ? 13 DA B "C5'" 3 
ATOM 891  C "C4'" . DA B 2 5 ? 6.101   -0.705  -4.026  1.00 0.00 ? 13 DA B "C4'" 3 
ATOM 892  O "O4'" . DA B 2 5 ? 4.924   -0.595  -3.258  1.00 0.00 ? 13 DA B "O4'" 3 
ATOM 893  C "C3'" . DA B 2 5 ? 7.065   0.418   -3.631  1.00 0.00 ? 13 DA B "C3'" 3 
ATOM 894  O "O3'" . DA B 2 5 ? 7.046   1.351   -4.698  1.00 0.00 ? 13 DA B "O3'" 3 
ATOM 895  C "C2'" . DA B 2 5 ? 6.432   0.954   -2.348  1.00 0.00 ? 13 DA B "C2'" 3 
ATOM 896  C "C1'" . DA B 2 5 ? 4.959   0.625   -2.556  1.00 0.00 ? 13 DA B "C1'" 3 
ATOM 897  N N9    . DA B 2 5 ? 4.144   0.522   -1.345  1.00 0.00 ? 13 DA B N9    3 
ATOM 898  C C8    . DA B 2 5 ? 4.364   -0.330  -0.315  1.00 0.00 ? 13 DA B C8    3 
ATOM 899  N N7    . DA B 2 5 ? 3.440   -0.338  0.608   1.00 0.00 ? 13 DA B N7    3 
ATOM 900  C C5    . DA B 2 5 ? 2.505   0.559   0.101   1.00 0.00 ? 13 DA B C5    3 
ATOM 901  C C6    . DA B 2 5 ? 1.232   0.961   0.535   1.00 0.00 ? 13 DA B C6    3 
ATOM 902  N N6    . DA B 2 5 ? 0.694   0.500   1.659   1.00 0.00 ? 13 DA B N6    3 
ATOM 903  N N1    . DA B 2 5 ? 0.509   1.789   -0.232  1.00 0.00 ? 13 DA B N1    3 
ATOM 904  C C2    . DA B 2 5 ? 1.031   2.217   -1.377  1.00 0.00 ? 13 DA B C2    3 
ATOM 905  N N3    . DA B 2 5 ? 2.215   1.925   -1.899  1.00 0.00 ? 13 DA B N3    3 
ATOM 906  C C4    . DA B 2 5 ? 2.907   1.068   -1.106  1.00 0.00 ? 13 DA B C4    3 
ATOM 907  P P     . DT B 2 6 ? 7.888   2.717   -4.688  1.00 0.00 ? 14 DT B P     3 
ATOM 908  O OP1   . DT B 2 6 ? 8.448   2.933   -6.039  1.00 0.00 ? 14 DT B OP1   3 
ATOM 909  O OP2   . DT B 2 6 ? 8.782   2.725   -3.507  1.00 0.00 ? 14 DT B OP2   3 
ATOM 910  O "O5'" . DT B 2 6 ? 6.720   3.792   -4.442  1.00 0.00 ? 14 DT B "O5'" 3 
ATOM 911  C "C5'" . DT B 2 6 ? 5.778   4.089   -5.461  1.00 0.00 ? 14 DT B "C5'" 3 
ATOM 912  C "C4'" . DT B 2 6 ? 4.798   5.161   -4.973  1.00 0.00 ? 14 DT B "C4'" 3 
ATOM 913  O "O4'" . DT B 2 6 ? 4.051   4.623   -3.893  1.00 0.00 ? 14 DT B "O4'" 3 
ATOM 914  C "C3'" . DT B 2 6 ? 5.585   6.386   -4.485  1.00 0.00 ? 14 DT B "C3'" 3 
ATOM 915  O "O3'" . DT B 2 6 ? 5.047   7.525   -5.141  1.00 0.00 ? 14 DT B "O3'" 3 
ATOM 916  C "C2'" . DT B 2 6 ? 5.289   6.376   -2.989  1.00 0.00 ? 14 DT B "C2'" 3 
ATOM 917  C "C1'" . DT B 2 6 ? 3.990   5.573   -2.850  1.00 0.00 ? 14 DT B "C1'" 3 
ATOM 918  N N1    . DT B 2 6 ? 3.735   4.940   -1.530  1.00 0.00 ? 14 DT B N1    3 
ATOM 919  C C2    . DT B 2 6 ? 2.495   5.075   -0.899  1.00 0.00 ? 14 DT B C2    3 
ATOM 920  O O2    . DT B 2 6 ? 1.555   5.706   -1.367  1.00 0.00 ? 14 DT B O2    3 
ATOM 921  N N3    . DT B 2 6 ? 2.354   4.457   0.332   1.00 0.00 ? 14 DT B N3    3 
ATOM 922  C C4    . DT B 2 6 ? 3.331   3.732   0.978   1.00 0.00 ? 14 DT B C4    3 
ATOM 923  O O4    . DT B 2 6 ? 3.093   3.212   2.063   1.00 0.00 ? 14 DT B O4    3 
ATOM 924  C C5    . DT B 2 6 ? 4.577   3.610   0.249   1.00 0.00 ? 14 DT B C5    3 
ATOM 925  C C7    . DT B 2 6 ? 5.739   2.879   0.882   1.00 0.00 ? 14 DT B C7    3 
ATOM 926  C C6    . DT B 2 6 ? 4.719   4.189   -0.967  1.00 0.00 ? 14 DT B C6    3 
ATOM 927  P P     . DA B 2 7 ? 5.429   9.045   -4.750  1.00 0.00 ? 15 DA B P     3 
ATOM 928  O OP1   . DA B 2 7 ? 5.230   9.906   -5.936  1.00 0.00 ? 15 DA B OP1   3 
ATOM 929  O OP2   . DA B 2 7 ? 6.731   9.056   -4.045  1.00 0.00 ? 15 DA B OP2   3 
ATOM 930  O "O5'" . DA B 2 7 ? 4.277   9.406   -3.683  1.00 0.00 ? 15 DA B "O5'" 3 
ATOM 931  C "C5'" . DA B 2 7 ? 2.925   9.449   -4.098  1.00 0.00 ? 15 DA B "C5'" 3 
ATOM 932  C "C4'" . DA B 2 7 ? 1.960   9.700   -2.933  1.00 0.00 ? 15 DA B "C4'" 3 
ATOM 933  O "O4'" . DA B 2 7 ? 1.980   8.641   -2.001  1.00 0.00 ? 15 DA B "O4'" 3 
ATOM 934  C "C3'" . DA B 2 7 ? 2.166   11.029  -2.196  1.00 0.00 ? 15 DA B "C3'" 3 
ATOM 935  O "O3'" . DA B 2 7 ? 0.917   11.699  -2.133  1.00 0.00 ? 15 DA B "O3'" 3 
ATOM 936  C "C2'" . DA B 2 7 ? 2.620   10.544  -0.826  1.00 0.00 ? 15 DA B "C2'" 3 
ATOM 937  C "C1'" . DA B 2 7 ? 1.923   9.195   -0.708  1.00 0.00 ? 15 DA B "C1'" 3 
ATOM 938  N N9    . DA B 2 7 ? 2.549   8.320   0.282   1.00 0.00 ? 15 DA B N9    3 
ATOM 939  C C8    . DA B 2 7 ? 3.841   7.924   0.279   1.00 0.00 ? 15 DA B C8    3 
ATOM 940  N N7    . DA B 2 7 ? 4.198   7.176   1.286   1.00 0.00 ? 15 DA B N7    3 
ATOM 941  C C5    . DA B 2 7 ? 3.003   7.046   1.992   1.00 0.00 ? 15 DA B C5    3 
ATOM 942  C C6    . DA B 2 7 ? 2.651   6.355   3.163   1.00 0.00 ? 15 DA B C6    3 
ATOM 943  N N6    . DA B 2 7 ? 3.548   5.672   3.867   1.00 0.00 ? 15 DA B N6    3 
ATOM 944  N N1    . DA B 2 7 ? 1.373   6.380   3.576   1.00 0.00 ? 15 DA B N1    3 
ATOM 945  C C2    . DA B 2 7 ? 0.488   7.074   2.867   1.00 0.00 ? 15 DA B C2    3 
ATOM 946  N N3    . DA B 2 7 ? 0.689   7.779   1.766   1.00 0.00 ? 15 DA B N3    3 
ATOM 947  C C4    . DA B 2 7 ? 1.982   7.717   1.371   1.00 0.00 ? 15 DA B C4    3 
ATOM 948  P P     . DC B 2 8 ? 0.696   13.086  -1.336  1.00 0.00 ? 16 DC B P     3 
ATOM 949  O OP1   . DC B 2 8 ? -0.263  13.904  -2.109  1.00 0.00 ? 16 DC B OP1   3 
ATOM 950  O OP2   . DC B 2 8 ? 2.017   13.644  -0.977  1.00 0.00 ? 16 DC B OP2   3 
ATOM 951  O "O5'" . DC B 2 8 ? -0.028  12.604  0.019   1.00 0.00 ? 16 DC B "O5'" 3 
ATOM 952  C "C5'" . DC B 2 8 ? -1.323  12.031  -0.021  1.00 0.00 ? 16 DC B "C5'" 3 
ATOM 953  C "C4'" . DC B 2 8 ? -1.807  11.649  1.382   1.00 0.00 ? 16 DC B "C4'" 3 
ATOM 954  O "O4'" . DC B 2 8 ? -0.914  10.703  1.944   1.00 0.00 ? 16 DC B "O4'" 3 
ATOM 955  C "C3'" . DC B 2 8 ? -1.877  12.844  2.343   1.00 0.00 ? 16 DC B "C3'" 3 
ATOM 956  O "O3'" . DC B 2 8 ? -3.104  12.840  3.042   1.00 0.00 ? 16 DC B "O3'" 3 
ATOM 957  C "C2'" . DC B 2 8 ? -0.740  12.571  3.319   1.00 0.00 ? 16 DC B "C2'" 3 
ATOM 958  C "C1'" . DC B 2 8 ? -0.686  11.042  3.298   1.00 0.00 ? 16 DC B "C1'" 3 
ATOM 959  N N1    . DC B 2 8 ? 0.640   10.525  3.715   1.00 0.00 ? 16 DC B N1    3 
ATOM 960  C C2    . DC B 2 8 ? 0.769   9.725   4.849   1.00 0.00 ? 16 DC B C2    3 
ATOM 961  O O2    . DC B 2 8 ? -0.188  9.486   5.583   1.00 0.00 ? 16 DC B O2    3 
ATOM 962  N N3    . DC B 2 8 ? 1.990   9.196   5.152   1.00 0.00 ? 16 DC B N3    3 
ATOM 963  C C4    . DC B 2 8 ? 3.045   9.452   4.368   1.00 0.00 ? 16 DC B C4    3 
ATOM 964  N N4    . DC B 2 8 ? 4.201   8.862   4.646   1.00 0.00 ? 16 DC B N4    3 
ATOM 965  C C5    . DC B 2 8 ? 2.943   10.268  3.200   1.00 0.00 ? 16 DC B C5    3 
ATOM 966  C C6    . DC B 2 8 ? 1.721   10.776  2.920   1.00 0.00 ? 16 DC B C6    3 
ATOM 967  O "O5'" . DG A 1 1 ? 2.071   2.877   15.949  1.00 0.00 ? 1  DG A "O5'" 4 
ATOM 968  C "C5'" . DG A 1 1 ? 2.690   3.701   14.983  1.00 0.00 ? 1  DG A "C5'" 4 
ATOM 969  C "C4'" . DG A 1 1 ? 1.635   4.460   14.173  1.00 0.00 ? 1  DG A "C4'" 4 
ATOM 970  O "O4'" . DG A 1 1 ? 2.284   5.371   13.296  1.00 0.00 ? 1  DG A "O4'" 4 
ATOM 971  C "C3'" . DG A 1 1 ? 0.782   3.511   13.313  1.00 0.00 ? 1  DG A "C3'" 4 
ATOM 972  O "O3'" . DG A 1 1 ? -0.579  3.884   13.446  1.00 0.00 ? 1  DG A "O3'" 4 
ATOM 973  C "C2'" . DG A 1 1 ? 1.329   3.801   11.919  1.00 0.00 ? 1  DG A "C2'" 4 
ATOM 974  C "C1'" . DG A 1 1 ? 1.653   5.279   12.034  1.00 0.00 ? 1  DG A "C1'" 4 
ATOM 975  N N9    . DG A 1 1 ? 2.539   5.721   10.940  1.00 0.00 ? 1  DG A N9    4 
ATOM 976  C C8    . DG A 1 1 ? 3.888   5.548   10.822  1.00 0.00 ? 1  DG A C8    4 
ATOM 977  N N7    . DG A 1 1 ? 4.390   5.988   9.701   1.00 0.00 ? 1  DG A N7    4 
ATOM 978  C C5    . DG A 1 1 ? 3.288   6.509   9.026   1.00 0.00 ? 1  DG A C5    4 
ATOM 979  C C6    . DG A 1 1 ? 3.183   7.150   7.751   1.00 0.00 ? 1  DG A C6    4 
ATOM 980  O O6    . DG A 1 1 ? 4.072   7.346   6.927   1.00 0.00 ? 1  DG A O6    4 
ATOM 981  N N1    . DG A 1 1 ? 1.897   7.591   7.473   1.00 0.00 ? 1  DG A N1    4 
ATOM 982  C C2    . DG A 1 1 ? 0.823   7.409   8.312   1.00 0.00 ? 1  DG A C2    4 
ATOM 983  N N2    . DG A 1 1 ? -0.375  7.836   7.934   1.00 0.00 ? 1  DG A N2    4 
ATOM 984  N N3    . DG A 1 1 ? 0.905   6.781   9.487   1.00 0.00 ? 1  DG A N3    4 
ATOM 985  C C4    . DG A 1 1 ? 2.157   6.368   9.791   1.00 0.00 ? 1  DG A C4    4 
ATOM 986  P P     . DT A 1 2 ? -1.769  3.086   12.707  1.00 0.00 ? 2  DT A P     4 
ATOM 987  O OP1   . DT A 1 2 ? -2.946  3.090   13.602  1.00 0.00 ? 2  DT A OP1   4 
ATOM 988  O OP2   . DT A 1 2 ? -1.232  1.800   12.204  1.00 0.00 ? 2  DT A OP2   4 
ATOM 989  O "O5'" . DT A 1 2 ? -2.117  4.000   11.433  1.00 0.00 ? 2  DT A "O5'" 4 
ATOM 990  C "C5'" . DT A 1 2 ? -2.656  5.300   11.584  1.00 0.00 ? 2  DT A "C5'" 4 
ATOM 991  C "C4'" . DT A 1 2 ? -3.153  5.816   10.229  1.00 0.00 ? 2  DT A "C4'" 4 
ATOM 992  O "O4'" . DT A 1 2 ? -2.062  5.952   9.344   1.00 0.00 ? 2  DT A "O4'" 4 
ATOM 993  C "C3'" . DT A 1 2 ? -4.179  4.854   9.613   1.00 0.00 ? 2  DT A "C3'" 4 
ATOM 994  O "O3'" . DT A 1 2 ? -5.303  5.600   9.181   1.00 0.00 ? 2  DT A "O3'" 4 
ATOM 995  C "C2'" . DT A 1 2 ? -3.395  4.240   8.458   1.00 0.00 ? 2  DT A "C2'" 4 
ATOM 996  C "C1'" . DT A 1 2 ? -2.410  5.344   8.122   1.00 0.00 ? 2  DT A "C1'" 4 
ATOM 997  N N1    . DT A 1 2 ? -1.185  4.855   7.452   1.00 0.00 ? 2  DT A N1    4 
ATOM 998  C C2    . DT A 1 2 ? -0.845  5.364   6.204   1.00 0.00 ? 2  DT A C2    4 
ATOM 999  O O2    . DT A 1 2 ? -1.567  6.112   5.549   1.00 0.00 ? 2  DT A O2    4 
ATOM 1000 N N3    . DT A 1 2 ? 0.394   5.004   5.721   1.00 0.00 ? 2  DT A N3    4 
ATOM 1001 C C4    . DT A 1 2 ? 1.302   4.179   6.339   1.00 0.00 ? 2  DT A C4    4 
ATOM 1002 O O4    . DT A 1 2 ? 2.385   3.953   5.805   1.00 0.00 ? 2  DT A O4    4 
ATOM 1003 C C5    . DT A 1 2 ? 0.862   3.658   7.618   1.00 0.00 ? 2  DT A C5    4 
ATOM 1004 C C7    . DT A 1 2 ? 1.741   2.691   8.378   1.00 0.00 ? 2  DT A C7    4 
ATOM 1005 C C6    . DT A 1 2 ? -0.336  4.021   8.132   1.00 0.00 ? 2  DT A C6    4 
ATOM 1006 P P     . DA A 1 3 ? -6.584  4.907   8.492   1.00 0.00 ? 3  DA A P     4 
ATOM 1007 O OP1   . DA A 1 3 ? -7.789  5.644   8.931   1.00 0.00 ? 3  DA A OP1   4 
ATOM 1008 O OP2   . DA A 1 3 ? -6.501  3.445   8.699   1.00 0.00 ? 3  DA A OP2   4 
ATOM 1009 O "O5'" . DA A 1 3 ? -6.329  5.223   6.938   1.00 0.00 ? 3  DA A "O5'" 4 
ATOM 1010 C "C5'" . DA A 1 3 ? -6.364  6.559   6.472   1.00 0.00 ? 3  DA A "C5'" 4 
ATOM 1011 C "C4'" . DA A 1 3 ? -6.154  6.638   4.958   1.00 0.00 ? 3  DA A "C4'" 4 
ATOM 1012 O "O4'" . DA A 1 3 ? -4.842  6.233   4.609   1.00 0.00 ? 3  DA A "O4'" 4 
ATOM 1013 C "C3'" . DA A 1 3 ? -7.153  5.768   4.189   1.00 0.00 ? 3  DA A "C3'" 4 
ATOM 1014 O "O3'" . DA A 1 3 ? -7.698  6.609   3.187   1.00 0.00 ? 3  DA A "O3'" 4 
ATOM 1015 C "C2'" . DA A 1 3 ? -6.266  4.643   3.649   1.00 0.00 ? 3  DA A "C2'" 4 
ATOM 1016 C "C1'" . DA A 1 3 ? -4.904  5.320   3.531   1.00 0.00 ? 3  DA A "C1'" 4 
ATOM 1017 N N9    . DA A 1 3 ? -3.721  4.449   3.596   1.00 0.00 ? 3  DA A N9    4 
ATOM 1018 C C8    . DA A 1 3 ? -3.400  3.636   4.631   1.00 0.00 ? 3  DA A C8    4 
ATOM 1019 N N7    . DA A 1 3 ? -2.208  3.107   4.580   1.00 0.00 ? 3  DA A N7    4 
ATOM 1020 C C5    . DA A 1 3 ? -1.681  3.667   3.417   1.00 0.00 ? 3  DA A C5    4 
ATOM 1021 C C6    . DA A 1 3 ? -0.416  3.597   2.805   1.00 0.00 ? 3  DA A C6    4 
ATOM 1022 N N6    . DA A 1 3 ? 0.586   2.903   3.336   1.00 0.00 ? 3  DA A N6    4 
ATOM 1023 N N1    . DA A 1 3 ? -0.184  4.299   1.683   1.00 0.00 ? 3  DA A N1    4 
ATOM 1024 C C2    . DA A 1 3 ? -1.170  5.041   1.190   1.00 0.00 ? 3  DA A C2    4 
ATOM 1025 N N3    . DA A 1 3 ? -2.395  5.211   1.674   1.00 0.00 ? 3  DA A N3    4 
ATOM 1026 C C4    . DA A 1 3 ? -2.591  4.494   2.812   1.00 0.00 ? 3  DA A C4    4 
ATOM 1027 P P     . DT A 1 4 ? -8.696  6.090   2.045   1.00 0.00 ? 4  DT A P     4 
ATOM 1028 O OP1   . DT A 1 4 ? -9.620  7.189   1.682   1.00 0.00 ? 4  DT A OP1   4 
ATOM 1029 O OP2   . DT A 1 4 ? -9.237  4.767   2.427   1.00 0.00 ? 4  DT A OP2   4 
ATOM 1030 O "O5'" . DT A 1 4 ? -7.664  5.883   0.833   1.00 0.00 ? 4  DT A "O5'" 4 
ATOM 1031 C "C5'" . DT A 1 4 ? -7.004  6.992   0.250   1.00 0.00 ? 4  DT A "C5'" 4 
ATOM 1032 C "C4'" . DT A 1 4 ? -6.137  6.532   -0.925  1.00 0.00 ? 4  DT A "C4'" 4 
ATOM 1033 O "O4'" . DT A 1 4 ? -5.074  5.727   -0.445  1.00 0.00 ? 4  DT A "O4'" 4 
ATOM 1034 C "C3'" . DT A 1 4 ? -6.973  5.708   -1.914  1.00 0.00 ? 4  DT A "C3'" 4 
ATOM 1035 O "O3'" . DT A 1 4 ? -6.819  6.354   -3.170  1.00 0.00 ? 4  DT A "O3'" 4 
ATOM 1036 C "C2'" . DT A 1 4 ? -6.319  4.328   -1.835  1.00 0.00 ? 4  DT A "C2'" 4 
ATOM 1037 C "C1'" . DT A 1 4 ? -4.916  4.609   -1.294  1.00 0.00 ? 4  DT A "C1'" 4 
ATOM 1038 N N1    . DT A 1 4 ? -4.192  3.509   -0.599  1.00 0.00 ? 4  DT A N1    4 
ATOM 1039 C C2    . DT A 1 4 ? -2.847  3.289   -0.901  1.00 0.00 ? 4  DT A C2    4 
ATOM 1040 O O2    . DT A 1 4 ? -2.245  3.852   -1.808  1.00 0.00 ? 4  DT A O2    4 
ATOM 1041 N N3    . DT A 1 4 ? -2.170  2.384   -0.106  1.00 0.00 ? 4  DT A N3    4 
ATOM 1042 C C4    . DT A 1 4 ? -2.700  1.691   0.956   1.00 0.00 ? 4  DT A C4    4 
ATOM 1043 O O4    . DT A 1 4 ? -1.976  0.984   1.650   1.00 0.00 ? 4  DT A O4    4 
ATOM 1044 C C5    . DT A 1 4 ? -4.110  1.926   1.183   1.00 0.00 ? 4  DT A C5    4 
ATOM 1045 C C7    . DT A 1 4 ? -4.817  1.130   2.261   1.00 0.00 ? 4  DT A C7    4 
ATOM 1046 C C6    . DT A 1 4 ? -4.786  2.831   0.429   1.00 0.00 ? 4  DT A C6    4 
ATOM 1047 P P     . DA A 1 5 ? -7.204  5.688   -4.586  1.00 0.00 ? 5  DA A P     4 
ATOM 1048 O OP1   . DA A 1 5 ? -7.458  6.777   -5.553  1.00 0.00 ? 5  DA A OP1   4 
ATOM 1049 O OP2   . DA A 1 5 ? -8.223  4.634   -4.376  1.00 0.00 ? 5  DA A OP2   4 
ATOM 1050 O "O5'" . DA A 1 5 ? -5.806  4.988   -4.969  1.00 0.00 ? 5  DA A "O5'" 4 
ATOM 1051 C "C5'" . DA A 1 5 ? -4.638  5.775   -5.133  1.00 0.00 ? 5  DA A "C5'" 4 
ATOM 1052 C "C4'" . DA A 1 5 ? -3.461  4.962   -5.677  1.00 0.00 ? 5  DA A "C4'" 4 
ATOM 1053 O "O4'" . DA A 1 5 ? -3.024  4.001   -4.730  1.00 0.00 ? 5  DA A "O4'" 4 
ATOM 1054 C "C3'" . DA A 1 5 ? -3.892  4.229   -6.946  1.00 0.00 ? 5  DA A "C3'" 4 
ATOM 1055 O "O3'" . DA A 1 5 ? -2.856  4.437   -7.889  1.00 0.00 ? 5  DA A "O3'" 4 
ATOM 1056 C "C2'" . DA A 1 5 ? -3.994  2.786   -6.453  1.00 0.00 ? 5  DA A "C2'" 4 
ATOM 1057 C "C1'" . DA A 1 5 ? -2.958  2.721   -5.331  1.00 0.00 ? 5  DA A "C1'" 4 
ATOM 1058 N N9    . DA A 1 5 ? -3.125  1.688   -4.284  1.00 0.00 ? 5  DA A N9    4 
ATOM 1059 C C8    . DA A 1 5 ? -4.266  1.330   -3.630  1.00 0.00 ? 5  DA A C8    4 
ATOM 1060 N N7    . DA A 1 5 ? -4.100  0.623   -2.545  1.00 0.00 ? 5  DA A N7    4 
ATOM 1061 C C5    . DA A 1 5 ? -2.726  0.416   -2.538  1.00 0.00 ? 5  DA A C5    4 
ATOM 1062 C C6    . DA A 1 5 ? -1.884  -0.327  -1.699  1.00 0.00 ? 5  DA A C6    4 
ATOM 1063 N N6    . DA A 1 5 ? -2.321  -0.952  -0.606  1.00 0.00 ? 5  DA A N6    4 
ATOM 1064 N N1    . DA A 1 5 ? -0.607  -0.501  -2.057  1.00 0.00 ? 5  DA A N1    4 
ATOM 1065 C C2    . DA A 1 5 ? -0.161  0.085   -3.162  1.00 0.00 ? 5  DA A C2    4 
ATOM 1066 N N3    . DA A 1 5 ? -0.830  0.872   -3.995  1.00 0.00 ? 5  DA A N3    4 
ATOM 1067 C C4    . DA A 1 5 ? -2.129  1.003   -3.624  1.00 0.00 ? 5  DA A C4    4 
ATOM 1068 P P     . DA A 1 6 ? -2.833  3.736   -9.330  1.00 0.00 ? 6  DA A P     4 
ATOM 1069 O OP1   . DA A 1 6 ? -1.976  4.541   -10.229 1.00 0.00 ? 6  DA A OP1   4 
ATOM 1070 O OP2   . DA A 1 6 ? -4.219  3.409   -9.729  1.00 0.00 ? 6  DA A OP2   4 
ATOM 1071 O "O5'" . DA A 1 6 ? -2.063  2.371   -8.976  1.00 0.00 ? 6  DA A "O5'" 4 
ATOM 1072 C "C5'" . DA A 1 6 ? -0.700  2.394   -8.598  1.00 0.00 ? 6  DA A "C5'" 4 
ATOM 1073 C "C4'" . DA A 1 6 ? -0.155  0.977   -8.396  1.00 0.00 ? 6  DA A "C4'" 4 
ATOM 1074 O "O4'" . DA A 1 6 ? -0.539  0.417   -7.150  1.00 0.00 ? 6  DA A "O4'" 4 
ATOM 1075 C "C3'" . DA A 1 6 ? -0.589  0.023   -9.515  1.00 0.00 ? 6  DA A "C3'" 4 
ATOM 1076 O "O3'" . DA A 1 6 ? 0.600   -0.545  -10.043 1.00 0.00 ? 6  DA A "O3'" 4 
ATOM 1077 C "C2'" . DA A 1 6 ? -1.489  -0.958  -8.763  1.00 0.00 ? 6  DA A "C2'" 4 
ATOM 1078 C "C1'" . DA A 1 6 ? -0.936  -0.927  -7.342  1.00 0.00 ? 6  DA A "C1'" 4 
ATOM 1079 N N9    . DA A 1 6 ? -1.804  -1.397  -6.239  1.00 0.00 ? 6  DA A N9    4 
ATOM 1080 C C8    . DA A 1 6 ? -3.082  -1.017  -5.937  1.00 0.00 ? 6  DA A C8    4 
ATOM 1081 N N7    . DA A 1 6 ? -3.591  -1.577  -4.876  1.00 0.00 ? 6  DA A N7    4 
ATOM 1082 C C5    . DA A 1 6 ? -2.531  -2.328  -4.387  1.00 0.00 ? 6  DA A C5    4 
ATOM 1083 C C6    . DA A 1 6 ? -2.369  -3.084  -3.215  1.00 0.00 ? 6  DA A C6    4 
ATOM 1084 N N6    . DA A 1 6 ? -3.353  -3.225  -2.331  1.00 0.00 ? 6  DA A N6    4 
ATOM 1085 N N1    . DA A 1 6 ? -1.167  -3.603  -2.931  1.00 0.00 ? 6  DA A N1    4 
ATOM 1086 C C2    . DA A 1 6 ? -0.173  -3.408  -3.790  1.00 0.00 ? 6  DA A C2    4 
ATOM 1087 N N3    . DA A 1 6 ? -0.201  -2.739  -4.939  1.00 0.00 ? 6  DA A N3    4 
ATOM 1088 C C4    . DA A 1 6 ? -1.424  -2.198  -5.181  1.00 0.00 ? 6  DA A C4    4 
ATOM 1089 P P     . DT A 1 7 ? 0.615   -1.721  -11.140 1.00 0.00 ? 7  DT A P     4 
ATOM 1090 O OP1   . DT A 1 7 ? 1.830   -1.569  -11.973 1.00 0.00 ? 7  DT A OP1   4 
ATOM 1091 O OP2   . DT A 1 7 ? -0.711  -1.805  -11.787 1.00 0.00 ? 7  DT A OP2   4 
ATOM 1092 O "O5'" . DT A 1 7 ? 0.811   -2.998  -10.186 1.00 0.00 ? 7  DT A "O5'" 4 
ATOM 1093 C "C5'" . DT A 1 7 ? 2.000   -3.136  -9.427  1.00 0.00 ? 7  DT A "C5'" 4 
ATOM 1094 C "C4'" . DT A 1 7 ? 1.942   -4.368  -8.524  1.00 0.00 ? 7  DT A "C4'" 4 
ATOM 1095 O "O4'" . DT A 1 7 ? 0.932   -4.211  -7.539  1.00 0.00 ? 7  DT A "O4'" 4 
ATOM 1096 C "C3'" . DT A 1 7 ? 1.665   -5.650  -9.320  1.00 0.00 ? 7  DT A "C3'" 4 
ATOM 1097 O "O3'" . DT A 1 7 ? 2.760   -6.517  -9.059  1.00 0.00 ? 7  DT A "O3'" 4 
ATOM 1098 C "C2'" . DT A 1 7 ? 0.354   -6.140  -8.707  1.00 0.00 ? 7  DT A "C2'" 4 
ATOM 1099 C "C1'" . DT A 1 7 ? 0.304   -5.460  -7.348  1.00 0.00 ? 7  DT A "C1'" 4 
ATOM 1100 N N1    . DT A 1 7 ? -1.044  -5.365  -6.734  1.00 0.00 ? 7  DT A N1    4 
ATOM 1101 C C2    . DT A 1 7 ? -1.267  -5.953  -5.492  1.00 0.00 ? 7  DT A C2    4 
ATOM 1102 O O2    . DT A 1 7 ? -0.417  -6.576  -4.863  1.00 0.00 ? 7  DT A O2    4 
ATOM 1103 N N3    . DT A 1 7 ? -2.527  -5.786  -4.959  1.00 0.00 ? 7  DT A N3    4 
ATOM 1104 C C4    . DT A 1 7 ? -3.592  -5.144  -5.542  1.00 0.00 ? 7  DT A C4    4 
ATOM 1105 O O4    . DT A 1 7 ? -4.660  -5.075  -4.936  1.00 0.00 ? 7  DT A O4    4 
ATOM 1106 C C5    . DT A 1 7 ? -3.273  -4.529  -6.818  1.00 0.00 ? 7  DT A C5    4 
ATOM 1107 C C7    . DT A 1 7 ? -4.314  -3.705  -7.540  1.00 0.00 ? 7  DT A C7    4 
ATOM 1108 C C6    . DT A 1 7 ? -2.029  -4.649  -7.349  1.00 0.00 ? 7  DT A C6    4 
ATOM 1109 P P     . DG A 1 8 ? 2.855   -8.034  -9.597  1.00 0.00 ? 8  DG A P     4 
ATOM 1110 O OP1   . DG A 1 8 ? 4.242   -8.286  -10.042 1.00 0.00 ? 8  DG A OP1   4 
ATOM 1111 O OP2   . DG A 1 8 ? 1.730   -8.290  -10.525 1.00 0.00 ? 8  DG A OP2   4 
ATOM 1112 O "O5'" . DG A 1 8 ? 2.600   -8.876  -8.252  1.00 0.00 ? 8  DG A "O5'" 4 
ATOM 1113 C "C5'" . DG A 1 8 ? 3.523   -8.847  -7.178  1.00 0.00 ? 8  DG A "C5'" 4 
ATOM 1114 C "C4'" . DG A 1 8 ? 3.017   -9.726  -6.028  1.00 0.00 ? 8  DG A "C4'" 4 
ATOM 1115 O "O4'" . DG A 1 8 ? 1.801   -9.166  -5.550  1.00 0.00 ? 8  DG A "O4'" 4 
ATOM 1116 C "C3'" . DG A 1 8 ? 2.708   -11.152 -6.512  1.00 0.00 ? 8  DG A "C3'" 4 
ATOM 1117 O "O3'" . DG A 1 8 ? 3.110   -12.106 -5.550  1.00 0.00 ? 8  DG A "O3'" 4 
ATOM 1118 C "C2'" . DG A 1 8 ? 1.192   -11.123 -6.609  1.00 0.00 ? 8  DG A "C2'" 4 
ATOM 1119 C "C1'" . DG A 1 8 ? 0.841   -10.197 -5.450  1.00 0.00 ? 8  DG A "C1'" 4 
ATOM 1120 N N9    . DG A 1 8 ? -0.525  -9.665  -5.585  1.00 0.00 ? 8  DG A N9    4 
ATOM 1121 C C8    . DG A 1 8 ? -1.041  -9.059  -6.687  1.00 0.00 ? 8  DG A C8    4 
ATOM 1122 N N7    . DG A 1 8 ? -2.274  -8.665  -6.574  1.00 0.00 ? 8  DG A N7    4 
ATOM 1123 C C5    . DG A 1 8 ? -2.607  -9.051  -5.278  1.00 0.00 ? 8  DG A C5    4 
ATOM 1124 C C6    . DG A 1 8 ? -3.830  -8.894  -4.566  1.00 0.00 ? 8  DG A C6    4 
ATOM 1125 O O6    . DG A 1 8 ? -4.844  -8.307  -4.933  1.00 0.00 ? 8  DG A O6    4 
ATOM 1126 N N1    . DG A 1 8 ? -3.813  -9.509  -3.323  1.00 0.00 ? 8  DG A N1    4 
ATOM 1127 C C2    . DG A 1 8 ? -2.720  -10.162 -2.800  1.00 0.00 ? 8  DG A C2    4 
ATOM 1128 N N2    . DG A 1 8 ? -2.843  -10.722 -1.601  1.00 0.00 ? 8  DG A N2    4 
ATOM 1129 N N3    . DG A 1 8 ? -1.548  -10.270 -3.438  1.00 0.00 ? 8  DG A N3    4 
ATOM 1130 C C4    . DG A 1 8 ? -1.554  -9.693  -4.673  1.00 0.00 ? 8  DG A C4    4 
ATOM 1131 O "O5'" . DC B 2 1 ? -11.517 -12.502 1.645   1.00 0.00 ? 9  DC B "O5'" 4 
ATOM 1132 C "C5'" . DC B 2 1 ? -10.760 -11.698 2.524   1.00 0.00 ? 9  DC B "C5'" 4 
ATOM 1133 C "C4'" . DC B 2 1 ? -9.267  -11.870 2.233   1.00 0.00 ? 9  DC B "C4'" 4 
ATOM 1134 O "O4'" . DC B 2 1 ? -8.988  -11.452 0.904   1.00 0.00 ? 9  DC B "O4'" 4 
ATOM 1135 C "C3'" . DC B 2 1 ? -8.404  -11.017 3.177   1.00 0.00 ? 9  DC B "C3'" 4 
ATOM 1136 O "O3'" . DC B 2 1 ? -7.356  -11.824 3.685   1.00 0.00 ? 9  DC B "O3'" 4 
ATOM 1137 C "C2'" . DC B 2 1 ? -7.890  -9.936  2.228   1.00 0.00 ? 9  DC B "C2'" 4 
ATOM 1138 C "C1'" . DC B 2 1 ? -7.783  -10.718 0.931   1.00 0.00 ? 9  DC B "C1'" 4 
ATOM 1139 N N1    . DC B 2 1 ? -7.650  -9.844  -0.262  1.00 0.00 ? 9  DC B N1    4 
ATOM 1140 C C2    . DC B 2 1 ? -6.440  -9.818  -0.953  1.00 0.00 ? 9  DC B C2    4 
ATOM 1141 O O2    . DC B 2 1 ? -5.468  -10.470 -0.584  1.00 0.00 ? 9  DC B O2    4 
ATOM 1142 N N3    . DC B 2 1 ? -6.336  -9.062  -2.084  1.00 0.00 ? 9  DC B N3    4 
ATOM 1143 C C4    . DC B 2 1 ? -7.377  -8.339  -2.506  1.00 0.00 ? 9  DC B C4    4 
ATOM 1144 N N4    . DC B 2 1 ? -7.231  -7.610  -3.606  1.00 0.00 ? 9  DC B N4    4 
ATOM 1145 C C5    . DC B 2 1 ? -8.627  -8.336  -1.815  1.00 0.00 ? 9  DC B C5    4 
ATOM 1146 C C6    . DC B 2 1 ? -8.714  -9.106  -0.706  1.00 0.00 ? 9  DC B C6    4 
ATOM 1147 P P     . DA B 2 2 ? -6.277  -11.266 4.744   1.00 0.00 ? 10 DA B P     4 
ATOM 1148 O OP1   . DA B 2 2 ? -6.002  -12.343 5.717   1.00 0.00 ? 10 DA B OP1   4 
ATOM 1149 O OP2   . DA B 2 2 ? -6.736  -9.946  5.226   1.00 0.00 ? 10 DA B OP2   4 
ATOM 1150 O "O5'" . DA B 2 2 ? -4.941  -11.034 3.874   1.00 0.00 ? 10 DA B "O5'" 4 
ATOM 1151 C "C5'" . DA B 2 2 ? -4.236  -12.123 3.303   1.00 0.00 ? 10 DA B "C5'" 4 
ATOM 1152 C "C4'" . DA B 2 2 ? -2.876  -11.655 2.766   1.00 0.00 ? 10 DA B "C4'" 4 
ATOM 1153 O "O4'" . DA B 2 2 ? -3.067  -10.821 1.637   1.00 0.00 ? 10 DA B "O4'" 4 
ATOM 1154 C "C3'" . DA B 2 2 ? -2.101  -10.876 3.838   1.00 0.00 ? 10 DA B "C3'" 4 
ATOM 1155 O "O3'" . DA B 2 2 ? -0.775  -11.376 3.826   1.00 0.00 ? 10 DA B "O3'" 4 
ATOM 1156 C "C2'" . DA B 2 2 ? -2.238  -9.446  3.331   1.00 0.00 ? 10 DA B "C2'" 4 
ATOM 1157 C "C1'" . DA B 2 2 ? -2.372  -9.606  1.824   1.00 0.00 ? 10 DA B "C1'" 4 
ATOM 1158 N N9    . DA B 2 2 ? -3.143  -8.550  1.145   1.00 0.00 ? 10 DA B N9    4 
ATOM 1159 C C8    . DA B 2 2 ? -4.425  -8.199  1.431   1.00 0.00 ? 10 DA B C8    4 
ATOM 1160 N N7    . DA B 2 2 ? -5.002  -7.428  0.550   1.00 0.00 ? 10 DA B N7    4 
ATOM 1161 C C5    . DA B 2 2 ? -4.001  -7.254  -0.400  1.00 0.00 ? 10 DA B C5    4 
ATOM 1162 C C6    . DA B 2 2 ? -3.947  -6.561  -1.622  1.00 0.00 ? 10 DA B C6    4 
ATOM 1163 N N6    . DA B 2 2 ? -4.984  -5.911  -2.144  1.00 0.00 ? 10 DA B N6    4 
ATOM 1164 N N1    . DA B 2 2 ? -2.792  -6.528  -2.295  1.00 0.00 ? 10 DA B N1    4 
ATOM 1165 C C2    . DA B 2 2 ? -1.734  -7.172  -1.818  1.00 0.00 ? 10 DA B C2    4 
ATOM 1166 N N3    . DA B 2 2 ? -1.665  -7.897  -0.708  1.00 0.00 ? 10 DA B N3    4 
ATOM 1167 C C4    . DA B 2 2 ? -2.849  -7.909  -0.038  1.00 0.00 ? 10 DA B C4    4 
ATOM 1168 P P     . DT B 2 3 ? 0.439   -10.709 4.646   1.00 0.00 ? 11 DT B P     4 
ATOM 1169 O OP1   . DT B 2 3 ? 1.353   -11.785 5.085   1.00 0.00 ? 11 DT B OP1   4 
ATOM 1170 O OP2   . DT B 2 3 ? -0.099  -9.750  5.635   1.00 0.00 ? 11 DT B OP2   4 
ATOM 1171 O "O5'" . DT B 2 3 ? 1.151   -9.888  3.469   1.00 0.00 ? 11 DT B "O5'" 4 
ATOM 1172 C "C5'" . DT B 2 3 ? 1.694   -10.575 2.357   1.00 0.00 ? 11 DT B "C5'" 4 
ATOM 1173 C "C4'" . DT B 2 3 ? 2.260   -9.581  1.346   1.00 0.00 ? 11 DT B "C4'" 4 
ATOM 1174 O "O4'" . DT B 2 3 ? 1.232   -8.720  0.888   1.00 0.00 ? 11 DT B "O4'" 4 
ATOM 1175 C "C3'" . DT B 2 3 ? 3.383   -8.739  1.963   1.00 0.00 ? 11 DT B "C3'" 4 
ATOM 1176 O "O3'" . DT B 2 3 ? 4.555   -8.967  1.203   1.00 0.00 ? 11 DT B "O3'" 4 
ATOM 1177 C "C2'" . DT B 2 3 ? 2.841   -7.314  1.844   1.00 0.00 ? 11 DT B "C2'" 4 
ATOM 1178 C "C1'" . DT B 2 3 ? 1.761   -7.417  0.768   1.00 0.00 ? 11 DT B "C1'" 4 
ATOM 1179 N N1    . DT B 2 3 ? 0.714   -6.377  0.723   1.00 0.00 ? 11 DT B N1    4 
ATOM 1180 C C2    . DT B 2 3 ? 0.550   -5.580  -0.412  1.00 0.00 ? 11 DT B C2    4 
ATOM 1181 O O2    . DT B 2 3 ? 1.333   -5.551  -1.354  1.00 0.00 ? 11 DT B O2    4 
ATOM 1182 N N3    . DT B 2 3 ? -0.577  -4.783  -0.443  1.00 0.00 ? 11 DT B N3    4 
ATOM 1183 C C4    . DT B 2 3 ? -1.574  -4.751  0.507   1.00 0.00 ? 11 DT B C4    4 
ATOM 1184 O O4    . DT B 2 3 ? -2.589  -4.088  0.310   1.00 0.00 ? 11 DT B O4    4 
ATOM 1185 C C5    . DT B 2 3 ? -1.319  -5.595  1.659   1.00 0.00 ? 11 DT B C5    4 
ATOM 1186 C C7    . DT B 2 3 ? -2.294  -5.618  2.806   1.00 0.00 ? 11 DT B C7    4 
ATOM 1187 C C6    . DT B 2 3 ? -0.212  -6.373  1.709   1.00 0.00 ? 11 DT B C6    4 
ATOM 1188 P P     . DT B 2 4 ? 5.959   -8.246  1.522   1.00 0.00 ? 12 DT B P     4 
ATOM 1189 O OP1   . DT B 2 4 ? 7.050   -9.098  0.994   1.00 0.00 ? 12 DT B OP1   4 
ATOM 1190 O OP2   . DT B 2 4 ? 5.977   -7.828  2.940   1.00 0.00 ? 12 DT B OP2   4 
ATOM 1191 O "O5'" . DT B 2 4 ? 5.861   -6.936  0.601   1.00 0.00 ? 12 DT B "O5'" 4 
ATOM 1192 C "C5'" . DT B 2 4 ? 5.841   -7.060  -0.808  1.00 0.00 ? 12 DT B "C5'" 4 
ATOM 1193 C "C4'" . DT B 2 4 ? 5.604   -5.708  -1.480  1.00 0.00 ? 12 DT B "C4'" 4 
ATOM 1194 O "O4'" . DT B 2 4 ? 4.297   -5.228  -1.226  1.00 0.00 ? 12 DT B "O4'" 4 
ATOM 1195 C "C3'" . DT B 2 4 ? 6.599   -4.626  -1.038  1.00 0.00 ? 12 DT B "C3'" 4 
ATOM 1196 O "O3'" . DT B 2 4 ? 7.241   -4.157  -2.212  1.00 0.00 ? 12 DT B "O3'" 4 
ATOM 1197 C "C2'" . DT B 2 4 ? 5.699   -3.572  -0.391  1.00 0.00 ? 12 DT B "C2'" 4 
ATOM 1198 C "C1'" . DT B 2 4 ? 4.366   -3.824  -1.087  1.00 0.00 ? 12 DT B "C1'" 4 
ATOM 1199 N N1    . DT B 2 4 ? 3.167   -3.254  -0.447  1.00 0.00 ? 12 DT B N1    4 
ATOM 1200 C C2    . DT B 2 4 ? 2.316   -2.417  -1.167  1.00 0.00 ? 12 DT B C2    4 
ATOM 1201 O O2    . DT B 2 4 ? 2.548   -2.005  -2.299  1.00 0.00 ? 12 DT B O2    4 
ATOM 1202 N N3    . DT B 2 4 ? 1.153   -2.040  -0.531  1.00 0.00 ? 12 DT B N3    4 
ATOM 1203 C C4    . DT B 2 4 ? 0.776   -2.384  0.746   1.00 0.00 ? 12 DT B C4    4 
ATOM 1204 O O4    . DT B 2 4 ? -0.309  -2.011  1.189   1.00 0.00 ? 12 DT B O4    4 
ATOM 1205 C C5    . DT B 2 4 ? 1.722   -3.244  1.427   1.00 0.00 ? 12 DT B C5    4 
ATOM 1206 C C7    . DT B 2 4 ? 1.463   -3.731  2.823   1.00 0.00 ? 12 DT B C7    4 
ATOM 1207 C C6    . DT B 2 4 ? 2.850   -3.657  0.809   1.00 0.00 ? 12 DT B C6    4 
ATOM 1208 P P     . DA B 2 5 ? 8.358   -3.000  -2.198  1.00 0.00 ? 13 DA B P     4 
ATOM 1209 O OP1   . DA B 2 5 ? 9.363   -3.319  -3.234  1.00 0.00 ? 13 DA B OP1   4 
ATOM 1210 O OP2   . DA B 2 5 ? 8.792   -2.774  -0.803  1.00 0.00 ? 13 DA B OP2   4 
ATOM 1211 O "O5'" . DA B 2 5 ? 7.515   -1.718  -2.682  1.00 0.00 ? 13 DA B "O5'" 4 
ATOM 1212 C "C5'" . DA B 2 5 ? 7.016   -1.627  -4.005  1.00 0.00 ? 13 DA B "C5'" 4 
ATOM 1213 C "C4'" . DA B 2 5 ? 6.350   -0.265  -4.230  1.00 0.00 ? 13 DA B "C4'" 4 
ATOM 1214 O "O4'" . DA B 2 5 ? 5.166   -0.184  -3.470  1.00 0.00 ? 13 DA B "O4'" 4 
ATOM 1215 C "C3'" . DA B 2 5 ? 7.274   0.896   -3.842  1.00 0.00 ? 13 DA B "C3'" 4 
ATOM 1216 O "O3'" . DA B 2 5 ? 7.233   1.800   -4.936  1.00 0.00 ? 13 DA B "O3'" 4 
ATOM 1217 C "C2'" . DA B 2 5 ? 6.616   1.421   -2.567  1.00 0.00 ? 13 DA B "C2'" 4 
ATOM 1218 C "C1'" . DA B 2 5 ? 5.155   1.040   -2.775  1.00 0.00 ? 13 DA B "C1'" 4 
ATOM 1219 N N9    . DA B 2 5 ? 4.329   0.898   -1.572  1.00 0.00 ? 13 DA B N9    4 
ATOM 1220 C C8    . DA B 2 5 ? 4.585   0.056   -0.543  1.00 0.00 ? 13 DA B C8    4 
ATOM 1221 N N7    . DA B 2 5 ? 3.649   -0.019  0.365   1.00 0.00 ? 13 DA B N7    4 
ATOM 1222 C C5    . DA B 2 5 ? 2.665   0.819   -0.154  1.00 0.00 ? 13 DA B C5    4 
ATOM 1223 C C6    . DA B 2 5 ? 1.366   1.144   0.270   1.00 0.00 ? 13 DA B C6    4 
ATOM 1224 N N6    . DA B 2 5 ? 0.860   0.665   1.401   1.00 0.00 ? 13 DA B N6    4 
ATOM 1225 N N1    . DA B 2 5 ? 0.597   1.927   -0.502  1.00 0.00 ? 13 DA B N1    4 
ATOM 1226 C C2    . DA B 2 5 ? 1.104   2.386   -1.641  1.00 0.00 ? 13 DA B C2    4 
ATOM 1227 N N3    . DA B 2 5 ? 2.311   2.170   -2.150  1.00 0.00 ? 13 DA B N3    4 
ATOM 1228 C C4    . DA B 2 5 ? 3.051   1.357   -1.355  1.00 0.00 ? 13 DA B C4    4 
ATOM 1229 P P     . DT B 2 6 ? 7.979   3.222   -4.948  1.00 0.00 ? 14 DT B P     4 
ATOM 1230 O OP1   . DT B 2 6 ? 8.429   3.500   -6.330  1.00 0.00 ? 14 DT B OP1   4 
ATOM 1231 O OP2   . DT B 2 6 ? 8.957   3.261   -3.839  1.00 0.00 ? 14 DT B OP2   4 
ATOM 1232 O "O5'" . DT B 2 6 ? 6.758   4.207   -4.600  1.00 0.00 ? 14 DT B "O5'" 4 
ATOM 1233 C "C5'" . DT B 2 6 ? 5.715   4.429   -5.534  1.00 0.00 ? 14 DT B "C5'" 4 
ATOM 1234 C "C4'" . DT B 2 6 ? 4.702   5.439   -4.983  1.00 0.00 ? 14 DT B "C4'" 4 
ATOM 1235 O "O4'" . DT B 2 6 ? 4.019   4.854   -3.885  1.00 0.00 ? 14 DT B "O4'" 4 
ATOM 1236 C "C3'" . DT B 2 6 ? 5.429   6.704   -4.505  1.00 0.00 ? 14 DT B "C3'" 4 
ATOM 1237 O "O3'" . DT B 2 6 ? 4.802   7.817   -5.130  1.00 0.00 ? 14 DT B "O3'" 4 
ATOM 1238 C "C2'" . DT B 2 6 ? 5.174   6.674   -3.004  1.00 0.00 ? 14 DT B "C2'" 4 
ATOM 1239 C "C1'" . DT B 2 6 ? 3.923   5.807   -2.846  1.00 0.00 ? 14 DT B "C1'" 4 
ATOM 1240 N N1    . DT B 2 6 ? 3.698   5.167   -1.524  1.00 0.00 ? 14 DT B N1    4 
ATOM 1241 C C2    . DT B 2 6 ? 2.445   5.229   -0.908  1.00 0.00 ? 14 DT B C2    4 
ATOM 1242 O O2    . DT B 2 6 ? 1.483   5.829   -1.374  1.00 0.00 ? 14 DT B O2    4 
ATOM 1243 N N3    . DT B 2 6 ? 2.317   4.573   0.305   1.00 0.00 ? 14 DT B N3    4 
ATOM 1244 C C4    . DT B 2 6 ? 3.319   3.885   0.951   1.00 0.00 ? 14 DT B C4    4 
ATOM 1245 O O4    . DT B 2 6 ? 3.086   3.323   2.017   1.00 0.00 ? 14 DT B O4    4 
ATOM 1246 C C5    . DT B 2 6 ? 4.582   3.850   0.242   1.00 0.00 ? 14 DT B C5    4 
ATOM 1247 C C7    . DT B 2 6 ? 5.770   3.155   0.866   1.00 0.00 ? 14 DT B C7    4 
ATOM 1248 C C6    . DT B 2 6 ? 4.714   4.464   -0.957  1.00 0.00 ? 14 DT B C6    4 
ATOM 1249 P P     . DA B 2 7 ? 5.172   9.357   -4.793  1.00 0.00 ? 15 DA B P     4 
ATOM 1250 O OP1   . DA B 2 7 ? 4.940   10.161  -6.013  1.00 0.00 ? 15 DA B OP1   4 
ATOM 1251 O OP2   . DA B 2 7 ? 6.497   9.394   -4.136  1.00 0.00 ? 15 DA B OP2   4 
ATOM 1252 O "O5'" . DA B 2 7 ? 4.053   9.754   -3.704  1.00 0.00 ? 15 DA B "O5'" 4 
ATOM 1253 C "C5'" . DA B 2 7 ? 2.699   9.867   -4.094  1.00 0.00 ? 15 DA B "C5'" 4 
ATOM 1254 C "C4'" . DA B 2 7 ? 1.757   10.043  -2.899  1.00 0.00 ? 15 DA B "C4'" 4 
ATOM 1255 O "O4'" . DA B 2 7 ? 1.798   8.926   -2.031  1.00 0.00 ? 15 DA B "O4'" 4 
ATOM 1256 C "C3'" . DA B 2 7 ? 1.951   11.332  -2.082  1.00 0.00 ? 15 DA B "C3'" 4 
ATOM 1257 O "O3'" . DA B 2 7 ? 0.682   11.964  -1.964  1.00 0.00 ? 15 DA B "O3'" 4 
ATOM 1258 C "C2'" . DA B 2 7 ? 2.418   10.768  -0.750  1.00 0.00 ? 15 DA B "C2'" 4 
ATOM 1259 C "C1'" . DA B 2 7 ? 1.738   9.405   -0.709  1.00 0.00 ? 15 DA B "C1'" 4 
ATOM 1260 N N9    . DA B 2 7 ? 2.365   8.494   0.246   1.00 0.00 ? 15 DA B N9    4 
ATOM 1261 C C8    . DA B 2 7 ? 3.667   8.135   0.260   1.00 0.00 ? 15 DA B C8    4 
ATOM 1262 N N7    . DA B 2 7 ? 4.024   7.373   1.257   1.00 0.00 ? 15 DA B N7    4 
ATOM 1263 C C5    . DA B 2 7 ? 2.824   7.197   1.941   1.00 0.00 ? 15 DA B C5    4 
ATOM 1264 C C6    . DA B 2 7 ? 2.470   6.472   3.091   1.00 0.00 ? 15 DA B C6    4 
ATOM 1265 N N6    . DA B 2 7 ? 3.359   5.780   3.799   1.00 0.00 ? 15 DA B N6    4 
ATOM 1266 N N1    . DA B 2 7 ? 1.184   6.457   3.475   1.00 0.00 ? 15 DA B N1    4 
ATOM 1267 C C2    . DA B 2 7 ? 0.294   7.144   2.767   1.00 0.00 ? 15 DA B C2    4 
ATOM 1268 N N3    . DA B 2 7 ? 0.495   7.878   1.686   1.00 0.00 ? 15 DA B N3    4 
ATOM 1269 C C4    . DA B 2 7 ? 1.798   7.855   1.316   1.00 0.00 ? 15 DA B C4    4 
ATOM 1270 P P     . DC B 2 8 ? 0.421   13.279  -1.067  1.00 0.00 ? 16 DC B P     4 
ATOM 1271 O OP1   . DC B 2 8 ? -0.522  14.155  -1.798  1.00 0.00 ? 16 DC B OP1   4 
ATOM 1272 O OP2   . DC B 2 8 ? 1.724   13.819  -0.621  1.00 0.00 ? 16 DC B OP2   4 
ATOM 1273 O "O5'" . DC B 2 8 ? -0.341  12.699  0.229   1.00 0.00 ? 16 DC B "O5'" 4 
ATOM 1274 C "C5'" . DC B 2 8 ? -1.625  12.111  0.111   1.00 0.00 ? 16 DC B "C5'" 4 
ATOM 1275 C "C4'" . DC B 2 8 ? -2.141  11.634  1.473   1.00 0.00 ? 16 DC B "C4'" 4 
ATOM 1276 O "O4'" . DC B 2 8 ? -1.211  10.703  2.000   1.00 0.00 ? 16 DC B "O4'" 4 
ATOM 1277 C "C3'" . DC B 2 8 ? -2.280  12.771  2.492   1.00 0.00 ? 16 DC B "C3'" 4 
ATOM 1278 O "O3'" . DC B 2 8 ? -3.497  12.653  3.200   1.00 0.00 ? 16 DC B "O3'" 4 
ATOM 1279 C "C2'" . DC B 2 8 ? -1.122  12.521  3.448   1.00 0.00 ? 16 DC B "C2'" 4 
ATOM 1280 C "C1'" . DC B 2 8 ? -0.991  11.000  3.364   1.00 0.00 ? 16 DC B "C1'" 4 
ATOM 1281 N N1    . DC B 2 8 ? 0.367   10.540  3.750   1.00 0.00 ? 16 DC B N1    4 
ATOM 1282 C C2    . DC B 2 8 ? 0.544   9.725   4.863   1.00 0.00 ? 16 DC B C2    4 
ATOM 1283 O O2    . DC B 2 8 ? -0.393  9.431   5.598   1.00 0.00 ? 16 DC B O2    4 
ATOM 1284 N N3    . DC B 2 8 ? 1.792   9.249   5.145   1.00 0.00 ? 16 DC B N3    4 
ATOM 1285 C C4    . DC B 2 8 ? 2.827   9.571   4.361   1.00 0.00 ? 16 DC B C4    4 
ATOM 1286 N N4    . DC B 2 8 ? 4.010   9.032   4.627   1.00 0.00 ? 16 DC B N4    4 
ATOM 1287 C C5    . DC B 2 8 ? 2.676   10.415  3.216   1.00 0.00 ? 16 DC B C5    4 
ATOM 1288 C C6    . DC B 2 8 ? 1.428   10.870  2.957   1.00 0.00 ? 16 DC B C6    4 
# 
